data_3PFD
#
_entry.id   3PFD
#
_cell.length_a   74.430
_cell.length_b   114.550
_cell.length_c   92.770
_cell.angle_alpha   90.00
_cell.angle_beta   92.13
_cell.angle_gamma   90.00
#
_symmetry.space_group_name_H-M   'P 1 21 1'
#
loop_
_entity.id
_entity.type
_entity.pdbx_description
1 polymer 'Acyl-CoA dehydrogenase'
2 non-polymer 'DIHYDROFLAVINE-ADENINE DINUCLEOTIDE'
3 non-polymer 'IODIDE ION'
4 water water
#
_entity_poly.entity_id   1
_entity_poly.type   'polypeptide(L)'
_entity_poly.pdbx_seq_one_letter_code
;GPGSMAAWSGNPSFELFQLPEEHIALREAIRALAEKEIAPYAAEVDEKARFPEEALAALNSSGFSAIHVPEEYGGQGADS
VATCIVIEEVARVDCSASLIPAVNKLGTMGLILRGSEELKKQVLPAVASGEAMASYALSEREAGSDAASMRTRAVADGDD
WILNGSKCWITNGGKSTWYTVMAVTDPDKGANGISAFMVHKDDEGFTVGPKERKLGIKGSPTTELYFENCRIPGDRIIGE
PGTGFKTALATLDHTRPTIGAQAVGIAQGALDAAIAYTKERKQFGRPVSDNQGVQFMLADMAMKIEAARLMVYSAAARAE
RGEGDLGFISAASKCFASDVAMEVTTDAVQLFGGYGYTQDFPVERMMRDAKITQIYEGTNQIQRVVMSRALLR
;
_entity_poly.pdbx_strand_id   A,B,C,D
#
# COMPACT_ATOMS: atom_id res chain seq x y z
N GLU A 22 -30.10 7.12 20.62
CA GLU A 22 -29.87 6.30 21.86
C GLU A 22 -28.37 6.18 22.06
N HIS A 23 -27.71 5.62 21.02
CA HIS A 23 -26.26 5.65 20.91
C HIS A 23 -25.78 7.03 20.49
N ILE A 24 -26.57 7.73 19.67
CA ILE A 24 -26.30 9.13 19.34
C ILE A 24 -26.17 9.97 20.64
N ALA A 25 -27.17 9.82 21.54
CA ALA A 25 -27.18 10.48 22.84
C ALA A 25 -25.94 10.11 23.65
N LEU A 26 -25.66 8.80 23.73
CA LEU A 26 -24.47 8.28 24.40
C LEU A 26 -23.19 8.89 23.85
N ARG A 27 -23.04 8.90 22.52
CA ARG A 27 -21.85 9.49 21.90
C ARG A 27 -21.70 10.97 22.27
N GLU A 28 -22.82 11.71 22.25
CA GLU A 28 -22.80 13.12 22.64
C GLU A 28 -22.31 13.33 24.08
N ALA A 29 -22.83 12.50 24.98
CA ALA A 29 -22.48 12.54 26.39
C ALA A 29 -21.00 12.21 26.60
N ILE A 30 -20.55 11.07 26.06
CA ILE A 30 -19.14 10.70 26.25
C ILE A 30 -18.17 11.71 25.59
N ARG A 31 -18.50 12.19 24.39
CA ARG A 31 -17.68 13.23 23.72
C ARG A 31 -17.56 14.50 24.56
N ALA A 32 -18.69 15.03 25.04
CA ALA A 32 -18.69 16.23 25.91
C ALA A 32 -17.83 16.01 27.15
N LEU A 33 -18.02 14.88 27.82
CA LEU A 33 -17.18 14.48 28.94
C LEU A 33 -15.70 14.48 28.55
N ALA A 34 -15.38 13.80 27.45
CA ALA A 34 -14.00 13.66 27.00
C ALA A 34 -13.39 15.01 26.67
N GLU A 35 -14.12 15.84 25.92
CA GLU A 35 -13.62 17.18 25.56
C GLU A 35 -13.34 18.03 26.82
N LYS A 36 -14.28 18.03 27.75
CA LYS A 36 -14.14 18.94 28.89
C LYS A 36 -13.17 18.45 29.97
N GLU A 37 -13.24 17.18 30.30
CA GLU A 37 -12.56 16.64 31.48
C GLU A 37 -11.31 15.78 31.21
N ILE A 38 -11.16 15.27 29.99
CA ILE A 38 -10.06 14.39 29.68
C ILE A 38 -9.00 15.06 28.80
N ALA A 39 -9.43 15.59 27.65
CA ALA A 39 -8.55 16.24 26.67
C ALA A 39 -7.55 17.27 27.23
N PRO A 40 -7.95 18.12 28.21
CA PRO A 40 -6.96 19.11 28.66
C PRO A 40 -5.69 18.50 29.33
N TYR A 41 -5.79 17.27 29.82
CA TYR A 41 -4.68 16.55 30.49
C TYR A 41 -3.88 15.55 29.65
N ALA A 42 -4.36 15.25 28.43
CA ALA A 42 -3.76 14.23 27.58
C ALA A 42 -2.25 14.44 27.27
N ALA A 43 -1.85 15.69 27.01
CA ALA A 43 -0.44 16.01 26.73
C ALA A 43 0.44 15.75 27.96
N GLU A 44 0.03 16.29 29.10
CA GLU A 44 0.69 16.07 30.36
C GLU A 44 0.74 14.58 30.76
N VAL A 45 -0.34 13.85 30.49
CA VAL A 45 -0.36 12.42 30.81
C VAL A 45 0.77 11.71 30.04
N ASP A 46 0.94 12.08 28.78
CA ASP A 46 1.99 11.53 27.96
C ASP A 46 3.36 12.09 28.36
N GLU A 47 3.47 13.42 28.51
CA GLU A 47 4.79 14.02 28.70
C GLU A 47 5.42 13.62 30.04
N LYS A 48 4.59 13.50 31.08
CA LYS A 48 5.10 13.14 32.39
C LYS A 48 5.00 11.64 32.62
N ALA A 49 4.54 10.92 31.60
CA ALA A 49 4.27 9.49 31.69
C ALA A 49 3.53 9.13 32.99
N ARG A 50 2.41 9.77 33.26
CA ARG A 50 1.72 9.53 34.53
C ARG A 50 0.28 9.11 34.32
N PHE A 51 -0.27 8.42 35.31
CA PHE A 51 -1.63 7.89 35.19
C PHE A 51 -2.67 9.01 34.91
N PRO A 52 -3.62 8.79 33.97
CA PRO A 52 -4.65 9.78 33.68
C PRO A 52 -5.71 9.85 34.82
N GLU A 53 -5.29 10.43 35.95
CA GLU A 53 -6.08 10.43 37.16
C GLU A 53 -7.35 11.29 37.00
N GLU A 54 -7.23 12.41 36.30
CA GLU A 54 -8.39 13.30 36.04
C GLU A 54 -9.46 12.57 35.23
N ALA A 55 -8.99 11.85 34.20
CA ALA A 55 -9.87 11.01 33.36
C ALA A 55 -10.50 9.90 34.22
N LEU A 56 -9.73 9.31 35.12
CA LEU A 56 -10.29 8.30 36.01
C LEU A 56 -11.40 8.87 36.84
N ALA A 57 -11.16 10.02 37.50
CA ALA A 57 -12.19 10.62 38.36
C ALA A 57 -13.48 10.95 37.58
N ALA A 58 -13.33 11.52 36.40
CA ALA A 58 -14.46 11.92 35.56
C ALA A 58 -15.26 10.72 35.06
N LEU A 59 -14.58 9.67 34.60
CA LEU A 59 -15.22 8.42 34.12
C LEU A 59 -15.92 7.68 35.24
N ASN A 60 -15.29 7.61 36.43
CA ASN A 60 -15.87 6.93 37.57
C ASN A 60 -17.16 7.65 38.03
N SER A 61 -17.11 8.98 38.10
CA SER A 61 -18.24 9.73 38.67
C SER A 61 -19.39 9.93 37.67
N SER A 62 -19.08 9.95 36.39
CA SER A 62 -20.12 9.97 35.38
C SER A 62 -20.70 8.56 35.14
N GLY A 63 -20.05 7.53 35.67
CA GLY A 63 -20.44 6.15 35.40
C GLY A 63 -20.04 5.63 34.03
N PHE A 64 -19.05 6.26 33.39
CA PHE A 64 -18.52 5.77 32.08
C PHE A 64 -17.31 4.81 32.18
N SER A 65 -16.93 4.43 33.39
CA SER A 65 -15.68 3.67 33.53
C SER A 65 -15.81 2.18 33.16
N ALA A 66 -17.00 1.62 33.33
CA ALA A 66 -17.18 0.19 33.04
C ALA A 66 -18.63 -0.17 32.69
N ILE A 67 -19.15 0.42 31.62
CA ILE A 67 -20.60 0.37 31.34
C ILE A 67 -21.06 -1.02 30.88
N HIS A 68 -20.11 -1.90 30.59
CA HIS A 68 -20.42 -3.27 30.18
C HIS A 68 -20.84 -4.16 31.34
N VAL A 69 -20.60 -3.74 32.58
CA VAL A 69 -20.91 -4.63 33.71
C VAL A 69 -22.43 -4.87 33.79
N PRO A 70 -22.89 -6.14 33.90
CA PRO A 70 -24.34 -6.34 33.94
C PRO A 70 -25.04 -5.56 35.08
N GLU A 71 -26.29 -5.20 34.83
CA GLU A 71 -27.13 -4.52 35.82
C GLU A 71 -27.28 -5.24 37.16
N GLU A 72 -27.24 -6.56 37.14
CA GLU A 72 -27.35 -7.37 38.36
C GLU A 72 -26.34 -6.94 39.43
N TYR A 73 -25.18 -6.44 39.00
CA TYR A 73 -24.12 -6.05 39.94
C TYR A 73 -24.05 -4.52 40.14
N GLY A 74 -25.14 -3.83 39.80
CA GLY A 74 -25.14 -2.37 39.84
C GLY A 74 -24.47 -1.70 38.64
N GLY A 75 -24.22 -2.47 37.58
CA GLY A 75 -23.62 -1.92 36.37
C GLY A 75 -24.65 -1.31 35.46
N GLN A 76 -24.19 -0.60 34.43
CA GLN A 76 -25.06 -0.03 33.38
C GLN A 76 -25.70 -1.06 32.45
N GLY A 77 -25.07 -2.23 32.32
CA GLY A 77 -25.59 -3.29 31.46
C GLY A 77 -25.70 -2.89 29.99
N ALA A 78 -24.73 -2.10 29.51
CA ALA A 78 -24.77 -1.52 28.16
C ALA A 78 -24.45 -2.56 27.11
N ASP A 79 -24.96 -2.37 25.91
CA ASP A 79 -24.67 -3.29 24.83
C ASP A 79 -23.21 -3.10 24.38
N SER A 80 -22.70 -4.08 23.65
CA SER A 80 -21.31 -4.12 23.23
C SER A 80 -20.92 -2.96 22.29
N VAL A 81 -21.86 -2.50 21.43
CA VAL A 81 -21.60 -1.33 20.57
C VAL A 81 -21.44 -0.06 21.42
N ALA A 82 -22.31 0.10 22.41
CA ALA A 82 -22.19 1.25 23.31
C ALA A 82 -20.85 1.27 24.02
N THR A 83 -20.38 0.11 24.48
CA THR A 83 -19.04 0.04 25.11
C THR A 83 -17.92 0.46 24.15
N CYS A 84 -17.97 -0.02 22.90
CA CYS A 84 -17.03 0.41 21.87
C CYS A 84 -17.04 1.93 21.64
N ILE A 85 -18.24 2.53 21.54
CA ILE A 85 -18.36 3.98 21.33
C ILE A 85 -17.72 4.76 22.51
N VAL A 86 -17.94 4.29 23.74
CA VAL A 86 -17.27 4.94 24.89
C VAL A 86 -15.72 4.88 24.76
N ILE A 87 -15.18 3.70 24.47
CA ILE A 87 -13.72 3.52 24.29
C ILE A 87 -13.18 4.38 23.13
N GLU A 88 -13.89 4.35 22.01
CA GLU A 88 -13.54 5.14 20.83
C GLU A 88 -13.46 6.64 21.14
N GLU A 89 -14.52 7.17 21.76
CA GLU A 89 -14.62 8.59 22.01
C GLU A 89 -13.60 9.06 23.06
N VAL A 90 -13.32 8.23 24.07
CA VAL A 90 -12.19 8.54 24.97
C VAL A 90 -10.82 8.47 24.23
N ALA A 91 -10.56 7.41 23.47
CA ALA A 91 -9.30 7.27 22.70
C ALA A 91 -9.08 8.42 21.72
N ARG A 92 -10.18 9.03 21.27
CA ARG A 92 -10.14 10.17 20.37
C ARG A 92 -9.40 11.37 20.98
N VAL A 93 -9.31 11.46 22.30
CA VAL A 93 -8.62 12.57 22.97
C VAL A 93 -7.50 12.08 23.87
N ASP A 94 -7.57 10.84 24.36
CA ASP A 94 -6.48 10.30 25.19
C ASP A 94 -6.46 8.74 25.18
N CYS A 95 -5.50 8.17 24.47
CA CYS A 95 -5.45 6.71 24.39
C CYS A 95 -5.16 6.04 25.74
N SER A 96 -4.25 6.59 26.53
CA SER A 96 -4.02 5.99 27.85
C SER A 96 -5.31 5.99 28.66
N ALA A 97 -6.08 7.06 28.56
CA ALA A 97 -7.31 7.18 29.35
C ALA A 97 -8.31 6.12 28.89
N SER A 98 -8.32 5.80 27.59
CA SER A 98 -9.27 4.86 27.05
C SER A 98 -9.01 3.45 27.53
N LEU A 99 -7.77 3.17 27.95
CA LEU A 99 -7.47 1.86 28.55
C LEU A 99 -8.18 1.62 29.88
N ILE A 100 -8.65 2.69 30.53
CA ILE A 100 -9.46 2.51 31.73
C ILE A 100 -10.72 1.67 31.39
N PRO A 101 -11.66 2.18 30.57
CA PRO A 101 -12.79 1.25 30.27
C PRO A 101 -12.41 0.03 29.46
N ALA A 102 -11.45 0.14 28.54
CA ALA A 102 -11.06 -1.05 27.71
C ALA A 102 -10.48 -2.21 28.54
N VAL A 103 -9.66 -1.88 29.54
CA VAL A 103 -9.05 -2.92 30.38
C VAL A 103 -9.92 -3.31 31.58
N ASN A 104 -10.76 -2.39 32.08
CA ASN A 104 -11.85 -2.81 32.93
C ASN A 104 -12.68 -3.88 32.25
N LYS A 105 -12.92 -3.75 30.94
CA LYS A 105 -13.57 -4.84 30.20
C LYS A 105 -12.69 -6.08 30.05
N LEU A 106 -11.47 -5.90 29.52
CA LEU A 106 -10.53 -7.01 29.36
C LEU A 106 -10.37 -7.81 30.67
N GLY A 107 -10.27 -7.11 31.80
CA GLY A 107 -10.02 -7.77 33.08
C GLY A 107 -11.22 -8.35 33.80
N THR A 108 -12.43 -8.15 33.28
CA THR A 108 -13.65 -8.77 33.86
C THR A 108 -14.43 -9.75 32.91
N MET A 109 -14.09 -9.79 31.62
CA MET A 109 -14.94 -10.53 30.67
C MET A 109 -14.97 -12.02 30.96
N GLY A 110 -13.80 -12.58 31.27
CA GLY A 110 -13.67 -13.99 31.58
C GLY A 110 -14.54 -14.36 32.77
N LEU A 111 -14.37 -13.58 33.83
CA LEU A 111 -15.22 -13.68 34.99
C LEU A 111 -16.70 -13.60 34.63
N ILE A 112 -17.08 -12.59 33.86
CA ILE A 112 -18.47 -12.40 33.48
C ILE A 112 -18.99 -13.61 32.70
N LEU A 113 -18.21 -14.09 31.75
CA LEU A 113 -18.62 -15.20 30.91
C LEU A 113 -18.72 -16.53 31.66
N ARG A 114 -17.80 -16.78 32.59
CA ARG A 114 -17.65 -18.13 33.16
C ARG A 114 -17.55 -18.18 34.68
N GLY A 115 -17.39 -17.06 35.34
CA GLY A 115 -17.21 -17.07 36.79
C GLY A 115 -18.48 -17.43 37.58
N SER A 116 -18.30 -17.97 38.77
CA SER A 116 -19.44 -18.31 39.64
C SER A 116 -20.11 -17.02 40.13
N GLU A 117 -21.38 -17.13 40.53
CA GLU A 117 -22.12 -15.98 41.07
C GLU A 117 -21.40 -15.46 42.28
N GLU A 118 -20.91 -16.38 43.10
CA GLU A 118 -20.28 -16.00 44.35
C GLU A 118 -19.02 -15.17 44.11
N LEU A 119 -18.24 -15.55 43.10
CA LEU A 119 -17.06 -14.80 42.72
C LEU A 119 -17.41 -13.43 42.09
N LYS A 120 -18.37 -13.44 41.17
CA LYS A 120 -18.82 -12.23 40.49
C LYS A 120 -19.31 -11.18 41.49
N LYS A 121 -20.02 -11.62 42.54
CA LYS A 121 -20.59 -10.71 43.55
C LYS A 121 -19.51 -9.94 44.30
N GLN A 122 -18.32 -10.55 44.40
CA GLN A 122 -17.17 -9.97 45.10
C GLN A 122 -16.40 -8.96 44.24
N VAL A 123 -16.43 -9.14 42.93
CA VAL A 123 -15.59 -8.31 42.06
C VAL A 123 -16.38 -7.22 41.34
N LEU A 124 -17.47 -7.61 40.71
CA LEU A 124 -18.17 -6.76 39.73
C LEU A 124 -18.85 -5.46 40.25
N PRO A 125 -19.55 -5.52 41.42
CA PRO A 125 -20.16 -4.29 41.92
C PRO A 125 -19.14 -3.17 42.12
N ALA A 126 -17.92 -3.49 42.57
CA ALA A 126 -16.88 -2.47 42.78
C ALA A 126 -16.37 -1.89 41.46
N VAL A 127 -16.25 -2.73 40.43
CA VAL A 127 -15.87 -2.27 39.08
C VAL A 127 -17.00 -1.43 38.48
N ALA A 128 -18.23 -1.86 38.68
CA ALA A 128 -19.41 -1.15 38.18
C ALA A 128 -19.56 0.23 38.82
N SER A 129 -19.20 0.35 40.09
CA SER A 129 -19.43 1.61 40.82
C SER A 129 -18.24 2.56 40.68
N GLY A 130 -17.16 2.08 40.06
CA GLY A 130 -15.94 2.87 39.85
C GLY A 130 -14.96 2.80 41.02
N GLU A 131 -15.28 1.96 42.00
CA GLU A 131 -14.41 1.81 43.17
C GLU A 131 -13.17 1.00 42.88
N ALA A 132 -13.23 0.10 41.89
CA ALA A 132 -12.09 -0.74 41.50
C ALA A 132 -11.84 -0.82 39.98
N MET A 133 -10.57 -0.82 39.59
CA MET A 133 -10.22 -1.13 38.21
C MET A 133 -9.77 -2.58 38.16
N ALA A 134 -9.89 -3.17 37.00
CA ALA A 134 -9.46 -4.53 36.82
C ALA A 134 -8.37 -4.61 35.73
N SER A 135 -7.48 -5.58 35.89
CA SER A 135 -6.43 -5.85 34.90
C SER A 135 -6.51 -7.31 34.44
N TYR A 136 -5.79 -7.62 33.37
CA TYR A 136 -5.80 -8.97 32.78
C TYR A 136 -4.35 -9.39 32.67
N ALA A 137 -4.01 -10.54 33.24
CA ALA A 137 -2.60 -10.95 33.36
C ALA A 137 -2.44 -12.32 32.74
N LEU A 138 -2.21 -12.30 31.43
CA LEU A 138 -1.94 -13.51 30.67
C LEU A 138 -0.41 -13.69 30.37
N SER A 139 0.19 -12.66 29.77
CA SER A 139 1.52 -12.77 29.19
C SER A 139 2.61 -12.89 30.18
N GLU A 140 3.72 -13.51 29.74
CA GLU A 140 4.97 -13.65 30.48
C GLU A 140 6.12 -13.39 29.50
N ARG A 141 7.34 -13.25 30.01
CA ARG A 141 8.45 -12.92 29.11
C ARG A 141 8.61 -13.93 27.98
N GLU A 142 8.41 -15.20 28.30
CA GLU A 142 8.58 -16.29 27.33
C GLU A 142 7.26 -16.80 26.74
N ALA A 143 6.14 -16.17 27.10
CA ALA A 143 4.84 -16.57 26.58
C ALA A 143 4.05 -15.31 26.21
N GLY A 144 4.23 -14.86 24.96
CA GLY A 144 3.50 -13.70 24.43
C GLY A 144 2.44 -14.16 23.46
N SER A 145 2.76 -14.18 22.16
CA SER A 145 1.84 -14.77 21.16
C SER A 145 1.51 -16.21 21.57
N ASP A 146 2.53 -16.93 22.01
CA ASP A 146 2.37 -18.32 22.47
C ASP A 146 2.01 -18.36 23.95
N ALA A 147 0.82 -17.88 24.26
CA ALA A 147 0.37 -17.78 25.66
C ALA A 147 0.25 -19.14 26.34
N ALA A 148 -0.03 -20.18 25.55
CA ALA A 148 -0.22 -21.53 26.05
C ALA A 148 1.02 -22.08 26.74
N SER A 149 2.20 -21.50 26.44
CA SER A 149 3.46 -21.95 27.05
C SER A 149 3.83 -21.21 28.37
N MET A 150 2.84 -20.53 29.00
CA MET A 150 3.08 -19.77 30.24
C MET A 150 3.65 -20.69 31.32
N ARG A 151 4.37 -20.12 32.28
CA ARG A 151 5.01 -20.91 33.32
C ARG A 151 4.49 -20.64 34.76
N THR A 152 3.82 -19.52 34.98
CA THR A 152 3.14 -19.27 36.27
C THR A 152 2.25 -20.45 36.66
N ARG A 153 2.39 -20.87 37.92
CA ARG A 153 1.83 -22.11 38.42
C ARG A 153 0.75 -21.86 39.50
N ALA A 154 -0.31 -22.65 39.50
CA ALA A 154 -1.21 -22.70 40.65
C ALA A 154 -1.33 -24.13 41.17
N VAL A 155 -1.18 -24.28 42.49
CA VAL A 155 -1.21 -25.60 43.16
C VAL A 155 -2.27 -25.57 44.25
N ALA A 156 -3.16 -26.56 44.24
CA ALA A 156 -4.17 -26.72 45.28
C ALA A 156 -3.48 -27.02 46.60
N ASP A 157 -3.90 -26.33 47.65
CA ASP A 157 -3.43 -26.65 48.99
C ASP A 157 -4.59 -26.53 49.95
N GLY A 158 -5.15 -27.67 50.34
CA GLY A 158 -6.34 -27.68 51.19
C GLY A 158 -7.52 -27.06 50.44
N ASP A 159 -8.11 -26.02 51.03
CA ASP A 159 -9.21 -25.27 50.42
C ASP A 159 -8.74 -24.10 49.52
N ASP A 160 -7.42 -23.95 49.37
CA ASP A 160 -6.84 -22.77 48.69
C ASP A 160 -6.09 -23.12 47.41
N TRP A 161 -5.67 -22.06 46.71
CA TRP A 161 -4.70 -22.16 45.62
C TRP A 161 -3.45 -21.36 45.97
N ILE A 162 -2.29 -21.94 45.68
CA ILE A 162 -1.01 -21.31 45.89
C ILE A 162 -0.46 -20.96 44.52
N LEU A 163 -0.24 -19.67 44.27
CA LEU A 163 0.28 -19.21 42.98
C LEU A 163 1.74 -18.83 43.06
N ASN A 164 2.51 -19.28 42.07
CA ASN A 164 3.94 -18.99 41.97
C ASN A 164 4.39 -18.71 40.53
N GLY A 165 5.10 -17.59 40.35
CA GLY A 165 5.65 -17.21 39.06
C GLY A 165 5.52 -15.71 38.84
N SER A 166 5.30 -15.33 37.59
CA SER A 166 5.32 -13.92 37.23
C SER A 166 4.65 -13.67 35.88
N LYS A 167 4.22 -12.43 35.70
CA LYS A 167 3.57 -11.95 34.47
C LYS A 167 4.26 -10.66 34.10
N CYS A 168 4.12 -10.25 32.83
CA CYS A 168 4.64 -8.98 32.39
C CYS A 168 3.70 -8.37 31.33
N TRP A 169 3.97 -7.12 30.94
CA TRP A 169 3.08 -6.33 30.06
C TRP A 169 1.69 -6.01 30.64
N ILE A 170 1.56 -5.92 31.96
CA ILE A 170 0.21 -5.83 32.51
C ILE A 170 -0.25 -4.37 32.59
N THR A 171 -1.17 -3.99 31.69
CA THR A 171 -1.83 -2.67 31.64
C THR A 171 -2.58 -2.39 32.93
N ASN A 172 -2.35 -1.19 33.49
CA ASN A 172 -2.93 -0.70 34.74
C ASN A 172 -2.44 -1.44 35.96
N GLY A 173 -1.37 -2.22 35.79
CA GLY A 173 -0.67 -2.80 36.92
C GLY A 173 -0.29 -1.73 37.95
N GLY A 174 -0.50 -2.05 39.22
CA GLY A 174 -0.33 -1.10 40.33
C GLY A 174 -1.50 -0.15 40.57
N LYS A 175 -2.39 -0.01 39.60
CA LYS A 175 -3.60 0.79 39.79
C LYS A 175 -4.84 -0.07 40.01
N SER A 176 -4.83 -1.27 39.43
CA SER A 176 -5.98 -2.16 39.57
C SER A 176 -6.09 -2.75 40.98
N THR A 177 -7.32 -3.11 41.32
CA THR A 177 -7.63 -3.82 42.55
C THR A 177 -7.75 -5.32 42.27
N TRP A 178 -8.36 -5.65 41.14
CA TRP A 178 -8.61 -7.04 40.77
C TRP A 178 -7.83 -7.41 39.52
N TYR A 179 -7.27 -8.63 39.51
CA TYR A 179 -6.46 -9.15 38.41
C TYR A 179 -6.98 -10.52 38.02
N THR A 180 -7.29 -10.70 36.74
CA THR A 180 -7.60 -12.01 36.19
C THR A 180 -6.28 -12.60 35.70
N VAL A 181 -5.84 -13.67 36.35
CA VAL A 181 -4.50 -14.25 36.17
C VAL A 181 -4.64 -15.68 35.66
N MET A 182 -3.95 -16.02 34.57
CA MET A 182 -3.94 -17.37 34.06
C MET A 182 -2.68 -18.08 34.58
N ALA A 183 -2.83 -19.35 34.94
CA ALA A 183 -1.77 -20.14 35.55
C ALA A 183 -1.97 -21.63 35.26
N VAL A 184 -0.84 -22.34 35.18
CA VAL A 184 -0.79 -23.77 34.90
C VAL A 184 -1.23 -24.56 36.14
N THR A 185 -2.30 -25.34 36.00
CA THR A 185 -2.72 -26.22 37.08
C THR A 185 -2.35 -27.69 36.83
N ASP A 186 -2.20 -28.05 35.56
CA ASP A 186 -1.65 -29.35 35.22
C ASP A 186 -0.70 -29.29 34.03
N PRO A 187 0.62 -29.32 34.31
CA PRO A 187 1.67 -29.21 33.27
C PRO A 187 1.60 -30.22 32.11
N ASP A 188 1.04 -31.41 32.36
CA ASP A 188 0.92 -32.45 31.32
C ASP A 188 -0.29 -32.30 30.38
N LYS A 189 -1.20 -31.36 30.66
CA LYS A 189 -2.39 -31.23 29.80
C LYS A 189 -2.29 -30.10 28.76
N GLY A 190 -1.11 -29.49 28.63
CA GLY A 190 -0.94 -28.35 27.72
C GLY A 190 -1.98 -27.25 27.93
N ALA A 191 -2.59 -26.78 26.85
CA ALA A 191 -3.57 -25.68 26.92
C ALA A 191 -4.78 -26.03 27.77
N ASN A 192 -5.02 -27.33 27.91
CA ASN A 192 -6.07 -27.85 28.78
C ASN A 192 -5.70 -28.07 30.24
N GLY A 193 -4.50 -27.63 30.63
CA GLY A 193 -4.05 -27.68 32.03
C GLY A 193 -3.83 -26.28 32.60
N ILE A 194 -4.53 -25.31 32.03
CA ILE A 194 -4.40 -23.91 32.44
C ILE A 194 -5.72 -23.49 33.10
N SER A 195 -5.62 -22.74 34.18
CA SER A 195 -6.78 -22.20 34.89
C SER A 195 -6.68 -20.68 35.00
N ALA A 196 -7.80 -20.02 35.32
CA ALA A 196 -7.86 -18.56 35.50
C ALA A 196 -8.39 -18.25 36.89
N PHE A 197 -7.83 -17.24 37.53
CA PHE A 197 -8.10 -16.95 38.95
C PHE A 197 -8.29 -15.46 39.14
N MET A 198 -9.10 -15.06 40.12
CA MET A 198 -9.15 -13.66 40.50
C MET A 198 -8.18 -13.39 41.64
N VAL A 199 -7.27 -12.46 41.41
CA VAL A 199 -6.28 -12.11 42.43
C VAL A 199 -6.55 -10.68 42.86
N HIS A 200 -6.51 -10.45 44.17
CA HIS A 200 -6.78 -9.13 44.75
C HIS A 200 -5.44 -8.44 45.09
N LYS A 201 -5.33 -7.16 44.77
CA LYS A 201 -4.10 -6.41 45.03
C LYS A 201 -3.57 -6.60 46.47
N ASP A 202 -4.45 -6.91 47.41
CA ASP A 202 -4.04 -7.01 48.82
C ASP A 202 -3.63 -8.43 49.22
N ASP A 203 -3.72 -9.38 48.27
CA ASP A 203 -3.34 -10.77 48.58
C ASP A 203 -1.85 -10.87 48.94
N GLU A 204 -1.56 -11.52 50.06
CA GLU A 204 -0.18 -11.73 50.50
C GLU A 204 0.61 -12.51 49.45
N GLY A 205 1.85 -12.09 49.18
CA GLY A 205 2.67 -12.76 48.18
C GLY A 205 2.43 -12.30 46.75
N PHE A 206 1.51 -11.33 46.56
CA PHE A 206 1.30 -10.69 45.25
C PHE A 206 1.96 -9.32 45.26
N THR A 207 2.94 -9.10 44.39
CA THR A 207 3.58 -7.79 44.30
C THR A 207 3.65 -7.26 42.85
N VAL A 208 3.65 -5.94 42.73
CA VAL A 208 3.67 -5.27 41.43
C VAL A 208 5.08 -4.81 41.11
N GLY A 209 5.55 -5.12 39.92
CA GLY A 209 6.87 -4.74 39.49
C GLY A 209 6.98 -3.37 38.87
N PRO A 210 8.14 -3.08 38.25
CA PRO A 210 8.46 -1.80 37.65
C PRO A 210 7.64 -1.56 36.38
N LYS A 211 7.45 -0.31 36.03
CA LYS A 211 6.69 0.10 34.82
C LYS A 211 7.61 0.12 33.61
N GLU A 212 7.11 -0.33 32.45
CA GLU A 212 7.84 -0.25 31.20
C GLU A 212 7.96 1.20 30.69
N ARG A 213 9.09 1.50 30.06
CA ARG A 213 9.25 2.78 29.35
C ARG A 213 8.83 2.60 27.90
N LYS A 214 7.85 3.38 27.43
CA LYS A 214 7.16 3.02 26.17
C LYS A 214 7.16 4.04 25.05
N LEU A 215 6.87 3.57 23.83
CA LEU A 215 6.79 4.43 22.66
C LEU A 215 5.61 5.36 22.84
N GLY A 216 4.49 4.81 23.29
CA GLY A 216 3.27 5.60 23.42
C GLY A 216 2.47 5.05 24.56
N ILE A 217 1.18 5.47 24.65
CA ILE A 217 0.37 5.19 25.85
C ILE A 217 1.18 5.26 27.15
N LYS A 218 1.98 6.32 27.24
CA LYS A 218 3.02 6.48 28.27
C LYS A 218 2.46 6.54 29.68
N GLY A 219 1.26 7.11 29.82
CA GLY A 219 0.64 7.28 31.14
C GLY A 219 -0.03 6.03 31.61
N SER A 220 -0.26 5.09 30.71
CA SER A 220 -0.83 3.81 31.11
C SER A 220 0.27 2.99 31.78
N PRO A 221 0.11 2.69 33.09
CA PRO A 221 1.20 1.88 33.66
C PRO A 221 1.20 0.46 33.10
N THR A 222 2.40 -0.05 32.79
CA THR A 222 2.55 -1.39 32.18
C THR A 222 3.64 -2.10 32.98
N THR A 223 3.23 -3.09 33.78
CA THR A 223 4.10 -3.63 34.81
C THR A 223 4.29 -5.13 34.78
N GLU A 224 5.41 -5.59 35.32
CA GLU A 224 5.54 -6.96 35.76
C GLU A 224 4.68 -7.18 37.01
N LEU A 225 4.30 -8.44 37.28
CA LEU A 225 3.67 -8.89 38.53
C LEU A 225 4.46 -10.09 39.06
N TYR A 226 4.50 -10.26 40.38
CA TYR A 226 5.16 -11.44 40.98
C TYR A 226 4.24 -12.16 41.93
N PHE A 227 4.25 -13.49 41.83
CA PHE A 227 3.51 -14.36 42.74
C PHE A 227 4.53 -15.24 43.49
N GLU A 228 4.62 -15.01 44.80
CA GLU A 228 5.54 -15.73 45.68
C GLU A 228 4.73 -16.39 46.79
N ASN A 229 4.53 -17.69 46.68
CA ASN A 229 3.58 -18.41 47.54
C ASN A 229 2.32 -17.61 47.86
N CYS A 230 1.72 -17.05 46.81
CA CYS A 230 0.49 -16.29 46.92
C CYS A 230 -0.72 -17.20 47.14
N ARG A 231 -1.26 -17.20 48.36
CA ARG A 231 -2.32 -18.11 48.77
C ARG A 231 -3.65 -17.40 48.65
N ILE A 232 -4.54 -17.93 47.82
CA ILE A 232 -5.87 -17.32 47.61
C ILE A 232 -6.99 -18.36 47.87
N PRO A 233 -8.20 -17.89 48.23
CA PRO A 233 -9.29 -18.83 48.51
C PRO A 233 -9.72 -19.67 47.30
N GLY A 234 -10.32 -20.83 47.60
CA GLY A 234 -10.78 -21.77 46.58
C GLY A 234 -11.82 -21.18 45.67
N ASP A 235 -12.56 -20.19 46.17
CA ASP A 235 -13.62 -19.55 45.37
C ASP A 235 -13.09 -18.56 44.31
N ARG A 236 -11.76 -18.43 44.19
CA ARG A 236 -11.16 -17.46 43.29
C ARG A 236 -10.99 -17.98 41.88
N ILE A 237 -11.08 -19.31 41.70
CA ILE A 237 -10.96 -19.92 40.38
C ILE A 237 -12.15 -19.51 39.51
N ILE A 238 -11.88 -19.28 38.22
CA ILE A 238 -12.91 -18.93 37.27
C ILE A 238 -13.25 -20.15 36.46
N GLY A 239 -14.49 -20.62 36.59
CA GLY A 239 -14.95 -21.88 35.99
C GLY A 239 -14.16 -23.06 36.50
N GLU A 240 -14.14 -24.14 35.72
CA GLU A 240 -13.50 -25.38 36.15
C GLU A 240 -11.99 -25.38 35.88
N PRO A 241 -11.22 -26.11 36.70
CA PRO A 241 -9.79 -26.26 36.44
C PRO A 241 -9.58 -26.76 35.03
N GLY A 242 -8.54 -26.29 34.37
CA GLY A 242 -8.26 -26.69 32.99
C GLY A 242 -8.99 -25.94 31.89
N THR A 243 -9.93 -25.04 32.25
CA THR A 243 -10.65 -24.25 31.24
C THR A 243 -10.11 -22.82 31.06
N GLY A 244 -9.02 -22.48 31.75
CA GLY A 244 -8.47 -21.12 31.72
C GLY A 244 -8.11 -20.59 30.34
N PHE A 245 -7.55 -21.45 29.51
CA PHE A 245 -7.16 -21.02 28.16
C PHE A 245 -8.38 -20.84 27.27
N LYS A 246 -9.38 -21.73 27.42
CA LYS A 246 -10.65 -21.56 26.73
C LYS A 246 -11.26 -20.21 27.12
N THR A 247 -11.13 -19.86 28.38
CA THR A 247 -11.68 -18.62 28.87
C THR A 247 -10.87 -17.40 28.40
N ALA A 248 -9.57 -17.56 28.19
CA ALA A 248 -8.75 -16.52 27.58
C ALA A 248 -9.15 -16.27 26.12
N LEU A 249 -9.38 -17.35 25.36
CA LEU A 249 -9.76 -17.20 23.94
C LEU A 249 -11.12 -16.55 23.81
N ALA A 250 -12.06 -16.95 24.67
CA ALA A 250 -13.40 -16.34 24.70
C ALA A 250 -13.35 -14.86 25.05
N THR A 251 -12.48 -14.50 26.00
CA THR A 251 -12.28 -13.11 26.38
C THR A 251 -11.96 -12.28 25.14
N LEU A 252 -10.94 -12.71 24.40
CA LEU A 252 -10.50 -12.00 23.18
C LEU A 252 -11.59 -11.88 22.13
N ASP A 253 -12.50 -12.86 22.08
CA ASP A 253 -13.64 -12.78 21.17
C ASP A 253 -14.57 -11.61 21.47
N HIS A 254 -14.75 -11.33 22.76
CA HIS A 254 -15.53 -10.21 23.26
C HIS A 254 -14.74 -8.96 23.65
N THR A 255 -13.45 -8.91 23.35
CA THR A 255 -12.67 -7.70 23.65
C THR A 255 -11.92 -7.11 22.43
N ARG A 256 -11.52 -7.96 21.48
CA ARG A 256 -10.71 -7.51 20.32
C ARG A 256 -11.38 -6.34 19.56
N PRO A 257 -12.71 -6.37 19.39
CA PRO A 257 -13.34 -5.22 18.70
C PRO A 257 -13.21 -3.93 19.48
N THR A 258 -12.97 -3.99 20.79
CA THR A 258 -12.83 -2.77 21.57
C THR A 258 -11.48 -2.10 21.35
N ILE A 259 -10.47 -2.88 20.94
CA ILE A 259 -9.18 -2.31 20.56
C ILE A 259 -9.28 -1.76 19.12
N GLY A 260 -10.08 -2.42 18.30
CA GLY A 260 -10.45 -1.80 17.04
C GLY A 260 -11.14 -0.46 17.28
N ALA A 261 -12.07 -0.41 18.25
CA ALA A 261 -12.77 0.84 18.58
C ALA A 261 -11.82 1.93 19.05
N GLN A 262 -10.82 1.55 19.84
CA GLN A 262 -9.81 2.48 20.36
C GLN A 262 -8.99 3.01 19.19
N ALA A 263 -8.65 2.13 18.26
CA ALA A 263 -7.85 2.55 17.11
C ALA A 263 -8.67 3.46 16.19
N VAL A 264 -9.94 3.13 16.00
CA VAL A 264 -10.87 4.08 15.31
C VAL A 264 -10.86 5.46 15.98
N GLY A 265 -10.94 5.51 17.31
CA GLY A 265 -10.94 6.78 18.07
C GLY A 265 -9.67 7.60 17.81
N ILE A 266 -8.54 6.95 17.99
CA ILE A 266 -7.28 7.63 17.74
C ILE A 266 -7.25 8.21 16.34
N ALA A 267 -7.59 7.38 15.35
CA ALA A 267 -7.59 7.80 13.97
C ALA A 267 -8.48 9.02 13.73
N GLN A 268 -9.72 8.97 14.23
CA GLN A 268 -10.65 10.09 14.17
C GLN A 268 -10.09 11.37 14.78
N GLY A 269 -9.50 11.28 15.98
CA GLY A 269 -8.94 12.48 16.60
C GLY A 269 -7.85 13.06 15.72
N ALA A 270 -7.04 12.16 15.13
CA ALA A 270 -5.93 12.57 14.23
C ALA A 270 -6.49 13.27 13.00
N LEU A 271 -7.53 12.68 12.43
CA LEU A 271 -8.21 13.29 11.28
C LEU A 271 -8.89 14.63 11.64
N ASP A 272 -9.52 14.69 12.82
CA ASP A 272 -10.18 15.94 13.22
C ASP A 272 -9.11 17.03 13.28
N ALA A 273 -8.00 16.71 13.94
CA ALA A 273 -6.85 17.62 14.06
C ALA A 273 -6.32 18.08 12.71
N ALA A 274 -6.19 17.15 11.75
CA ALA A 274 -5.57 17.49 10.49
C ALA A 274 -6.51 18.38 9.66
N ILE A 275 -7.80 18.07 9.67
CA ILE A 275 -8.79 18.90 9.00
C ILE A 275 -8.71 20.34 9.54
N ALA A 276 -8.78 20.51 10.87
CA ALA A 276 -8.77 21.85 11.48
C ALA A 276 -7.51 22.61 11.12
N TYR A 277 -6.36 21.93 11.23
CA TYR A 277 -5.06 22.58 11.01
C TYR A 277 -4.85 22.94 9.54
N THR A 278 -5.12 22.00 8.62
CA THR A 278 -4.87 22.28 7.21
C THR A 278 -5.82 23.34 6.63
N LYS A 279 -7.00 23.49 7.23
CA LYS A 279 -7.88 24.60 6.86
C LYS A 279 -7.33 25.97 7.31
N GLU A 280 -6.63 26.02 8.44
CA GLU A 280 -6.14 27.29 8.98
C GLU A 280 -4.73 27.64 8.48
N ARG A 281 -3.90 26.64 8.17
CA ARG A 281 -2.50 26.90 7.80
C ARG A 281 -2.37 27.28 6.31
N LYS A 282 -1.84 28.47 6.03
CA LYS A 282 -1.70 28.94 4.66
C LYS A 282 -0.24 28.94 4.24
N GLN A 283 -0.01 28.43 3.03
CA GLN A 283 1.25 28.53 2.31
C GLN A 283 0.90 28.79 0.84
N PHE A 284 1.74 29.60 0.18
CA PHE A 284 1.52 29.97 -1.24
C PHE A 284 0.22 30.77 -1.41
N GLY A 285 -0.20 31.42 -0.34
CA GLY A 285 -1.35 32.31 -0.37
C GLY A 285 -2.70 31.61 -0.23
N ARG A 286 -2.70 30.33 0.13
CA ARG A 286 -3.99 29.62 0.31
C ARG A 286 -3.85 28.51 1.36
N PRO A 287 -4.99 28.08 1.98
CA PRO A 287 -4.88 26.97 2.93
C PRO A 287 -4.15 25.77 2.30
N VAL A 288 -3.32 25.07 3.07
CA VAL A 288 -2.66 23.88 2.54
C VAL A 288 -3.66 22.79 2.13
N SER A 289 -4.86 22.85 2.72
CA SER A 289 -5.96 21.95 2.37
C SER A 289 -6.55 22.23 0.98
N ASP A 290 -6.26 23.40 0.40
CA ASP A 290 -6.62 23.70 -0.99
C ASP A 290 -5.81 22.90 -2.01
N ASN A 291 -4.83 22.12 -1.57
CA ASN A 291 -4.05 21.33 -2.54
C ASN A 291 -4.73 19.96 -2.75
N GLN A 292 -4.88 19.55 -3.99
CA GLN A 292 -5.67 18.33 -4.26
C GLN A 292 -5.00 17.06 -3.67
N GLY A 293 -3.66 17.01 -3.67
CA GLY A 293 -2.93 15.95 -2.99
C GLY A 293 -3.28 15.85 -1.50
N VAL A 294 -3.44 16.98 -0.84
CA VAL A 294 -3.83 17.00 0.58
C VAL A 294 -5.30 16.59 0.73
N GLN A 295 -6.17 17.12 -0.14
CA GLN A 295 -7.59 16.73 -0.16
C GLN A 295 -7.81 15.21 -0.31
N PHE A 296 -7.07 14.61 -1.24
CA PHE A 296 -7.15 13.17 -1.51
C PHE A 296 -6.68 12.33 -0.30
N MET A 297 -5.59 12.77 0.31
CA MET A 297 -5.10 12.12 1.53
C MET A 297 -6.13 12.17 2.65
N LEU A 298 -6.75 13.34 2.85
CA LEU A 298 -7.83 13.47 3.85
C LEU A 298 -9.03 12.54 3.51
N ALA A 299 -9.39 12.48 2.24
CA ALA A 299 -10.48 11.61 1.81
C ALA A 299 -10.12 10.17 2.14
N ASP A 300 -8.89 9.77 1.83
CA ASP A 300 -8.41 8.42 2.15
C ASP A 300 -8.49 8.06 3.63
N MET A 301 -8.04 8.97 4.50
CA MET A 301 -8.07 8.77 5.95
C MET A 301 -9.53 8.53 6.43
N ALA A 302 -10.42 9.47 6.10
CA ALA A 302 -11.84 9.40 6.45
C ALA A 302 -12.58 8.16 5.90
N MET A 303 -12.31 7.82 4.66
CA MET A 303 -12.91 6.61 4.07
C MET A 303 -12.51 5.32 4.85
N LYS A 304 -11.21 5.18 5.11
CA LYS A 304 -10.74 3.99 5.84
C LYS A 304 -11.23 4.00 7.26
N ILE A 305 -11.28 5.16 7.89
CA ILE A 305 -11.76 5.24 9.27
C ILE A 305 -13.22 4.75 9.35
N GLU A 306 -14.04 5.15 8.38
CA GLU A 306 -15.44 4.85 8.45
C GLU A 306 -15.64 3.38 8.18
N ALA A 307 -14.88 2.82 7.22
CA ALA A 307 -14.91 1.35 7.01
C ALA A 307 -14.54 0.59 8.29
N ALA A 308 -13.49 1.08 8.96
CA ALA A 308 -12.97 0.41 10.15
C ALA A 308 -13.99 0.45 11.30
N ARG A 309 -14.61 1.62 11.45
CA ARG A 309 -15.62 1.85 12.46
C ARG A 309 -16.81 0.90 12.33
N LEU A 310 -17.39 0.83 11.12
CA LEU A 310 -18.51 -0.08 10.84
C LEU A 310 -18.20 -1.55 11.10
N MET A 311 -17.01 -2.02 10.68
CA MET A 311 -16.61 -3.41 10.93
C MET A 311 -16.44 -3.70 12.45
N VAL A 312 -15.88 -2.73 13.20
CA VAL A 312 -15.82 -2.81 14.70
C VAL A 312 -17.22 -2.99 15.31
N TYR A 313 -18.18 -2.14 14.91
CA TYR A 313 -19.51 -2.21 15.53
C TYR A 313 -20.21 -3.52 15.15
N SER A 314 -19.99 -3.95 13.92
CA SER A 314 -20.52 -5.23 13.47
C SER A 314 -19.92 -6.40 14.23
N ALA A 315 -18.59 -6.44 14.40
CA ALA A 315 -17.95 -7.46 15.25
C ALA A 315 -18.55 -7.46 16.67
N ALA A 316 -18.68 -6.26 17.23
CA ALA A 316 -19.22 -6.10 18.58
C ALA A 316 -20.64 -6.66 18.72
N ALA A 317 -21.50 -6.28 17.77
CA ALA A 317 -22.91 -6.76 17.73
C ALA A 317 -23.00 -8.29 17.56
N ARG A 318 -22.13 -8.84 16.74
CA ARG A 318 -22.08 -10.28 16.54
C ARG A 318 -21.58 -11.02 17.80
N ALA A 319 -20.47 -10.56 18.39
CA ALA A 319 -19.90 -11.20 19.61
C ALA A 319 -20.95 -11.28 20.72
N GLU A 320 -21.72 -10.21 20.87
CA GLU A 320 -22.72 -10.07 21.90
C GLU A 320 -23.94 -10.96 21.69
N ARG A 321 -24.27 -11.20 20.42
CA ARG A 321 -25.35 -12.10 20.05
C ARG A 321 -24.91 -13.57 20.04
N GLY A 322 -23.60 -13.82 20.07
CA GLY A 322 -23.02 -15.18 20.01
C GLY A 322 -23.10 -15.85 18.64
N GLY A 327 -14.44 -16.11 15.37
CA GLY A 327 -13.09 -15.62 15.46
C GLY A 327 -12.76 -14.67 14.33
N PHE A 328 -13.29 -14.95 13.14
CA PHE A 328 -12.90 -14.18 11.98
C PHE A 328 -13.24 -12.68 12.12
N ILE A 329 -14.50 -12.37 12.44
CA ILE A 329 -14.94 -11.00 12.34
C ILE A 329 -14.25 -10.17 13.44
N SER A 330 -14.09 -10.75 14.64
CA SER A 330 -13.44 -10.01 15.70
CA SER A 330 -13.41 -10.11 15.75
C SER A 330 -11.96 -9.72 15.39
N ALA A 331 -11.26 -10.68 14.80
CA ALA A 331 -9.84 -10.52 14.46
C ALA A 331 -9.69 -9.51 13.33
N ALA A 332 -10.58 -9.60 12.34
CA ALA A 332 -10.61 -8.68 11.21
C ALA A 332 -10.87 -7.24 11.68
N SER A 333 -11.88 -7.04 12.54
CA SER A 333 -12.23 -5.68 13.02
C SER A 333 -11.00 -5.03 13.69
N LYS A 334 -10.29 -5.83 14.50
CA LYS A 334 -9.14 -5.32 15.25
C LYS A 334 -7.92 -5.08 14.36
N CYS A 335 -7.60 -6.05 13.50
CA CYS A 335 -6.45 -5.92 12.60
C CYS A 335 -6.65 -4.73 11.67
N PHE A 336 -7.84 -4.66 11.08
CA PHE A 336 -8.11 -3.60 10.10
C PHE A 336 -8.06 -2.21 10.72
N ALA A 337 -8.80 -1.98 11.80
CA ALA A 337 -8.84 -0.65 12.44
C ALA A 337 -7.47 -0.18 12.88
N SER A 338 -6.65 -1.12 13.38
CA SER A 338 -5.32 -0.72 13.87
C SER A 338 -4.36 -0.42 12.74
N ASP A 339 -4.43 -1.19 11.66
CA ASP A 339 -3.66 -0.88 10.45
C ASP A 339 -4.09 0.49 9.94
N VAL A 340 -5.40 0.73 9.92
CA VAL A 340 -5.90 2.05 9.52
C VAL A 340 -5.38 3.18 10.39
N ALA A 341 -5.41 3.02 11.71
CA ALA A 341 -4.98 4.10 12.59
C ALA A 341 -3.47 4.37 12.41
N MET A 342 -2.67 3.33 12.21
CA MET A 342 -1.24 3.55 11.99
C MET A 342 -1.01 4.42 10.75
N GLU A 343 -1.68 4.06 9.66
CA GLU A 343 -1.68 4.86 8.43
C GLU A 343 -2.19 6.31 8.59
N VAL A 344 -3.38 6.45 9.16
CA VAL A 344 -4.00 7.76 9.38
C VAL A 344 -3.15 8.69 10.27
N THR A 345 -2.61 8.17 11.38
CA THR A 345 -1.81 9.01 12.28
C THR A 345 -0.46 9.40 11.66
N THR A 346 0.16 8.49 10.93
CA THR A 346 1.38 8.83 10.17
C THR A 346 1.11 9.99 9.17
N ASP A 347 -0.04 9.92 8.47
CA ASP A 347 -0.49 10.99 7.59
C ASP A 347 -0.82 12.28 8.34
N ALA A 348 -1.42 12.16 9.53
CA ALA A 348 -1.82 13.39 10.24
C ALA A 348 -0.60 14.21 10.67
N VAL A 349 0.45 13.54 11.17
CA VAL A 349 1.73 14.20 11.45
C VAL A 349 2.25 14.90 10.19
N GLN A 350 2.29 14.16 9.07
CA GLN A 350 2.71 14.70 7.78
C GLN A 350 1.98 15.98 7.36
N LEU A 351 0.67 16.01 7.59
CA LEU A 351 -0.16 17.14 7.13
C LEU A 351 0.02 18.40 7.98
N PHE A 352 0.54 18.25 9.20
CA PHE A 352 0.89 19.43 10.03
C PHE A 352 2.27 20.01 9.66
N GLY A 353 3.00 19.32 8.79
CA GLY A 353 4.36 19.75 8.46
C GLY A 353 5.25 19.66 9.70
N GLY A 354 6.17 20.62 9.84
CA GLY A 354 7.10 20.65 10.98
C GLY A 354 6.42 20.61 12.33
N TYR A 355 5.33 21.36 12.46
CA TYR A 355 4.57 21.34 13.70
C TYR A 355 4.05 19.97 14.13
N GLY A 356 3.76 19.12 13.14
CA GLY A 356 3.31 17.76 13.40
C GLY A 356 4.36 16.98 14.16
N TYR A 357 5.64 17.37 13.97
CA TYR A 357 6.76 16.65 14.56
C TYR A 357 7.06 17.13 15.97
N THR A 358 6.23 18.04 16.50
CA THR A 358 6.48 18.60 17.81
C THR A 358 5.40 18.23 18.81
N GLN A 359 5.73 18.33 20.10
CA GLN A 359 4.79 18.06 21.19
C GLN A 359 3.77 19.19 21.44
N ASP A 360 3.94 20.31 20.75
CA ASP A 360 2.98 21.43 20.81
C ASP A 360 1.62 21.05 20.27
N PHE A 361 1.59 20.08 19.37
CA PHE A 361 0.35 19.52 18.84
C PHE A 361 0.25 18.03 19.19
N PRO A 362 -0.96 17.44 19.11
CA PRO A 362 -1.14 16.08 19.60
C PRO A 362 -0.95 14.94 18.60
N VAL A 363 -0.80 15.25 17.32
CA VAL A 363 -0.77 14.20 16.30
C VAL A 363 0.45 13.25 16.44
N GLU A 364 1.52 13.80 16.97
CA GLU A 364 2.77 13.09 17.23
C GLU A 364 2.50 12.00 18.34
N ARG A 365 1.83 12.41 19.42
CA ARG A 365 1.34 11.45 20.45
C ARG A 365 0.36 10.43 19.87
N MET A 366 -0.55 10.88 19.02
CA MET A 366 -1.53 9.97 18.40
C MET A 366 -0.84 8.88 17.56
N MET A 367 0.28 9.23 16.93
CA MET A 367 1.02 8.28 16.09
C MET A 367 1.71 7.23 16.95
N ARG A 368 2.36 7.69 18.01
CA ARG A 368 3.04 6.81 18.95
C ARG A 368 2.05 5.87 19.62
N ASP A 369 0.86 6.39 19.94
CA ASP A 369 -0.19 5.60 20.57
C ASP A 369 -0.76 4.59 19.58
N ALA A 370 -1.00 5.03 18.33
CA ALA A 370 -1.65 4.10 17.35
C ALA A 370 -0.85 2.81 17.16
N LYS A 371 0.47 2.91 17.20
CA LYS A 371 1.31 1.72 17.08
C LYS A 371 0.99 0.56 18.06
N ILE A 372 0.58 0.87 19.28
CA ILE A 372 0.30 -0.24 20.23
C ILE A 372 -0.89 -1.08 19.78
N THR A 373 -1.84 -0.45 19.07
CA THR A 373 -3.08 -1.14 18.69
C THR A 373 -2.81 -2.31 17.74
N GLN A 374 -1.67 -2.29 17.04
CA GLN A 374 -1.31 -3.36 16.10
C GLN A 374 -0.63 -4.54 16.82
N ILE A 375 -0.37 -4.36 18.12
CA ILE A 375 0.48 -5.31 18.87
C ILE A 375 -0.29 -6.02 19.98
N TYR A 376 -0.93 -5.25 20.89
CA TYR A 376 -1.62 -5.88 22.00
C TYR A 376 -3.00 -6.49 21.70
N GLU A 377 -3.49 -7.26 22.68
CA GLU A 377 -4.60 -8.20 22.52
C GLU A 377 -4.38 -9.04 21.23
N GLY A 378 -3.17 -9.54 21.01
CA GLY A 378 -2.82 -10.36 19.86
C GLY A 378 -2.28 -9.47 18.74
N THR A 379 -1.05 -9.75 18.30
CA THR A 379 -0.46 -8.94 17.25
C THR A 379 -1.26 -9.14 15.96
N ASN A 380 -1.15 -8.18 15.07
CA ASN A 380 -1.86 -8.27 13.82
C ASN A 380 -1.44 -9.47 12.97
N GLN A 381 -0.24 -10.01 13.21
CA GLN A 381 0.16 -11.31 12.62
C GLN A 381 -0.68 -12.48 13.13
N ILE A 382 -0.84 -12.57 14.45
CA ILE A 382 -1.74 -13.50 15.11
C ILE A 382 -3.17 -13.32 14.64
N GLN A 383 -3.61 -12.08 14.45
CA GLN A 383 -4.98 -11.86 13.94
C GLN A 383 -5.13 -12.52 12.55
N ARG A 384 -4.09 -12.40 11.73
CA ARG A 384 -4.10 -13.04 10.38
C ARG A 384 -4.02 -14.57 10.48
N VAL A 385 -3.36 -15.08 11.53
CA VAL A 385 -3.42 -16.55 11.76
C VAL A 385 -4.88 -16.95 12.04
N VAL A 386 -5.52 -16.21 12.94
CA VAL A 386 -6.90 -16.47 13.37
C VAL A 386 -7.86 -16.41 12.16
N MET A 387 -7.73 -15.35 11.38
CA MET A 387 -8.57 -15.16 10.18
C MET A 387 -8.39 -16.28 9.16
N SER A 388 -7.13 -16.60 8.81
CA SER A 388 -6.90 -17.56 7.76
C SER A 388 -7.35 -18.98 8.15
N ARG A 389 -7.15 -19.34 9.41
CA ARG A 389 -7.66 -20.60 9.97
C ARG A 389 -9.17 -20.76 9.80
N ALA A 390 -9.92 -19.68 10.05
CA ALA A 390 -11.37 -19.64 9.82
C ALA A 390 -11.74 -19.75 8.33
N LEU A 391 -11.03 -19.03 7.46
CA LEU A 391 -11.30 -19.09 6.03
C LEU A 391 -11.01 -20.48 5.44
N LEU A 392 -9.99 -21.11 5.96
CA LEU A 392 -9.48 -22.32 5.38
C LEU A 392 -10.00 -23.56 6.11
N ARG A 393 -10.85 -23.38 7.12
CA ARG A 393 -11.36 -24.46 7.93
C ARG A 393 -12.07 -25.46 7.01
N GLU B 22 36.80 1.52 -3.54
CA GLU B 22 37.32 2.46 -2.48
C GLU B 22 36.20 2.94 -1.56
N HIS B 23 34.95 2.75 -2.00
CA HIS B 23 33.78 2.99 -1.16
C HIS B 23 33.53 1.83 -0.21
N ILE B 24 33.94 0.63 -0.64
CA ILE B 24 33.94 -0.57 0.21
C ILE B 24 34.73 -0.29 1.48
N ALA B 25 35.93 0.25 1.29
CA ALA B 25 36.86 0.52 2.38
C ALA B 25 36.35 1.67 3.25
N LEU B 26 35.83 2.70 2.59
CA LEU B 26 35.18 3.82 3.26
C LEU B 26 34.03 3.32 4.15
N ARG B 27 33.16 2.49 3.62
CA ARG B 27 32.03 1.94 4.40
C ARG B 27 32.50 1.18 5.63
N GLU B 28 33.49 0.29 5.46
CA GLU B 28 34.03 -0.46 6.58
C GLU B 28 34.58 0.47 7.69
N ALA B 29 35.26 1.53 7.27
CA ALA B 29 35.81 2.51 8.19
C ALA B 29 34.73 3.24 9.00
N ILE B 30 33.73 3.80 8.31
CA ILE B 30 32.70 4.52 9.02
C ILE B 30 31.79 3.62 9.86
N ARG B 31 31.50 2.40 9.37
CA ARG B 31 30.71 1.45 10.14
C ARG B 31 31.43 1.06 11.44
N ALA B 32 32.73 0.74 11.33
CA ALA B 32 33.52 0.42 12.53
C ALA B 32 33.49 1.59 13.53
N LEU B 33 33.68 2.80 13.02
CA LEU B 33 33.68 3.98 13.88
C LEU B 33 32.30 4.14 14.52
N ALA B 34 31.26 4.00 13.72
CA ALA B 34 29.89 4.20 14.20
C ALA B 34 29.50 3.21 15.29
N GLU B 35 29.85 1.94 15.07
CA GLU B 35 29.39 0.92 16.01
C GLU B 35 30.13 1.05 17.32
N LYS B 36 31.40 1.47 17.25
CA LYS B 36 32.25 1.51 18.44
C LYS B 36 32.06 2.81 19.24
N GLU B 37 31.98 3.95 18.54
CA GLU B 37 31.98 5.29 19.18
C GLU B 37 30.64 6.04 19.20
N ILE B 38 29.68 5.58 18.41
CA ILE B 38 28.41 6.31 18.23
C ILE B 38 27.22 5.56 18.78
N ALA B 39 27.02 4.32 18.31
CA ALA B 39 25.91 3.43 18.69
C ALA B 39 25.66 3.26 20.19
N PRO B 40 26.74 3.19 21.01
CA PRO B 40 26.45 2.92 22.42
C PRO B 40 25.71 4.08 23.13
N TYR B 41 25.74 5.28 22.55
CA TYR B 41 25.17 6.48 23.20
C TYR B 41 23.84 6.94 22.59
N ALA B 42 23.43 6.28 21.50
CA ALA B 42 22.26 6.70 20.74
C ALA B 42 20.94 6.69 21.55
N ALA B 43 20.79 5.70 22.44
CA ALA B 43 19.62 5.61 23.30
C ALA B 43 19.56 6.79 24.33
N GLU B 44 20.71 7.13 24.93
CA GLU B 44 20.82 8.30 25.84
C GLU B 44 20.57 9.63 25.16
N VAL B 45 21.15 9.78 23.99
CA VAL B 45 21.02 10.99 23.16
C VAL B 45 19.53 11.28 22.95
N ASP B 46 18.76 10.25 22.65
CA ASP B 46 17.31 10.35 22.49
C ASP B 46 16.55 10.53 23.82
N GLU B 47 16.75 9.59 24.75
CA GLU B 47 15.98 9.57 25.99
C GLU B 47 16.12 10.88 26.73
N LYS B 48 17.32 11.45 26.71
CA LYS B 48 17.61 12.62 27.51
C LYS B 48 17.56 13.90 26.67
N ALA B 49 17.24 13.76 25.38
CA ALA B 49 17.17 14.89 24.45
C ALA B 49 18.42 15.76 24.60
N ARG B 50 19.60 15.15 24.44
CA ARG B 50 20.85 15.91 24.58
C ARG B 50 21.75 15.69 23.39
N PHE B 51 22.58 16.67 23.10
CA PHE B 51 23.44 16.63 21.91
C PHE B 51 24.37 15.41 21.86
N PRO B 52 24.51 14.77 20.66
CA PRO B 52 25.38 13.60 20.60
C PRO B 52 26.90 13.97 20.62
N GLU B 53 27.41 14.38 21.80
CA GLU B 53 28.80 14.87 21.94
C GLU B 53 29.82 13.82 21.64
N GLU B 54 29.57 12.58 22.08
CA GLU B 54 30.48 11.47 21.80
C GLU B 54 30.64 11.30 20.30
N ALA B 55 29.51 11.33 19.59
CA ALA B 55 29.53 11.19 18.13
C ALA B 55 30.31 12.35 17.51
N LEU B 56 30.04 13.58 17.94
CA LEU B 56 30.78 14.74 17.41
C LEU B 56 32.31 14.54 17.54
N ALA B 57 32.77 14.17 18.73
CA ALA B 57 34.21 14.00 18.99
C ALA B 57 34.81 12.94 18.08
N ALA B 58 34.09 11.84 17.88
CA ALA B 58 34.59 10.73 17.09
C ALA B 58 34.62 11.12 15.61
N LEU B 59 33.56 11.82 15.15
CA LEU B 59 33.49 12.26 13.75
C LEU B 59 34.57 13.32 13.50
N ASN B 60 34.74 14.25 14.44
CA ASN B 60 35.75 15.30 14.28
C ASN B 60 37.19 14.76 14.22
N SER B 61 37.53 13.84 15.13
CA SER B 61 38.93 13.39 15.23
C SER B 61 39.29 12.38 14.11
N SER B 62 38.31 11.67 13.59
CA SER B 62 38.53 10.76 12.48
C SER B 62 38.45 11.47 11.11
N GLY B 63 37.97 12.71 11.09
CA GLY B 63 37.83 13.50 9.86
C GLY B 63 36.60 13.14 9.02
N PHE B 64 35.56 12.61 9.67
CA PHE B 64 34.37 12.14 9.01
C PHE B 64 33.20 13.10 9.19
N SER B 65 33.49 14.24 9.80
CA SER B 65 32.43 15.18 10.10
C SER B 65 31.99 16.05 8.90
N ALA B 66 32.83 16.18 7.88
CA ALA B 66 32.47 16.98 6.71
C ALA B 66 33.29 16.65 5.46
N ILE B 67 33.24 15.38 5.06
CA ILE B 67 34.13 14.89 4.00
C ILE B 67 33.90 15.53 2.63
N HIS B 68 32.73 16.16 2.47
CA HIS B 68 32.37 16.86 1.23
C HIS B 68 33.18 18.14 0.95
N VAL B 69 33.72 18.76 2.00
CA VAL B 69 34.50 20.00 1.84
C VAL B 69 35.70 19.82 0.89
N PRO B 70 35.87 20.72 -0.12
CA PRO B 70 36.98 20.51 -1.06
C PRO B 70 38.36 20.51 -0.37
N GLU B 71 39.28 19.73 -0.94
CA GLU B 71 40.69 19.68 -0.50
C GLU B 71 41.36 21.05 -0.35
N GLU B 72 41.02 22.00 -1.23
CA GLU B 72 41.57 23.36 -1.17
C GLU B 72 41.45 23.99 0.23
N TYR B 73 40.41 23.62 0.97
CA TYR B 73 40.19 24.21 2.29
C TYR B 73 40.57 23.22 3.38
N GLY B 74 41.44 22.28 3.01
CA GLY B 74 41.86 21.24 3.95
C GLY B 74 40.85 20.11 4.14
N GLY B 75 39.79 20.08 3.33
CA GLY B 75 38.79 19.01 3.40
C GLY B 75 39.22 17.73 2.71
N GLN B 76 38.47 16.67 2.95
CA GLN B 76 38.67 15.37 2.24
C GLN B 76 38.41 15.43 0.75
N GLY B 77 37.56 16.37 0.32
CA GLY B 77 37.11 16.43 -1.06
C GLY B 77 36.52 15.11 -1.54
N ALA B 78 35.75 14.45 -0.67
CA ALA B 78 35.08 13.21 -1.04
C ALA B 78 34.03 13.44 -2.10
N ASP B 79 33.84 12.45 -2.96
CA ASP B 79 32.77 12.52 -3.94
C ASP B 79 31.42 12.41 -3.17
N SER B 80 30.33 12.68 -3.90
CA SER B 80 28.98 12.82 -3.37
C SER B 80 28.39 11.48 -2.86
N VAL B 81 28.79 10.37 -3.48
CA VAL B 81 28.33 9.05 -3.08
C VAL B 81 28.96 8.67 -1.72
N ALA B 82 30.25 8.95 -1.58
CA ALA B 82 30.97 8.71 -0.32
C ALA B 82 30.34 9.50 0.82
N THR B 83 30.01 10.77 0.57
CA THR B 83 29.34 11.62 1.54
C THR B 83 27.97 11.00 1.97
N CYS B 84 27.22 10.45 1.01
CA CYS B 84 25.95 9.75 1.30
C CYS B 84 26.19 8.51 2.16
N ILE B 85 27.25 7.75 1.85
CA ILE B 85 27.61 6.54 2.59
C ILE B 85 27.96 6.86 4.04
N VAL B 86 28.66 7.97 4.28
CA VAL B 86 28.97 8.35 5.66
C VAL B 86 27.68 8.64 6.43
N ILE B 87 26.82 9.47 5.83
CA ILE B 87 25.58 9.89 6.50
C ILE B 87 24.69 8.68 6.81
N GLU B 88 24.60 7.77 5.83
CA GLU B 88 23.79 6.57 5.91
C GLU B 88 24.27 5.63 7.01
N GLU B 89 25.57 5.41 7.08
CA GLU B 89 26.15 4.54 8.10
C GLU B 89 26.06 5.11 9.51
N VAL B 90 26.20 6.43 9.64
CA VAL B 90 25.97 7.06 10.94
C VAL B 90 24.47 6.97 11.35
N ALA B 91 23.56 7.31 10.42
CA ALA B 91 22.10 7.26 10.64
C ALA B 91 21.63 5.87 11.01
N ARG B 92 22.37 4.87 10.52
CA ARG B 92 22.07 3.47 10.81
C ARG B 92 22.17 3.16 12.31
N VAL B 93 22.94 3.95 13.07
CA VAL B 93 23.05 3.74 14.56
C VAL B 93 22.53 4.92 15.40
N ASP B 94 22.52 6.14 14.83
CA ASP B 94 22.02 7.34 15.51
C ASP B 94 21.67 8.44 14.49
N CYS B 95 20.36 8.67 14.30
CA CYS B 95 19.94 9.66 13.33
C CYS B 95 20.30 11.09 13.78
N SER B 96 20.19 11.40 15.08
CA SER B 96 20.60 12.75 15.53
C SER B 96 22.07 12.99 15.18
N ALA B 97 22.92 11.99 15.42
CA ALA B 97 24.36 12.12 15.09
C ALA B 97 24.61 12.31 13.60
N SER B 98 23.80 11.64 12.76
CA SER B 98 24.00 11.71 11.31
C SER B 98 23.72 13.12 10.85
N LEU B 99 22.97 13.88 11.64
CA LEU B 99 22.74 15.29 11.27
C LEU B 99 24.01 16.15 11.44
N ILE B 100 25.01 15.64 12.13
CA ILE B 100 26.28 16.34 12.11
C ILE B 100 26.87 16.44 10.68
N PRO B 101 27.15 15.28 10.01
CA PRO B 101 27.62 15.49 8.62
C PRO B 101 26.58 15.98 7.63
N ALA B 102 25.32 15.61 7.82
CA ALA B 102 24.27 16.01 6.86
C ALA B 102 24.02 17.52 6.86
N VAL B 103 24.00 18.15 8.04
CA VAL B 103 23.73 19.60 8.10
C VAL B 103 25.03 20.39 7.89
N ASN B 104 26.18 19.82 8.27
CA ASN B 104 27.42 20.38 7.82
C ASN B 104 27.42 20.58 6.31
N LYS B 105 26.89 19.63 5.55
CA LYS B 105 26.77 19.79 4.10
C LYS B 105 25.70 20.82 3.75
N LEU B 106 24.52 20.69 4.35
CA LEU B 106 23.40 21.61 4.09
C LEU B 106 23.77 23.07 4.35
N GLY B 107 24.51 23.30 5.44
CA GLY B 107 24.96 24.63 5.84
C GLY B 107 26.18 25.21 5.11
N THR B 108 26.81 24.44 4.22
CA THR B 108 27.99 24.92 3.51
C THR B 108 27.88 24.79 1.98
N MET B 109 26.85 24.10 1.49
CA MET B 109 26.74 23.81 0.05
C MET B 109 26.54 25.10 -0.80
N GLY B 110 25.72 26.03 -0.30
CA GLY B 110 25.47 27.31 -0.98
C GLY B 110 26.75 28.12 -1.10
N LEU B 111 27.45 28.25 0.01
CA LEU B 111 28.75 28.89 0.08
C LEU B 111 29.75 28.24 -0.91
N ILE B 112 29.87 26.92 -0.84
CA ILE B 112 30.74 26.20 -1.76
C ILE B 112 30.41 26.47 -3.24
N LEU B 113 29.12 26.46 -3.60
CA LEU B 113 28.72 26.51 -5.00
C LEU B 113 28.78 27.92 -5.58
N ARG B 114 28.66 28.94 -4.73
CA ARG B 114 28.42 30.28 -5.22
C ARG B 114 29.19 31.36 -4.42
N GLY B 115 29.80 30.99 -3.31
CA GLY B 115 30.48 31.95 -2.46
C GLY B 115 31.82 32.38 -3.02
N SER B 116 32.26 33.55 -2.58
CA SER B 116 33.57 34.07 -2.97
C SER B 116 34.68 33.31 -2.24
N GLU B 117 35.86 33.29 -2.85
CA GLU B 117 37.02 32.64 -2.24
C GLU B 117 37.37 33.22 -0.90
N GLU B 118 37.23 34.53 -0.78
CA GLU B 118 37.49 35.19 0.50
C GLU B 118 36.54 34.68 1.57
N LEU B 119 35.25 34.59 1.25
CA LEU B 119 34.28 34.11 2.23
C LEU B 119 34.51 32.63 2.55
N LYS B 120 34.73 31.83 1.50
CA LYS B 120 34.97 30.39 1.66
C LYS B 120 36.13 30.07 2.60
N LYS B 121 37.23 30.84 2.48
CA LYS B 121 38.41 30.66 3.33
C LYS B 121 38.15 30.94 4.82
N GLN B 122 37.23 31.87 5.13
CA GLN B 122 36.86 32.13 6.52
C GLN B 122 36.07 30.98 7.14
N VAL B 123 35.33 30.24 6.32
CA VAL B 123 34.36 29.28 6.85
C VAL B 123 34.80 27.83 6.71
N LEU B 124 35.11 27.43 5.48
CA LEU B 124 35.32 26.01 5.16
C LEU B 124 36.45 25.28 5.93
N PRO B 125 37.66 25.88 6.06
CA PRO B 125 38.72 25.16 6.80
C PRO B 125 38.29 24.71 8.20
N ALA B 126 37.56 25.56 8.93
CA ALA B 126 37.01 25.20 10.23
C ALA B 126 35.98 24.07 10.18
N VAL B 127 35.17 24.03 9.13
CA VAL B 127 34.18 22.98 8.97
C VAL B 127 34.95 21.69 8.58
N ALA B 128 35.88 21.82 7.65
CA ALA B 128 36.75 20.69 7.24
C ALA B 128 37.56 20.06 8.38
N SER B 129 38.05 20.90 9.29
CA SER B 129 38.95 20.43 10.34
C SER B 129 38.20 19.88 11.54
N GLY B 130 36.89 20.14 11.62
CA GLY B 130 36.06 19.74 12.78
C GLY B 130 35.96 20.81 13.86
N GLU B 131 36.51 21.99 13.60
CA GLU B 131 36.52 23.07 14.57
C GLU B 131 35.14 23.71 14.69
N ALA B 132 34.39 23.70 13.59
CA ALA B 132 33.09 24.35 13.53
C ALA B 132 32.03 23.50 12.82
N MET B 133 30.79 23.58 13.32
CA MET B 133 29.63 23.08 12.59
C MET B 133 28.91 24.24 11.88
N ALA B 134 28.19 23.91 10.82
CA ALA B 134 27.38 24.88 10.11
C ALA B 134 25.91 24.45 10.10
N SER B 135 25.03 25.45 10.17
CA SER B 135 23.59 25.29 10.09
C SER B 135 23.04 26.07 8.89
N TYR B 136 21.80 25.74 8.54
CA TYR B 136 21.16 26.29 7.36
C TYR B 136 19.85 26.94 7.79
N ALA B 137 19.70 28.24 7.54
CA ALA B 137 18.57 28.99 8.09
C ALA B 137 17.70 29.64 7.00
N LEU B 138 16.76 28.86 6.51
CA LEU B 138 15.83 29.27 5.47
C LEU B 138 14.44 29.53 6.04
N SER B 139 13.95 28.61 6.86
CA SER B 139 12.54 28.53 7.22
C SER B 139 12.12 29.52 8.30
N GLU B 140 10.86 29.92 8.25
CA GLU B 140 10.26 30.82 9.21
C GLU B 140 8.88 30.27 9.53
N ARG B 141 8.29 30.70 10.65
CA ARG B 141 6.97 30.20 11.05
C ARG B 141 5.96 30.26 9.91
N GLU B 142 5.99 31.34 9.15
CA GLU B 142 5.03 31.54 8.07
C GLU B 142 5.62 31.24 6.68
N ALA B 143 6.84 30.71 6.67
CA ALA B 143 7.50 30.32 5.43
C ALA B 143 8.25 29.00 5.56
N GLY B 144 7.52 27.88 5.41
CA GLY B 144 8.17 26.56 5.38
C GLY B 144 8.22 26.03 3.95
N SER B 145 7.17 25.34 3.50
CA SER B 145 7.12 24.89 2.09
C SER B 145 7.25 26.10 1.16
N ASP B 146 6.53 27.18 1.51
CA ASP B 146 6.57 28.44 0.74
C ASP B 146 7.71 29.34 1.24
N ALA B 147 8.93 28.90 0.92
CA ALA B 147 10.14 29.54 1.47
C ALA B 147 10.30 30.96 0.96
N ALA B 148 9.83 31.20 -0.25
CA ALA B 148 9.94 32.50 -0.88
C ALA B 148 9.11 33.57 -0.18
N SER B 149 8.21 33.20 0.74
CA SER B 149 7.41 34.21 1.45
C SER B 149 8.06 34.65 2.80
N MET B 150 9.34 34.32 2.97
CA MET B 150 10.12 34.70 4.15
C MET B 150 10.05 36.22 4.41
N ARG B 151 10.22 36.60 5.67
CA ARG B 151 10.07 37.99 6.08
C ARG B 151 11.35 38.60 6.67
N THR B 152 12.32 37.77 7.05
CA THR B 152 13.62 38.27 7.50
C THR B 152 14.24 39.11 6.39
N ARG B 153 14.81 40.24 6.75
CA ARG B 153 15.33 41.17 5.76
C ARG B 153 16.76 41.57 6.06
N ALA B 154 17.48 41.91 4.99
CA ALA B 154 18.83 42.44 5.08
C ALA B 154 18.87 43.78 4.38
N VAL B 155 19.30 44.82 5.09
CA VAL B 155 19.41 46.16 4.53
C VAL B 155 20.87 46.61 4.51
N ALA B 156 21.37 47.01 3.35
CA ALA B 156 22.73 47.52 3.24
C ALA B 156 22.89 48.78 4.07
N ASP B 157 24.05 48.91 4.70
CA ASP B 157 24.37 50.10 5.47
C ASP B 157 25.86 50.36 5.41
N GLY B 158 26.26 51.16 4.44
CA GLY B 158 27.66 51.46 4.20
C GLY B 158 28.34 50.23 3.65
N ASP B 159 29.34 49.73 4.36
CA ASP B 159 30.03 48.51 3.98
C ASP B 159 29.39 47.23 4.53
N ASP B 160 28.28 47.37 5.26
CA ASP B 160 27.70 46.27 6.05
C ASP B 160 26.32 45.85 5.58
N TRP B 161 25.88 44.70 6.09
CA TRP B 161 24.50 44.27 5.97
C TRP B 161 23.83 44.25 7.36
N ILE B 162 22.65 44.85 7.47
CA ILE B 162 21.92 44.85 8.73
C ILE B 162 20.77 43.83 8.62
N LEU B 163 20.86 42.75 9.40
CA LEU B 163 19.80 41.71 9.37
C LEU B 163 18.76 41.92 10.47
N ASN B 164 17.49 41.83 10.08
CA ASN B 164 16.39 41.89 11.04
C ASN B 164 15.35 40.82 10.75
N GLY B 165 15.00 40.05 11.78
CA GLY B 165 13.89 39.10 11.67
C GLY B 165 14.10 37.88 12.54
N SER B 166 13.65 36.74 12.04
CA SER B 166 13.78 35.48 12.76
C SER B 166 13.57 34.26 11.84
N LYS B 167 14.12 33.14 12.29
CA LYS B 167 14.05 31.85 11.61
C LYS B 167 13.68 30.81 12.65
N CYS B 168 13.16 29.68 12.20
CA CYS B 168 12.82 28.58 13.09
C CYS B 168 13.07 27.26 12.38
N TRP B 169 13.02 26.18 13.16
CA TRP B 169 13.38 24.84 12.71
C TRP B 169 14.85 24.66 12.42
N ILE B 170 15.73 25.46 13.04
CA ILE B 170 17.15 25.40 12.65
C ILE B 170 17.88 24.24 13.35
N THR B 171 18.17 23.19 12.60
CA THR B 171 18.94 22.05 13.11
C THR B 171 20.35 22.50 13.53
N ASN B 172 20.77 22.01 14.69
CA ASN B 172 22.07 22.30 15.33
C ASN B 172 22.21 23.78 15.74
N GLY B 173 21.07 24.47 15.80
CA GLY B 173 21.02 25.85 16.31
C GLY B 173 21.55 25.86 17.73
N GLY B 174 22.44 26.80 18.03
CA GLY B 174 23.02 26.85 19.37
C GLY B 174 24.27 25.98 19.48
N LYS B 175 24.51 25.13 18.48
CA LYS B 175 25.78 24.38 18.48
C LYS B 175 26.66 24.82 17.31
N SER B 176 26.05 25.28 16.23
CA SER B 176 26.83 25.70 15.08
C SER B 176 27.60 26.99 15.32
N THR B 177 28.69 27.12 14.58
CA THR B 177 29.50 28.33 14.57
C THR B 177 29.07 29.23 13.42
N TRP B 178 28.79 28.62 12.27
CA TRP B 178 28.38 29.36 11.04
C TRP B 178 26.95 29.00 10.59
N TYR B 179 26.22 30.01 10.16
CA TYR B 179 24.86 29.91 9.68
C TYR B 179 24.74 30.54 8.29
N THR B 180 24.26 29.76 7.32
CA THR B 180 23.85 30.27 6.03
C THR B 180 22.39 30.77 6.19
N VAL B 181 22.18 32.07 6.06
CA VAL B 181 20.88 32.70 6.39
C VAL B 181 20.30 33.41 5.14
N MET B 182 19.08 33.07 4.75
CA MET B 182 18.40 33.77 3.65
C MET B 182 17.59 34.92 4.17
N ALA B 183 17.67 36.05 3.47
CA ALA B 183 16.84 37.20 3.82
C ALA B 183 16.51 38.03 2.58
N VAL B 184 15.41 38.80 2.71
CA VAL B 184 14.90 39.65 1.65
C VAL B 184 15.76 40.91 1.62
N THR B 185 16.37 41.17 0.46
CA THR B 185 17.09 42.45 0.22
C THR B 185 16.26 43.38 -0.65
N ASP B 186 15.33 42.82 -1.44
CA ASP B 186 14.36 43.64 -2.16
C ASP B 186 12.96 43.02 -2.22
N PRO B 187 12.02 43.52 -1.38
CA PRO B 187 10.66 42.96 -1.22
C PRO B 187 9.83 42.99 -2.52
N ASP B 188 10.12 43.97 -3.38
CA ASP B 188 9.42 44.16 -4.66
C ASP B 188 9.85 43.20 -5.77
N LYS B 189 10.89 42.39 -5.53
CA LYS B 189 11.36 41.45 -6.54
C LYS B 189 11.01 40.00 -6.22
N GLY B 190 10.31 39.77 -5.12
CA GLY B 190 9.89 38.42 -4.72
C GLY B 190 11.06 37.46 -4.61
N ALA B 191 10.89 36.26 -5.18
CA ALA B 191 11.94 35.24 -5.23
C ALA B 191 13.30 35.78 -5.71
N ASN B 192 13.26 36.79 -6.58
CA ASN B 192 14.48 37.39 -7.15
C ASN B 192 15.04 38.52 -6.29
N GLY B 193 14.48 38.68 -5.10
CA GLY B 193 14.91 39.69 -4.15
C GLY B 193 15.39 39.12 -2.83
N ILE B 194 15.81 37.84 -2.85
CA ILE B 194 16.35 37.15 -1.65
C ILE B 194 17.84 37.02 -1.81
N SER B 195 18.58 37.23 -0.71
CA SER B 195 20.03 37.09 -0.70
C SER B 195 20.43 36.08 0.41
N ALA B 196 21.59 35.46 0.29
CA ALA B 196 22.06 34.52 1.32
C ALA B 196 23.33 35.07 1.96
N PHE B 197 23.46 34.92 3.28
CA PHE B 197 24.54 35.49 4.07
C PHE B 197 25.12 34.47 5.02
N MET B 198 26.42 34.58 5.31
CA MET B 198 27.02 33.77 6.34
C MET B 198 27.03 34.61 7.61
N VAL B 199 26.44 34.05 8.66
CA VAL B 199 26.33 34.69 9.97
C VAL B 199 27.10 33.82 10.98
N HIS B 200 27.99 34.46 11.73
CA HIS B 200 28.78 33.80 12.75
C HIS B 200 28.02 33.86 14.07
N LYS B 201 28.16 32.83 14.90
CA LYS B 201 27.41 32.74 16.14
C LYS B 201 27.63 33.92 17.10
N ASP B 202 28.79 34.54 17.03
CA ASP B 202 29.13 35.56 17.99
C ASP B 202 28.75 36.96 17.49
N ASP B 203 28.15 37.04 16.30
CA ASP B 203 27.74 38.33 15.72
C ASP B 203 26.71 39.01 16.60
N GLU B 204 26.97 40.28 16.89
CA GLU B 204 26.05 41.10 17.69
C GLU B 204 24.65 41.20 17.08
N GLY B 205 23.64 41.00 17.92
CA GLY B 205 22.24 41.02 17.47
C GLY B 205 21.70 39.67 17.03
N PHE B 206 22.57 38.67 16.97
CA PHE B 206 22.21 37.29 16.64
C PHE B 206 22.05 36.47 17.91
N THR B 207 20.85 35.96 18.15
CA THR B 207 20.64 35.10 19.31
C THR B 207 19.92 33.82 18.92
N VAL B 208 20.15 32.79 19.71
CA VAL B 208 19.57 31.50 19.50
C VAL B 208 18.38 31.34 20.44
N GLY B 209 17.25 30.94 19.88
CA GLY B 209 16.03 30.68 20.65
C GLY B 209 16.01 29.29 21.29
N PRO B 210 14.93 28.97 22.01
CA PRO B 210 14.79 27.69 22.71
C PRO B 210 14.59 26.50 21.75
N LYS B 211 14.89 25.31 22.25
CA LYS B 211 14.83 24.07 21.46
C LYS B 211 13.38 23.51 21.35
N GLU B 212 13.03 22.92 20.22
CA GLU B 212 11.73 22.27 20.07
C GLU B 212 11.70 20.95 20.86
N ARG B 213 10.53 20.56 21.34
CA ARG B 213 10.31 19.21 21.87
C ARG B 213 9.72 18.38 20.72
N LYS B 214 10.34 17.23 20.44
CA LYS B 214 10.10 16.57 19.17
C LYS B 214 9.70 15.11 19.32
N LEU B 215 9.08 14.59 18.26
CA LEU B 215 8.76 13.17 18.15
C LEU B 215 10.05 12.32 18.18
N GLY B 216 11.02 12.68 17.34
CA GLY B 216 12.27 11.93 17.18
C GLY B 216 13.40 12.90 16.94
N ILE B 217 14.53 12.40 16.44
CA ILE B 217 15.82 13.15 16.50
C ILE B 217 15.88 14.12 17.71
N LYS B 218 15.50 13.62 18.87
CA LYS B 218 15.34 14.43 20.09
C LYS B 218 16.60 15.19 20.53
N GLY B 219 17.75 14.58 20.27
CA GLY B 219 19.04 15.09 20.73
C GLY B 219 19.60 16.15 19.80
N SER B 220 19.06 16.21 18.59
CA SER B 220 19.41 17.24 17.63
C SER B 220 18.73 18.54 18.04
N PRO B 221 19.51 19.59 18.39
CA PRO B 221 18.85 20.82 18.82
C PRO B 221 18.14 21.43 17.61
N THR B 222 16.91 21.91 17.80
CA THR B 222 16.14 22.52 16.71
C THR B 222 15.58 23.81 17.29
N THR B 223 16.09 24.95 16.80
CA THR B 223 15.85 26.21 17.50
C THR B 223 15.35 27.32 16.58
N GLU B 224 14.72 28.31 17.19
CA GLU B 224 14.44 29.56 16.54
C GLU B 224 15.76 30.32 16.55
N LEU B 225 15.87 31.35 15.70
CA LEU B 225 16.98 32.30 15.71
C LEU B 225 16.38 33.69 15.56
N TYR B 226 17.02 34.69 16.17
CA TYR B 226 16.55 36.08 16.08
C TYR B 226 17.66 37.00 15.62
N PHE B 227 17.30 37.95 14.77
CA PHE B 227 18.20 38.98 14.29
C PHE B 227 17.54 40.31 14.63
N GLU B 228 18.14 41.00 15.59
CA GLU B 228 17.76 42.37 15.98
C GLU B 228 18.93 43.32 15.65
N ASN B 229 18.78 44.11 14.58
CA ASN B 229 19.88 44.90 14.00
C ASN B 229 21.22 44.14 14.00
N CYS B 230 21.24 42.99 13.33
CA CYS B 230 22.43 42.18 13.26
C CYS B 230 23.38 42.69 12.17
N ARG B 231 24.42 43.43 12.57
CA ARG B 231 25.36 44.02 11.61
C ARG B 231 26.47 43.05 11.20
N ILE B 232 26.56 42.73 9.92
CA ILE B 232 27.62 41.82 9.46
C ILE B 232 28.41 42.45 8.32
N PRO B 233 29.70 42.09 8.19
CA PRO B 233 30.51 42.65 7.12
C PRO B 233 29.97 42.37 5.71
N GLY B 234 30.27 43.27 4.78
CA GLY B 234 29.83 43.16 3.39
C GLY B 234 30.30 41.93 2.64
N ASP B 235 31.39 41.31 3.11
CA ASP B 235 31.91 40.10 2.47
C ASP B 235 31.16 38.81 2.89
N ARG B 236 30.10 38.93 3.69
CA ARG B 236 29.39 37.76 4.20
C ARG B 236 28.29 37.29 3.26
N ILE B 237 27.95 38.13 2.29
CA ILE B 237 26.92 37.79 1.31
C ILE B 237 27.46 36.70 0.38
N ILE B 238 26.60 35.71 0.06
CA ILE B 238 26.95 34.63 -0.86
C ILE B 238 26.42 35.01 -2.23
N GLY B 239 27.30 35.13 -3.22
CA GLY B 239 26.89 35.47 -4.60
C GLY B 239 26.39 36.90 -4.69
N GLU B 240 25.74 37.23 -5.82
CA GLU B 240 25.16 38.57 -6.01
C GLU B 240 23.85 38.76 -5.22
N PRO B 241 23.51 40.01 -4.85
CA PRO B 241 22.21 40.18 -4.20
C PRO B 241 21.07 39.73 -5.13
N GLY B 242 20.01 39.16 -4.57
CA GLY B 242 18.89 38.69 -5.37
C GLY B 242 19.03 37.27 -5.90
N THR B 243 20.19 36.66 -5.66
CA THR B 243 20.46 35.27 -6.07
C THR B 243 20.30 34.25 -4.93
N GLY B 244 19.81 34.69 -3.78
CA GLY B 244 19.70 33.82 -2.59
C GLY B 244 18.79 32.62 -2.75
N PHE B 245 17.64 32.83 -3.40
CA PHE B 245 16.71 31.75 -3.63
C PHE B 245 17.23 30.74 -4.63
N LYS B 246 17.85 31.26 -5.70
CA LYS B 246 18.52 30.44 -6.70
C LYS B 246 19.48 29.49 -6.00
N THR B 247 20.27 30.05 -5.08
CA THR B 247 21.23 29.30 -4.29
C THR B 247 20.56 28.28 -3.34
N ALA B 248 19.45 28.67 -2.72
CA ALA B 248 18.66 27.74 -1.89
C ALA B 248 18.24 26.51 -2.70
N LEU B 249 17.65 26.73 -3.87
CA LEU B 249 17.29 25.62 -4.77
C LEU B 249 18.49 24.77 -5.16
N ALA B 250 19.61 25.43 -5.45
CA ALA B 250 20.87 24.75 -5.80
C ALA B 250 21.37 23.94 -4.61
N THR B 251 21.30 24.51 -3.42
CA THR B 251 21.63 23.77 -2.22
C THR B 251 20.85 22.45 -2.20
N LEU B 252 19.52 22.55 -2.27
CA LEU B 252 18.64 21.35 -2.17
C LEU B 252 18.90 20.25 -3.21
N ASP B 253 19.22 20.65 -4.44
CA ASP B 253 19.59 19.68 -5.47
C ASP B 253 20.79 18.78 -5.11
N HIS B 254 21.82 19.39 -4.52
CA HIS B 254 23.00 18.69 -3.98
C HIS B 254 22.92 18.21 -2.51
N THR B 255 21.73 18.25 -1.90
CA THR B 255 21.58 17.79 -0.52
C THR B 255 20.42 16.81 -0.30
N ARG B 256 19.32 16.94 -1.05
CA ARG B 256 18.17 16.01 -0.86
C ARG B 256 18.57 14.52 -0.90
N PRO B 257 19.48 14.11 -1.78
CA PRO B 257 19.86 12.69 -1.70
C PRO B 257 20.53 12.26 -0.39
N THR B 258 21.15 13.21 0.34
CA THR B 258 21.79 12.88 1.63
C THR B 258 20.72 12.61 2.70
N ILE B 259 19.54 13.19 2.55
CA ILE B 259 18.42 12.85 3.45
C ILE B 259 17.82 11.53 3.04
N GLY B 260 17.80 11.27 1.72
CA GLY B 260 17.55 9.90 1.25
C GLY B 260 18.54 8.88 1.85
N ALA B 261 19.84 9.18 1.79
CA ALA B 261 20.89 8.32 2.42
C ALA B 261 20.67 8.13 3.93
N GLN B 262 20.28 9.20 4.61
CA GLN B 262 19.94 9.11 6.05
C GLN B 262 18.76 8.13 6.28
N ALA B 263 17.72 8.23 5.45
CA ALA B 263 16.54 7.39 5.59
C ALA B 263 16.92 5.95 5.30
N VAL B 264 17.71 5.77 4.25
CA VAL B 264 18.25 4.44 3.97
C VAL B 264 18.98 3.82 5.19
N GLY B 265 19.83 4.61 5.87
CA GLY B 265 20.56 4.13 7.07
C GLY B 265 19.62 3.76 8.20
N ILE B 266 18.68 4.63 8.49
CA ILE B 266 17.71 4.30 9.56
C ILE B 266 17.05 2.94 9.24
N ALA B 267 16.51 2.85 8.02
CA ALA B 267 15.83 1.66 7.55
C ALA B 267 16.73 0.42 7.74
N GLN B 268 17.98 0.54 7.30
CA GLN B 268 18.94 -0.53 7.40
C GLN B 268 19.18 -0.95 8.86
N GLY B 269 19.35 0.02 9.74
CA GLY B 269 19.56 -0.32 11.14
C GLY B 269 18.35 -1.06 11.70
N ALA B 270 17.16 -0.68 11.24
CA ALA B 270 15.92 -1.24 11.83
C ALA B 270 15.77 -2.67 11.32
N LEU B 271 16.15 -2.87 10.04
CA LEU B 271 16.11 -4.19 9.45
C LEU B 271 17.15 -5.11 10.11
N ASP B 272 18.37 -4.58 10.30
CA ASP B 272 19.41 -5.34 11.01
C ASP B 272 18.93 -5.78 12.38
N ALA B 273 18.29 -4.88 13.14
CA ALA B 273 17.79 -5.23 14.47
C ALA B 273 16.74 -6.32 14.39
N ALA B 274 15.82 -6.20 13.42
CA ALA B 274 14.70 -7.14 13.34
C ALA B 274 15.22 -8.54 12.96
N ILE B 275 16.21 -8.59 12.08
CA ILE B 275 16.76 -9.87 11.64
C ILE B 275 17.38 -10.55 12.86
N ALA B 276 18.22 -9.82 13.60
CA ALA B 276 18.89 -10.39 14.77
C ALA B 276 17.87 -10.84 15.81
N TYR B 277 16.85 -10.02 16.06
CA TYR B 277 15.92 -10.34 17.13
C TYR B 277 15.02 -11.54 16.78
N THR B 278 14.44 -11.53 15.58
CA THR B 278 13.49 -12.56 15.19
C THR B 278 14.10 -13.96 15.09
N LYS B 279 15.39 -14.02 14.69
CA LYS B 279 16.14 -15.26 14.74
C LYS B 279 16.31 -15.77 16.16
N GLU B 280 16.45 -14.89 17.14
CA GLU B 280 16.74 -15.35 18.48
C GLU B 280 15.47 -15.55 19.34
N ARG B 281 14.41 -14.83 19.04
CA ARG B 281 13.18 -14.86 19.84
C ARG B 281 12.33 -16.06 19.41
N LYS B 282 12.11 -16.97 20.34
CA LYS B 282 11.33 -18.17 20.08
C LYS B 282 9.93 -18.09 20.69
N GLN B 283 8.93 -18.44 19.87
CA GLN B 283 7.54 -18.69 20.30
C GLN B 283 7.03 -19.93 19.56
N PHE B 284 6.11 -20.69 20.16
CA PHE B 284 5.60 -21.92 19.53
C PHE B 284 6.72 -22.92 19.22
N GLY B 285 7.79 -22.84 20.01
CA GLY B 285 8.89 -23.78 19.95
C GLY B 285 9.85 -23.53 18.80
N ARG B 286 9.78 -22.34 18.20
CA ARG B 286 10.64 -22.02 17.07
C ARG B 286 10.88 -20.50 16.94
N PRO B 287 12.00 -20.10 16.28
CA PRO B 287 12.24 -18.66 16.09
C PRO B 287 11.05 -18.02 15.40
N VAL B 288 10.70 -16.80 15.77
CA VAL B 288 9.56 -16.14 15.11
C VAL B 288 9.88 -15.84 13.64
N SER B 289 11.17 -15.80 13.29
CA SER B 289 11.58 -15.66 11.91
C SER B 289 11.29 -16.92 11.09
N ASP B 290 11.00 -18.04 11.73
CA ASP B 290 10.56 -19.23 11.00
C ASP B 290 9.20 -19.13 10.33
N ASN B 291 8.42 -18.11 10.69
CA ASN B 291 7.05 -17.97 10.21
C ASN B 291 7.10 -17.23 8.87
N GLN B 292 6.45 -17.80 7.85
CA GLN B 292 6.59 -17.23 6.50
C GLN B 292 6.03 -15.81 6.39
N GLY B 293 5.02 -15.49 7.21
CA GLY B 293 4.53 -14.11 7.26
C GLY B 293 5.65 -13.12 7.64
N VAL B 294 6.45 -13.51 8.63
CA VAL B 294 7.62 -12.72 9.06
C VAL B 294 8.73 -12.70 8.00
N GLN B 295 9.06 -13.88 7.46
CA GLN B 295 10.05 -13.98 6.37
C GLN B 295 9.69 -13.02 5.22
N PHE B 296 8.42 -12.98 4.84
CA PHE B 296 8.00 -12.15 3.71
C PHE B 296 8.09 -10.68 4.04
N MET B 297 7.79 -10.33 5.30
CA MET B 297 7.89 -8.95 5.75
C MET B 297 9.35 -8.46 5.68
N LEU B 298 10.28 -9.27 6.19
CA LEU B 298 11.72 -9.04 6.12
C LEU B 298 12.22 -8.84 4.70
N ALA B 299 11.78 -9.72 3.80
CA ALA B 299 12.10 -9.63 2.38
C ALA B 299 11.63 -8.29 1.80
N ASP B 300 10.38 -7.93 2.09
CA ASP B 300 9.82 -6.67 1.58
C ASP B 300 10.66 -5.49 2.11
N MET B 301 11.04 -5.53 3.39
CA MET B 301 11.85 -4.45 3.97
C MET B 301 13.22 -4.32 3.24
N ALA B 302 13.92 -5.44 3.09
CA ALA B 302 15.25 -5.48 2.46
C ALA B 302 15.21 -5.07 0.96
N MET B 303 14.23 -5.60 0.23
CA MET B 303 14.02 -5.27 -1.19
C MET B 303 13.89 -3.75 -1.43
N LYS B 304 13.00 -3.13 -0.67
CA LYS B 304 12.75 -1.69 -0.80
C LYS B 304 13.94 -0.86 -0.32
N ILE B 305 14.62 -1.30 0.73
CA ILE B 305 15.83 -0.61 1.20
C ILE B 305 16.91 -0.61 0.10
N GLU B 306 17.16 -1.77 -0.49
CA GLU B 306 18.15 -1.83 -1.58
C GLU B 306 17.75 -0.94 -2.77
N ALA B 307 16.49 -0.97 -3.17
CA ALA B 307 16.01 -0.07 -4.26
C ALA B 307 16.25 1.40 -3.90
N ALA B 308 15.89 1.77 -2.68
CA ALA B 308 16.05 3.14 -2.22
C ALA B 308 17.53 3.55 -2.19
N ARG B 309 18.38 2.66 -1.69
CA ARG B 309 19.83 2.95 -1.61
C ARG B 309 20.44 3.25 -3.00
N LEU B 310 20.11 2.43 -3.99
CA LEU B 310 20.63 2.59 -5.37
C LEU B 310 20.16 3.88 -6.04
N MET B 311 18.90 4.24 -5.83
CA MET B 311 18.41 5.49 -6.36
C MET B 311 19.11 6.69 -5.65
N VAL B 312 19.29 6.60 -4.32
CA VAL B 312 20.11 7.61 -3.59
C VAL B 312 21.49 7.83 -4.24
N TYR B 313 22.24 6.74 -4.41
CA TYR B 313 23.59 6.84 -4.94
C TYR B 313 23.56 7.40 -6.37
N SER B 314 22.61 6.96 -7.18
CA SER B 314 22.48 7.45 -8.55
C SER B 314 22.19 8.97 -8.60
N ALA B 315 21.22 9.40 -7.82
CA ALA B 315 20.91 10.83 -7.63
C ALA B 315 22.16 11.63 -7.22
N ALA B 316 22.90 11.11 -6.25
CA ALA B 316 24.11 11.76 -5.75
C ALA B 316 25.18 11.84 -6.85
N ALA B 317 25.37 10.74 -7.59
CA ALA B 317 26.38 10.75 -8.67
C ALA B 317 25.96 11.69 -9.81
N ARG B 318 24.65 11.78 -10.06
CA ARG B 318 24.20 12.71 -11.10
C ARG B 318 24.35 14.16 -10.67
N ALA B 319 24.03 14.47 -9.41
CA ALA B 319 24.17 15.84 -8.88
C ALA B 319 25.61 16.36 -9.03
N GLU B 320 26.55 15.52 -8.60
CA GLU B 320 27.95 15.80 -8.70
C GLU B 320 28.39 16.14 -10.13
N ARG B 321 27.94 15.35 -11.08
CA ARG B 321 28.36 15.47 -12.48
C ARG B 321 27.62 16.60 -13.21
N GLY B 322 26.50 17.07 -12.64
CA GLY B 322 25.68 18.10 -13.28
C GLY B 322 24.38 17.56 -13.87
N GLY B 327 16.00 18.15 -11.09
CA GLY B 327 15.11 18.13 -9.95
C GLY B 327 14.47 16.77 -9.76
N PHE B 328 14.18 16.04 -10.86
CA PHE B 328 13.44 14.77 -10.72
C PHE B 328 14.12 13.72 -9.85
N ILE B 329 15.35 13.33 -10.20
CA ILE B 329 15.96 12.18 -9.57
C ILE B 329 16.25 12.52 -8.11
N SER B 330 16.60 13.77 -7.86
CA SER B 330 16.94 14.15 -6.50
CA SER B 330 16.91 14.26 -6.53
C SER B 330 15.70 14.12 -5.61
N ALA B 331 14.57 14.69 -6.07
CA ALA B 331 13.30 14.65 -5.33
C ALA B 331 12.81 13.20 -5.13
N ALA B 332 12.88 12.40 -6.22
CA ALA B 332 12.56 10.96 -6.17
C ALA B 332 13.36 10.13 -5.15
N SER B 333 14.67 10.34 -5.11
CA SER B 333 15.51 9.56 -4.24
C SER B 333 15.15 9.85 -2.77
N LYS B 334 14.85 11.10 -2.49
CA LYS B 334 14.57 11.58 -1.13
C LYS B 334 13.16 11.13 -0.68
N CYS B 335 12.18 11.35 -1.56
CA CYS B 335 10.78 10.94 -1.33
C CYS B 335 10.67 9.43 -1.10
N PHE B 336 11.27 8.65 -2.02
CA PHE B 336 11.17 7.19 -1.97
C PHE B 336 11.86 6.62 -0.73
N ALA B 337 13.12 6.99 -0.52
CA ALA B 337 13.88 6.43 0.62
C ALA B 337 13.20 6.73 1.98
N SER B 338 12.65 7.93 2.11
CA SER B 338 11.94 8.32 3.34
C SER B 338 10.62 7.60 3.52
N ASP B 339 9.84 7.47 2.44
CA ASP B 339 8.65 6.59 2.47
C ASP B 339 8.98 5.17 2.86
N VAL B 340 10.08 4.64 2.29
CA VAL B 340 10.55 3.30 2.61
C VAL B 340 10.95 3.21 4.10
N ALA B 341 11.74 4.18 4.59
CA ALA B 341 12.16 4.13 5.99
C ALA B 341 10.97 4.12 6.93
N MET B 342 9.93 4.89 6.61
CA MET B 342 8.74 4.94 7.47
C MET B 342 8.03 3.57 7.56
N GLU B 343 7.82 2.92 6.42
CA GLU B 343 7.26 1.57 6.38
C GLU B 343 8.16 0.54 7.08
N VAL B 344 9.46 0.58 6.81
CA VAL B 344 10.38 -0.42 7.35
C VAL B 344 10.45 -0.35 8.88
N THR B 345 10.54 0.87 9.42
CA THR B 345 10.65 1.05 10.88
C THR B 345 9.36 0.73 11.63
N THR B 346 8.23 1.09 11.04
CA THR B 346 6.94 0.65 11.58
C THR B 346 6.87 -0.90 11.62
N ASP B 347 7.35 -1.56 10.56
CA ASP B 347 7.42 -3.05 10.51
C ASP B 347 8.43 -3.60 11.53
N ALA B 348 9.56 -2.91 11.70
CA ALA B 348 10.58 -3.42 12.65
C ALA B 348 10.11 -3.40 14.11
N VAL B 349 9.39 -2.33 14.48
CA VAL B 349 8.76 -2.27 15.81
C VAL B 349 7.81 -3.47 15.94
N GLN B 350 6.98 -3.68 14.93
CA GLN B 350 6.04 -4.83 14.90
C GLN B 350 6.71 -6.20 15.11
N LEU B 351 7.84 -6.43 14.44
CA LEU B 351 8.51 -7.74 14.50
C LEU B 351 9.13 -8.05 15.85
N PHE B 352 9.37 -7.01 16.66
CA PHE B 352 9.83 -7.23 18.04
C PHE B 352 8.66 -7.54 19.00
N GLY B 353 7.42 -7.39 18.52
CA GLY B 353 6.25 -7.54 19.41
C GLY B 353 6.25 -6.49 20.52
N GLY B 354 5.83 -6.89 21.73
CA GLY B 354 5.81 -5.98 22.88
C GLY B 354 7.12 -5.22 23.13
N TYR B 355 8.25 -5.93 23.05
CA TYR B 355 9.55 -5.30 23.28
C TYR B 355 9.89 -4.18 22.29
N GLY B 356 9.38 -4.28 21.07
CA GLY B 356 9.54 -3.20 20.07
C GLY B 356 8.90 -1.89 20.53
N TYR B 357 7.85 -1.99 21.34
CA TYR B 357 7.16 -0.83 21.84
C TYR B 357 7.86 -0.22 23.08
N THR B 358 8.98 -0.81 23.50
CA THR B 358 9.73 -0.28 24.67
C THR B 358 11.03 0.41 24.26
N GLN B 359 11.48 1.29 25.13
CA GLN B 359 12.77 1.94 25.04
C GLN B 359 13.96 1.01 25.30
N ASP B 360 13.71 -0.25 25.64
CA ASP B 360 14.78 -1.23 25.90
C ASP B 360 15.46 -1.60 24.60
N PHE B 361 14.73 -1.44 23.49
CA PHE B 361 15.29 -1.75 22.20
C PHE B 361 15.28 -0.50 21.32
N PRO B 362 16.05 -0.53 20.22
CA PRO B 362 16.21 0.74 19.52
C PRO B 362 15.18 1.00 18.43
N VAL B 363 14.30 0.06 18.10
CA VAL B 363 13.47 0.22 16.89
C VAL B 363 12.37 1.25 17.03
N GLU B 364 11.90 1.42 18.25
CA GLU B 364 10.96 2.45 18.66
C GLU B 364 11.57 3.86 18.32
N ARG B 365 12.81 4.08 18.74
CA ARG B 365 13.52 5.34 18.40
C ARG B 365 13.68 5.49 16.89
N MET B 366 14.09 4.42 16.21
CA MET B 366 14.22 4.44 14.75
C MET B 366 12.93 4.86 14.03
N MET B 367 11.78 4.40 14.55
CA MET B 367 10.48 4.72 13.98
C MET B 367 10.18 6.20 14.14
N ARG B 368 10.44 6.75 15.34
CA ARG B 368 10.21 8.18 15.56
C ARG B 368 11.14 9.03 14.69
N ASP B 369 12.39 8.58 14.57
CA ASP B 369 13.35 9.29 13.73
C ASP B 369 12.98 9.22 12.25
N ALA B 370 12.55 8.05 11.79
CA ALA B 370 12.21 7.90 10.35
C ALA B 370 11.20 8.97 9.87
N LYS B 371 10.20 9.27 10.70
CA LYS B 371 9.16 10.25 10.33
C LYS B 371 9.68 11.62 9.87
N ILE B 372 10.75 12.13 10.49
CA ILE B 372 11.31 13.44 10.05
C ILE B 372 11.78 13.43 8.60
N THR B 373 12.26 12.28 8.12
CA THR B 373 12.85 12.23 6.76
C THR B 373 11.83 12.53 5.66
N GLN B 374 10.54 12.35 5.98
CA GLN B 374 9.44 12.65 5.06
C GLN B 374 9.06 14.12 5.05
N ILE B 375 9.64 14.89 5.99
CA ILE B 375 9.21 16.26 6.24
C ILE B 375 10.25 17.31 5.90
N TYR B 376 11.46 17.21 6.46
CA TYR B 376 12.46 18.24 6.19
C TYR B 376 13.23 18.05 4.89
N GLU B 377 13.97 19.10 4.51
CA GLU B 377 14.58 19.25 3.21
C GLU B 377 13.57 19.05 2.07
N GLY B 378 12.38 19.62 2.33
CA GLY B 378 11.18 19.63 1.46
C GLY B 378 10.28 18.45 1.82
N THR B 379 9.00 18.69 2.14
CA THR B 379 8.08 17.60 2.47
C THR B 379 7.91 16.71 1.25
N ASN B 380 7.56 15.45 1.47
CA ASN B 380 7.31 14.51 0.37
C ASN B 380 6.18 14.95 -0.56
N GLN B 381 5.24 15.79 -0.07
CA GLN B 381 4.26 16.39 -0.98
C GLN B 381 4.98 17.37 -1.92
N ILE B 382 5.89 18.17 -1.39
CA ILE B 382 6.67 19.09 -2.23
C ILE B 382 7.54 18.29 -3.21
N GLN B 383 8.06 17.13 -2.78
CA GLN B 383 8.92 16.36 -3.68
C GLN B 383 8.09 15.90 -4.88
N ARG B 384 6.82 15.58 -4.61
CA ARG B 384 5.92 15.13 -5.68
C ARG B 384 5.57 16.26 -6.63
N VAL B 385 5.44 17.47 -6.08
CA VAL B 385 5.30 18.68 -6.92
C VAL B 385 6.51 18.83 -7.86
N VAL B 386 7.71 18.76 -7.31
CA VAL B 386 8.94 18.86 -8.13
C VAL B 386 8.98 17.75 -9.20
N MET B 387 8.68 16.51 -8.79
CA MET B 387 8.71 15.38 -9.71
C MET B 387 7.70 15.55 -10.84
N SER B 388 6.44 15.86 -10.50
CA SER B 388 5.42 15.98 -11.53
C SER B 388 5.70 17.13 -12.50
N ARG B 389 6.26 18.23 -11.99
CA ARG B 389 6.59 19.40 -12.85
C ARG B 389 7.61 19.02 -13.91
N ALA B 390 8.58 18.21 -13.51
CA ALA B 390 9.60 17.68 -14.43
C ALA B 390 9.00 16.75 -15.48
N LEU B 391 8.10 15.86 -15.06
CA LEU B 391 7.46 14.91 -15.99
C LEU B 391 6.56 15.64 -17.00
N LEU B 392 5.91 16.69 -16.55
CA LEU B 392 4.88 17.34 -17.33
C LEU B 392 5.34 18.58 -18.12
N ARG B 393 6.54 19.08 -17.84
CA ARG B 393 7.09 20.27 -18.50
C ARG B 393 7.01 20.14 -20.01
N HIS C 23 25.93 2.63 -24.14
CA HIS C 23 24.65 2.25 -23.48
C HIS C 23 23.51 3.19 -23.84
N ILE C 24 23.79 4.50 -23.82
CA ILE C 24 22.84 5.49 -24.35
C ILE C 24 22.64 5.27 -25.86
N ALA C 25 23.74 5.08 -26.60
CA ALA C 25 23.63 4.81 -28.04
C ALA C 25 22.86 3.52 -28.32
N LEU C 26 23.07 2.50 -27.49
CA LEU C 26 22.30 1.26 -27.58
C LEU C 26 20.82 1.55 -27.39
N ARG C 27 20.48 2.23 -26.29
CA ARG C 27 19.11 2.54 -25.99
C ARG C 27 18.42 3.28 -27.13
N GLU C 28 19.10 4.27 -27.71
CA GLU C 28 18.54 5.07 -28.80
C GLU C 28 18.24 4.17 -30.02
N ALA C 29 19.16 3.27 -30.35
CA ALA C 29 19.01 2.33 -31.45
C ALA C 29 17.87 1.32 -31.25
N ILE C 30 17.80 0.70 -30.06
CA ILE C 30 16.71 -0.26 -29.82
C ILE C 30 15.35 0.41 -29.70
N ARG C 31 15.29 1.59 -29.09
CA ARG C 31 14.03 2.35 -29.05
C ARG C 31 13.52 2.69 -30.44
N ALA C 32 14.42 3.10 -31.33
CA ALA C 32 14.01 3.48 -32.70
C ALA C 32 13.44 2.27 -33.44
N LEU C 33 14.13 1.14 -33.34
CA LEU C 33 13.64 -0.10 -33.93
C LEU C 33 12.29 -0.51 -33.32
N ALA C 34 12.19 -0.48 -31.98
CA ALA C 34 10.95 -0.86 -31.35
C ALA C 34 9.80 0.05 -31.79
N GLU C 35 10.02 1.37 -31.79
CA GLU C 35 8.93 2.30 -32.10
C GLU C 35 8.53 2.24 -33.59
N LYS C 36 9.50 2.03 -34.46
CA LYS C 36 9.27 2.00 -35.90
C LYS C 36 8.77 0.64 -36.37
N GLU C 37 9.44 -0.43 -35.94
CA GLU C 37 9.24 -1.78 -36.51
C GLU C 37 8.40 -2.73 -35.67
N ILE C 38 8.22 -2.44 -34.38
CA ILE C 38 7.52 -3.37 -33.49
C ILE C 38 6.16 -2.81 -33.00
N ALA C 39 6.17 -1.57 -32.50
CA ALA C 39 4.96 -0.91 -31.99
C ALA C 39 3.72 -0.93 -32.91
N PRO C 40 3.89 -0.74 -34.24
CA PRO C 40 2.66 -0.74 -35.06
C PRO C 40 1.86 -2.06 -35.07
N TYR C 41 2.51 -3.17 -34.75
CA TYR C 41 1.87 -4.50 -34.76
C TYR C 41 1.43 -5.03 -33.40
N ALA C 42 1.88 -4.38 -32.33
CA ALA C 42 1.61 -4.82 -30.96
C ALA C 42 0.13 -5.03 -30.64
N ALA C 43 -0.75 -4.10 -31.03
CA ALA C 43 -2.19 -4.26 -30.84
C ALA C 43 -2.77 -5.53 -31.50
N GLU C 44 -2.42 -5.73 -32.78
CA GLU C 44 -2.86 -6.87 -33.58
C GLU C 44 -2.23 -8.16 -33.05
N VAL C 45 -0.97 -8.12 -32.65
CA VAL C 45 -0.35 -9.27 -31.99
C VAL C 45 -1.23 -9.80 -30.82
N ASP C 46 -1.65 -8.90 -29.96
CA ASP C 46 -2.51 -9.21 -28.84
C ASP C 46 -3.93 -9.55 -29.26
N GLU C 47 -4.50 -8.78 -30.18
CA GLU C 47 -5.92 -8.91 -30.53
C GLU C 47 -6.20 -10.26 -31.20
N LYS C 48 -5.31 -10.66 -32.11
CA LYS C 48 -5.38 -11.92 -32.83
C LYS C 48 -4.70 -13.06 -32.07
N ALA C 49 -4.01 -12.73 -30.99
CA ALA C 49 -3.24 -13.73 -30.23
C ALA C 49 -2.31 -14.47 -31.19
N ARG C 50 -1.43 -13.73 -31.86
CA ARG C 50 -0.63 -14.31 -32.92
C ARG C 50 0.82 -13.90 -32.71
N PHE C 51 1.75 -14.78 -33.11
CA PHE C 51 3.17 -14.50 -32.94
C PHE C 51 3.59 -13.13 -33.49
N PRO C 52 4.41 -12.36 -32.72
CA PRO C 52 4.94 -11.11 -33.29
C PRO C 52 6.03 -11.31 -34.36
N GLU C 53 5.62 -11.80 -35.56
CA GLU C 53 6.56 -12.10 -36.66
C GLU C 53 7.33 -10.91 -37.15
N GLU C 54 6.65 -9.78 -37.27
CA GLU C 54 7.30 -8.53 -37.68
C GLU C 54 8.40 -8.09 -36.70
N ALA C 55 8.13 -8.16 -35.40
CA ALA C 55 9.18 -7.95 -34.42
C ALA C 55 10.36 -8.93 -34.61
N LEU C 56 10.10 -10.21 -34.81
CA LEU C 56 11.15 -11.21 -34.97
C LEU C 56 12.08 -10.89 -36.16
N ALA C 57 11.49 -10.59 -37.32
CA ALA C 57 12.26 -10.21 -38.50
C ALA C 57 13.17 -8.99 -38.25
N ALA C 58 12.62 -7.97 -37.60
CA ALA C 58 13.36 -6.75 -37.32
C ALA C 58 14.47 -7.00 -36.30
N LEU C 59 14.17 -7.75 -35.26
CA LEU C 59 15.15 -8.05 -34.22
C LEU C 59 16.28 -8.91 -34.80
N ASN C 60 15.93 -9.97 -35.54
CA ASN C 60 16.89 -10.88 -36.17
C ASN C 60 17.83 -10.16 -37.14
N SER C 61 17.26 -9.32 -38.01
CA SER C 61 18.05 -8.68 -39.05
C SER C 61 18.87 -7.47 -38.57
N SER C 62 18.45 -6.82 -37.49
CA SER C 62 19.30 -5.78 -36.92
C SER C 62 20.22 -6.35 -35.81
N GLY C 63 20.19 -7.66 -35.61
CA GLY C 63 21.04 -8.34 -34.63
C GLY C 63 20.71 -8.03 -33.17
N PHE C 64 19.45 -7.76 -32.87
CA PHE C 64 19.02 -7.47 -31.50
C PHE C 64 18.35 -8.62 -30.77
N SER C 65 18.33 -9.81 -31.37
CA SER C 65 17.49 -10.88 -30.85
C SER C 65 18.11 -11.74 -29.75
N ALA C 66 19.45 -11.74 -29.67
CA ALA C 66 20.13 -12.55 -28.65
C ALA C 66 21.53 -12.02 -28.38
N ILE C 67 21.62 -10.75 -27.97
CA ILE C 67 22.91 -10.06 -27.90
C ILE C 67 23.86 -10.58 -26.82
N HIS C 68 23.34 -11.41 -25.92
CA HIS C 68 24.11 -11.96 -24.79
C HIS C 68 25.06 -13.09 -25.21
N VAL C 69 24.78 -13.75 -26.34
CA VAL C 69 25.60 -14.88 -26.78
C VAL C 69 27.06 -14.43 -26.92
N PRO C 70 27.99 -15.13 -26.25
CA PRO C 70 29.40 -14.75 -26.30
C PRO C 70 29.95 -14.64 -27.73
N GLU C 71 30.93 -13.76 -27.91
CA GLU C 71 31.50 -13.48 -29.23
C GLU C 71 32.19 -14.72 -29.82
N GLU C 72 32.67 -15.61 -28.97
CA GLU C 72 33.28 -16.86 -29.43
C GLU C 72 32.33 -17.70 -30.31
N TYR C 73 31.02 -17.47 -30.21
CA TYR C 73 30.04 -18.27 -30.96
C TYR C 73 29.29 -17.48 -32.05
N GLY C 74 29.89 -16.37 -32.46
CA GLY C 74 29.28 -15.47 -33.43
C GLY C 74 28.40 -14.37 -32.82
N GLY C 75 28.34 -14.30 -31.49
CA GLY C 75 27.42 -13.36 -30.86
C GLY C 75 27.99 -11.99 -30.64
N GLN C 76 27.13 -11.02 -30.29
CA GLN C 76 27.57 -9.67 -29.98
C GLN C 76 28.36 -9.61 -28.67
N GLY C 77 28.26 -10.65 -27.84
CA GLY C 77 28.91 -10.64 -26.54
C GLY C 77 28.63 -9.40 -25.70
N ALA C 78 27.39 -8.89 -25.77
CA ALA C 78 27.01 -7.71 -25.01
C ALA C 78 26.96 -8.01 -23.50
N ASP C 79 27.23 -7.00 -22.70
CA ASP C 79 27.18 -7.13 -21.26
C ASP C 79 25.70 -7.24 -20.81
N SER C 80 25.47 -7.69 -19.59
CA SER C 80 24.13 -8.09 -19.15
C SER C 80 23.19 -6.91 -18.93
N VAL C 81 23.76 -5.72 -18.67
CA VAL C 81 22.96 -4.50 -18.58
C VAL C 81 22.43 -4.13 -19.98
N ALA C 82 23.31 -4.23 -20.99
CA ALA C 82 22.90 -3.98 -22.38
C ALA C 82 21.73 -4.91 -22.77
N THR C 83 21.87 -6.19 -22.45
CA THR C 83 20.82 -7.15 -22.67
C THR C 83 19.51 -6.74 -21.96
N CYS C 84 19.58 -6.28 -20.70
CA CYS C 84 18.38 -5.75 -20.01
C CYS C 84 17.75 -4.56 -20.75
N ILE C 85 18.57 -3.63 -21.20
CA ILE C 85 18.05 -2.43 -21.89
C ILE C 85 17.28 -2.81 -23.16
N VAL C 86 17.78 -3.81 -23.89
CA VAL C 86 17.12 -4.30 -25.12
C VAL C 86 15.74 -4.85 -24.75
N ILE C 87 15.71 -5.76 -23.78
CA ILE C 87 14.46 -6.38 -23.36
C ILE C 87 13.45 -5.34 -22.86
N GLU C 88 13.92 -4.40 -22.06
CA GLU C 88 13.13 -3.30 -21.53
C GLU C 88 12.52 -2.43 -22.64
N GLU C 89 13.35 -2.04 -23.60
CA GLU C 89 12.88 -1.14 -24.67
C GLU C 89 11.87 -1.82 -25.60
N VAL C 90 12.03 -3.13 -25.79
CA VAL C 90 11.07 -3.87 -26.60
C VAL C 90 9.77 -3.99 -25.77
N ALA C 91 9.87 -4.29 -24.47
CA ALA C 91 8.67 -4.52 -23.63
C ALA C 91 7.81 -3.27 -23.48
N ARG C 92 8.48 -2.12 -23.54
CA ARG C 92 7.85 -0.80 -23.55
C ARG C 92 6.79 -0.69 -24.64
N VAL C 93 6.98 -1.39 -25.76
CA VAL C 93 5.97 -1.31 -26.84
C VAL C 93 5.22 -2.62 -27.10
N ASP C 94 5.82 -3.75 -26.73
CA ASP C 94 5.17 -5.03 -26.96
C ASP C 94 5.82 -6.12 -26.14
N CYS C 95 5.11 -6.56 -25.11
CA CYS C 95 5.69 -7.50 -24.16
C CYS C 95 5.86 -8.86 -24.80
N SER C 96 4.90 -9.31 -25.61
CA SER C 96 5.11 -10.60 -26.31
C SER C 96 6.41 -10.60 -27.12
N ALA C 97 6.66 -9.52 -27.83
CA ALA C 97 7.88 -9.37 -28.61
C ALA C 97 9.14 -9.40 -27.74
N SER C 98 9.08 -8.75 -26.57
CA SER C 98 10.22 -8.73 -25.64
C SER C 98 10.66 -10.14 -25.22
N LEU C 99 9.74 -11.10 -25.30
CA LEU C 99 10.05 -12.46 -24.91
C LEU C 99 10.95 -13.19 -25.94
N ILE C 100 11.13 -12.61 -27.12
CA ILE C 100 12.09 -13.17 -28.10
C ILE C 100 13.50 -13.04 -27.53
N PRO C 101 13.96 -11.80 -27.26
CA PRO C 101 15.28 -11.76 -26.61
C PRO C 101 15.30 -12.32 -25.19
N ALA C 102 14.22 -12.19 -24.43
CA ALA C 102 14.22 -12.61 -23.01
C ALA C 102 14.29 -14.13 -22.91
N VAL C 103 13.53 -14.80 -23.77
CA VAL C 103 13.55 -16.29 -23.79
C VAL C 103 14.72 -16.86 -24.59
N ASN C 104 15.20 -16.12 -25.60
CA ASN C 104 16.45 -16.51 -26.21
C ASN C 104 17.55 -16.65 -25.13
N LYS C 105 17.53 -15.76 -24.14
CA LYS C 105 18.47 -15.81 -23.04
C LYS C 105 18.12 -16.96 -22.08
N LEU C 106 16.86 -17.03 -21.61
CA LEU C 106 16.40 -18.12 -20.75
C LEU C 106 16.76 -19.53 -21.31
N GLY C 107 16.51 -19.76 -22.61
CA GLY C 107 16.73 -21.08 -23.25
C GLY C 107 18.17 -21.41 -23.59
N THR C 108 19.09 -20.48 -23.32
CA THR C 108 20.52 -20.73 -23.63
C THR C 108 21.47 -20.57 -22.44
N MET C 109 20.98 -19.98 -21.36
CA MET C 109 21.87 -19.57 -20.26
C MET C 109 22.50 -20.77 -19.52
N GLY C 110 21.69 -21.80 -19.23
CA GLY C 110 22.18 -23.07 -18.68
C GLY C 110 23.33 -23.64 -19.51
N LEU C 111 23.13 -23.61 -20.82
CA LEU C 111 24.11 -24.15 -21.78
C LEU C 111 25.38 -23.32 -21.75
N ILE C 112 25.22 -22.00 -21.73
CA ILE C 112 26.36 -21.09 -21.69
C ILE C 112 27.17 -21.28 -20.40
N LEU C 113 26.47 -21.45 -19.29
CA LEU C 113 27.09 -21.56 -17.96
C LEU C 113 27.81 -22.90 -17.72
N ARG C 114 27.25 -24.00 -18.22
CA ARG C 114 27.66 -25.33 -17.80
C ARG C 114 27.89 -26.31 -18.95
N GLY C 115 27.56 -25.90 -20.18
CA GLY C 115 27.70 -26.77 -21.35
C GLY C 115 29.13 -26.89 -21.87
N SER C 116 29.41 -27.98 -22.57
CA SER C 116 30.72 -28.24 -23.15
C SER C 116 30.88 -27.41 -24.42
N GLU C 117 32.12 -27.13 -24.78
CA GLU C 117 32.41 -26.45 -26.04
C GLU C 117 31.74 -27.18 -27.20
N GLU C 118 31.86 -28.50 -27.18
CA GLU C 118 31.30 -29.36 -28.22
C GLU C 118 29.78 -29.14 -28.44
N LEU C 119 29.04 -28.92 -27.36
CA LEU C 119 27.60 -28.75 -27.47
C LEU C 119 27.26 -27.29 -27.78
N LYS C 120 27.99 -26.38 -27.12
CA LYS C 120 27.79 -24.96 -27.34
C LYS C 120 27.93 -24.56 -28.81
N LYS C 121 28.96 -25.09 -29.46
CA LYS C 121 29.22 -24.81 -30.86
C LYS C 121 28.06 -25.24 -31.78
N GLN C 122 27.35 -26.31 -31.43
CA GLN C 122 26.17 -26.79 -32.16
C GLN C 122 24.97 -25.84 -32.09
N VAL C 123 24.78 -25.24 -30.92
CA VAL C 123 23.54 -24.51 -30.58
C VAL C 123 23.65 -23.01 -30.73
N LEU C 124 24.64 -22.40 -30.08
CA LEU C 124 24.73 -20.94 -29.96
C LEU C 124 24.89 -20.12 -31.24
N PRO C 125 25.64 -20.63 -32.24
CA PRO C 125 25.79 -19.84 -33.47
C PRO C 125 24.46 -19.52 -34.20
N ALA C 126 23.57 -20.50 -34.27
CA ALA C 126 22.26 -20.28 -34.87
C ALA C 126 21.41 -19.28 -34.04
N VAL C 127 21.52 -19.36 -32.71
CA VAL C 127 20.83 -18.38 -31.84
C VAL C 127 21.48 -17.02 -31.99
N ALA C 128 22.82 -16.98 -32.01
CA ALA C 128 23.55 -15.75 -32.19
C ALA C 128 23.18 -15.06 -33.50
N SER C 129 22.94 -15.84 -34.55
CA SER C 129 22.69 -15.29 -35.89
C SER C 129 21.25 -14.87 -36.16
N GLY C 130 20.33 -15.22 -35.27
CA GLY C 130 18.89 -14.99 -35.50
C GLY C 130 18.22 -16.11 -36.29
N GLU C 131 18.99 -17.11 -36.70
CA GLU C 131 18.47 -18.29 -37.43
C GLU C 131 17.60 -19.18 -36.53
N ALA C 132 17.85 -19.16 -35.23
CA ALA C 132 17.13 -20.05 -34.31
C ALA C 132 16.77 -19.38 -33.01
N MET C 133 15.50 -19.50 -32.61
CA MET C 133 15.11 -19.14 -31.26
C MET C 133 15.29 -20.34 -30.34
N ALA C 134 15.50 -20.08 -29.06
CA ALA C 134 15.61 -21.12 -28.05
C ALA C 134 14.48 -20.96 -27.01
N SER C 135 13.98 -22.08 -26.49
CA SER C 135 13.05 -22.09 -25.35
C SER C 135 13.64 -22.83 -24.14
N TYR C 136 12.99 -22.66 -23.00
CA TYR C 136 13.41 -23.24 -21.73
C TYR C 136 12.25 -24.10 -21.22
N ALA C 137 12.46 -25.41 -21.17
CA ALA C 137 11.40 -26.34 -20.83
C ALA C 137 11.63 -27.03 -19.47
N LEU C 138 11.05 -26.43 -18.42
CA LEU C 138 11.24 -26.93 -17.06
C LEU C 138 9.93 -27.38 -16.43
N SER C 139 8.92 -26.50 -16.46
CA SER C 139 7.63 -26.70 -15.77
C SER C 139 6.79 -27.88 -16.29
N GLU C 140 6.00 -28.46 -15.38
CA GLU C 140 5.02 -29.50 -15.74
C GLU C 140 3.74 -29.14 -14.99
N ARG C 141 2.65 -29.82 -15.32
CA ARG C 141 1.36 -29.49 -14.70
C ARG C 141 1.46 -29.59 -13.19
N GLU C 142 2.17 -30.61 -12.71
CA GLU C 142 2.29 -30.84 -11.28
C GLU C 142 3.64 -30.40 -10.70
N ALA C 143 4.43 -29.69 -11.50
CA ALA C 143 5.71 -29.18 -11.04
C ALA C 143 5.91 -27.78 -11.56
N GLY C 144 5.39 -26.82 -10.80
CA GLY C 144 5.53 -25.41 -11.13
C GLY C 144 6.56 -24.79 -10.20
N SER C 145 6.09 -24.14 -9.14
CA SER C 145 7.02 -23.69 -8.09
C SER C 145 7.94 -24.84 -7.62
N ASP C 146 7.34 -26.00 -7.33
CA ASP C 146 8.07 -27.21 -6.92
C ASP C 146 8.59 -27.94 -8.16
N ALA C 147 9.56 -27.30 -8.82
CA ALA C 147 10.03 -27.76 -10.13
C ALA C 147 10.83 -29.04 -10.01
N ALA C 148 11.38 -29.28 -8.83
CA ALA C 148 12.16 -30.49 -8.56
C ALA C 148 11.28 -31.75 -8.49
N SER C 149 9.96 -31.59 -8.44
CA SER C 149 9.06 -32.74 -8.42
C SER C 149 8.65 -33.17 -9.83
N MET C 150 9.37 -32.70 -10.84
CA MET C 150 9.08 -32.98 -12.24
C MET C 150 9.14 -34.48 -12.54
N ARG C 151 8.39 -34.91 -13.55
CA ARG C 151 8.21 -36.34 -13.85
C ARG C 151 8.82 -36.80 -15.18
N THR C 152 9.00 -35.87 -16.13
CA THR C 152 9.64 -36.20 -17.41
C THR C 152 10.98 -36.89 -17.17
N ARG C 153 11.20 -38.01 -17.86
CA ARG C 153 12.36 -38.89 -17.63
C ARG C 153 13.37 -38.91 -18.78
N ALA C 154 14.62 -39.17 -18.43
CA ALA C 154 15.66 -39.40 -19.43
C ALA C 154 16.49 -40.64 -19.06
N VAL C 155 16.45 -41.66 -19.92
CA VAL C 155 17.15 -42.93 -19.66
C VAL C 155 18.30 -43.14 -20.66
N ALA C 156 19.48 -43.49 -20.15
CA ALA C 156 20.66 -43.68 -20.99
C ALA C 156 20.52 -44.95 -21.84
N ASP C 157 20.72 -44.83 -23.15
CA ASP C 157 20.72 -46.00 -24.04
C ASP C 157 21.93 -46.02 -24.99
N GLY C 158 22.89 -46.91 -24.70
CA GLY C 158 24.16 -46.91 -25.43
C GLY C 158 24.85 -45.56 -25.31
N ASP C 159 25.05 -44.90 -26.44
CA ASP C 159 25.57 -43.52 -26.45
C ASP C 159 24.44 -42.48 -26.70
N ASP C 160 23.27 -42.71 -26.14
CA ASP C 160 22.11 -41.85 -26.37
C ASP C 160 21.29 -41.70 -25.11
N TRP C 161 20.29 -40.83 -25.18
CA TRP C 161 19.31 -40.63 -24.11
C TRP C 161 17.92 -40.81 -24.70
N ILE C 162 17.02 -41.47 -23.97
CA ILE C 162 15.62 -41.59 -24.40
C ILE C 162 14.71 -40.76 -23.47
N LEU C 163 14.17 -39.67 -24.01
CA LEU C 163 13.29 -38.79 -23.24
C LEU C 163 11.84 -39.20 -23.37
N ASN C 164 11.18 -39.32 -22.21
CA ASN C 164 9.76 -39.60 -22.12
C ASN C 164 9.07 -38.72 -21.10
N GLY C 165 8.04 -38.01 -21.54
CA GLY C 165 7.21 -37.21 -20.64
C GLY C 165 6.54 -36.05 -21.37
N SER C 166 6.32 -34.97 -20.63
CA SER C 166 5.71 -33.78 -21.19
C SER C 166 6.00 -32.57 -20.32
N LYS C 167 6.00 -31.41 -20.95
CA LYS C 167 6.16 -30.14 -20.27
C LYS C 167 4.98 -29.23 -20.58
N CYS C 168 4.85 -28.14 -19.82
CA CYS C 168 3.83 -27.14 -20.12
C CYS C 168 4.30 -25.76 -19.74
N TRP C 169 3.54 -24.76 -20.19
CA TRP C 169 3.84 -23.36 -20.01
C TRP C 169 5.05 -22.87 -20.82
N ILE C 170 5.37 -23.54 -21.92
CA ILE C 170 6.63 -23.27 -22.61
C ILE C 170 6.50 -22.10 -23.57
N THR C 171 7.11 -20.99 -23.19
CA THR C 171 7.08 -19.75 -23.98
C THR C 171 7.82 -20.00 -25.29
N ASN C 172 7.23 -19.53 -26.40
CA ASN C 172 7.77 -19.67 -27.77
C ASN C 172 7.79 -21.11 -28.29
N GLY C 173 7.15 -22.01 -27.54
CA GLY C 173 6.90 -23.38 -28.01
C GLY C 173 6.34 -23.34 -29.43
N GLY C 174 6.88 -24.17 -30.30
CA GLY C 174 6.41 -24.23 -31.70
C GLY C 174 7.09 -23.23 -32.64
N LYS C 175 7.77 -22.24 -32.07
CA LYS C 175 8.54 -21.29 -32.86
C LYS C 175 10.04 -21.55 -32.69
N SER C 176 10.41 -22.13 -31.54
CA SER C 176 11.80 -22.42 -31.20
C SER C 176 12.36 -23.61 -31.98
N THR C 177 13.68 -23.54 -32.21
CA THR C 177 14.47 -24.60 -32.83
C THR C 177 15.14 -25.47 -31.75
N TRP C 178 15.65 -24.82 -30.69
CA TRP C 178 16.38 -25.47 -29.63
C TRP C 178 15.67 -25.30 -28.29
N TYR C 179 15.68 -26.36 -27.50
CA TYR C 179 14.93 -26.38 -26.24
C TYR C 179 15.86 -26.96 -25.19
N THR C 180 16.01 -26.21 -24.09
CA THR C 180 16.70 -26.73 -22.90
C THR C 180 15.65 -27.45 -22.04
N VAL C 181 15.73 -28.77 -22.02
CA VAL C 181 14.75 -29.59 -21.29
C VAL C 181 15.37 -30.23 -20.05
N MET C 182 14.69 -30.10 -18.90
CA MET C 182 15.13 -30.88 -17.73
C MET C 182 14.27 -32.11 -17.57
N ALA C 183 14.93 -33.21 -17.20
CA ALA C 183 14.26 -34.47 -16.99
C ALA C 183 15.00 -35.27 -15.93
N VAL C 184 14.29 -36.16 -15.27
CA VAL C 184 14.84 -37.02 -14.23
C VAL C 184 15.73 -38.09 -14.85
N THR C 185 16.97 -38.16 -14.38
CA THR C 185 17.82 -39.30 -14.73
C THR C 185 17.86 -40.32 -13.59
N ASP C 186 17.54 -39.88 -12.38
CA ASP C 186 17.45 -40.79 -11.23
C ASP C 186 16.43 -40.33 -10.19
N PRO C 187 15.25 -40.97 -10.20
CA PRO C 187 14.11 -40.69 -9.33
C PRO C 187 14.49 -40.74 -7.84
N ASP C 188 15.46 -41.58 -7.52
CA ASP C 188 16.00 -41.77 -6.17
C ASP C 188 16.83 -40.62 -5.64
N LYS C 189 17.37 -39.78 -6.53
CA LYS C 189 18.31 -38.79 -6.10
C LYS C 189 17.69 -37.42 -5.91
N GLY C 190 16.36 -37.34 -6.01
CA GLY C 190 15.65 -36.08 -5.81
C GLY C 190 16.10 -35.00 -6.77
N ALA C 191 16.34 -33.79 -6.26
CA ALA C 191 16.89 -32.70 -7.08
C ALA C 191 18.31 -32.98 -7.60
N ASN C 192 19.03 -33.89 -6.94
CA ASN C 192 20.36 -34.31 -7.43
C ASN C 192 20.29 -35.40 -8.50
N GLY C 193 19.07 -35.76 -8.89
CA GLY C 193 18.85 -36.74 -9.95
C GLY C 193 18.16 -36.14 -11.16
N ILE C 194 18.25 -34.81 -11.31
CA ILE C 194 17.75 -34.11 -12.49
C ILE C 194 18.88 -33.81 -13.46
N SER C 195 18.65 -33.99 -14.74
CA SER C 195 19.61 -33.54 -15.73
C SER C 195 19.01 -32.58 -16.76
N ALA C 196 19.89 -31.92 -17.51
CA ALA C 196 19.46 -30.94 -18.52
C ALA C 196 20.04 -31.31 -19.89
N PHE C 197 19.19 -31.19 -20.93
CA PHE C 197 19.52 -31.60 -22.29
C PHE C 197 19.09 -30.57 -23.33
N MET C 198 19.86 -30.49 -24.41
CA MET C 198 19.47 -29.68 -25.56
C MET C 198 18.71 -30.56 -26.54
N VAL C 199 17.46 -30.19 -26.79
CA VAL C 199 16.59 -30.90 -27.69
C VAL C 199 16.29 -30.00 -28.90
N HIS C 200 16.30 -30.60 -30.08
CA HIS C 200 16.08 -29.91 -31.34
C HIS C 200 14.68 -30.21 -31.87
N LYS C 201 14.06 -29.22 -32.51
CA LYS C 201 12.70 -29.32 -33.08
C LYS C 201 12.46 -30.56 -33.98
N ASP C 202 13.52 -31.05 -34.61
CA ASP C 202 13.44 -32.18 -35.54
C ASP C 202 13.82 -33.52 -34.92
N ASP C 203 14.19 -33.53 -33.63
CA ASP C 203 14.41 -34.80 -32.93
C ASP C 203 13.10 -35.59 -32.92
N GLU C 204 13.16 -36.84 -33.41
CA GLU C 204 11.99 -37.71 -33.52
C GLU C 204 11.38 -38.03 -32.17
N GLY C 205 10.05 -38.03 -32.12
CA GLY C 205 9.29 -38.27 -30.89
C GLY C 205 9.15 -37.05 -30.00
N PHE C 206 9.57 -35.90 -30.52
CA PHE C 206 9.37 -34.63 -29.83
C PHE C 206 8.29 -33.84 -30.58
N THR C 207 7.20 -33.50 -29.89
CA THR C 207 6.12 -32.71 -30.49
C THR C 207 5.65 -31.53 -29.62
N VAL C 208 4.98 -30.58 -30.27
CA VAL C 208 4.45 -29.38 -29.65
C VAL C 208 2.93 -29.52 -29.50
N GLY C 209 2.43 -29.28 -28.28
CA GLY C 209 0.98 -29.31 -28.03
C GLY C 209 0.33 -27.95 -28.24
N PRO C 210 -0.97 -27.84 -27.88
CA PRO C 210 -1.79 -26.63 -28.01
C PRO C 210 -1.32 -25.45 -27.14
N LYS C 211 -1.67 -24.25 -27.56
CA LYS C 211 -1.29 -23.00 -26.91
C LYS C 211 -2.30 -22.63 -25.83
N GLU C 212 -1.85 -22.00 -24.74
CA GLU C 212 -2.78 -21.56 -23.67
C GLU C 212 -3.55 -20.31 -24.13
N ARG C 213 -4.80 -20.20 -23.69
CA ARG C 213 -5.62 -18.97 -23.81
C ARG C 213 -5.34 -18.10 -22.59
N LYS C 214 -4.83 -16.90 -22.79
CA LYS C 214 -4.20 -16.14 -21.66
C LYS C 214 -4.79 -14.77 -21.41
N LEU C 215 -4.52 -14.25 -20.22
CA LEU C 215 -4.87 -12.89 -19.84
C LEU C 215 -4.13 -11.87 -20.72
N GLY C 216 -2.82 -12.07 -20.87
CA GLY C 216 -1.98 -11.13 -21.60
C GLY C 216 -0.86 -11.90 -22.27
N ILE C 217 0.19 -11.18 -22.66
CA ILE C 217 1.17 -11.67 -23.65
C ILE C 217 0.49 -12.67 -24.61
N LYS C 218 -0.68 -12.24 -25.10
CA LYS C 218 -1.54 -13.12 -25.88
C LYS C 218 -0.82 -13.68 -27.12
N GLY C 219 0.04 -12.89 -27.74
CA GLY C 219 0.78 -13.35 -28.92
C GLY C 219 1.95 -14.29 -28.69
N SER C 220 2.43 -14.37 -27.45
CA SER C 220 3.52 -15.29 -27.14
C SER C 220 2.95 -16.69 -27.04
N PRO C 221 3.40 -17.61 -27.94
CA PRO C 221 2.88 -18.98 -27.84
C PRO C 221 3.34 -19.63 -26.53
N THR C 222 2.39 -20.22 -25.81
CA THR C 222 2.63 -20.86 -24.52
C THR C 222 2.05 -22.26 -24.63
N THR C 223 2.94 -23.24 -24.82
CA THR C 223 2.53 -24.59 -25.25
C THR C 223 2.95 -25.73 -24.33
N GLU C 224 2.20 -26.82 -24.42
CA GLU C 224 2.66 -28.09 -23.92
C GLU C 224 3.72 -28.67 -24.88
N LEU C 225 4.54 -29.59 -24.39
CA LEU C 225 5.52 -30.29 -25.22
C LEU C 225 5.46 -31.77 -24.89
N TYR C 226 5.56 -32.63 -25.90
CA TYR C 226 5.53 -34.08 -25.65
C TYR C 226 6.82 -34.76 -26.09
N PHE C 227 7.31 -35.66 -25.24
CA PHE C 227 8.46 -36.49 -25.55
C PHE C 227 7.99 -37.96 -25.51
N GLU C 228 8.02 -38.61 -26.67
CA GLU C 228 7.58 -39.99 -26.82
C GLU C 228 8.71 -40.81 -27.43
N ASN C 229 9.36 -41.62 -26.59
CA ASN C 229 10.62 -42.26 -26.95
C ASN C 229 11.45 -41.31 -27.78
N CYS C 230 11.81 -40.18 -27.20
CA CYS C 230 12.57 -39.18 -27.92
C CYS C 230 14.06 -39.41 -27.72
N ARG C 231 14.70 -39.94 -28.75
CA ARG C 231 16.11 -40.33 -28.70
C ARG C 231 16.99 -39.21 -29.17
N ILE C 232 17.98 -38.85 -28.36
CA ILE C 232 18.90 -37.77 -28.68
C ILE C 232 20.34 -38.25 -28.43
N PRO C 233 21.32 -37.71 -29.17
CA PRO C 233 22.71 -38.08 -28.93
C PRO C 233 23.18 -37.78 -27.51
N GLY C 234 24.16 -38.56 -27.05
CA GLY C 234 24.65 -38.45 -25.69
C GLY C 234 25.28 -37.11 -25.40
N ASP C 235 25.86 -36.48 -26.42
CA ASP C 235 26.46 -35.15 -26.25
C ASP C 235 25.46 -34.01 -25.97
N ARG C 236 24.16 -34.32 -25.95
CA ARG C 236 23.11 -33.32 -25.73
C ARG C 236 22.98 -32.89 -24.29
N ILE C 237 23.52 -33.69 -23.37
CA ILE C 237 23.44 -33.37 -21.94
C ILE C 237 24.29 -32.14 -21.63
N ILE C 238 23.77 -31.26 -20.79
CA ILE C 238 24.48 -30.08 -20.34
C ILE C 238 25.12 -30.40 -19.00
N GLY C 239 26.45 -30.39 -18.96
CA GLY C 239 27.21 -30.75 -17.77
C GLY C 239 26.94 -32.17 -17.33
N GLU C 240 27.20 -32.46 -16.06
CA GLU C 240 27.17 -33.84 -15.57
C GLU C 240 25.76 -34.31 -15.31
N PRO C 241 25.49 -35.64 -15.44
CA PRO C 241 24.20 -36.15 -14.99
C PRO C 241 23.90 -35.70 -13.55
N GLY C 242 22.68 -35.26 -13.33
CA GLY C 242 22.25 -34.90 -11.97
C GLY C 242 22.56 -33.48 -11.53
N THR C 243 23.05 -32.64 -12.44
CA THR C 243 23.34 -31.23 -12.11
C THR C 243 22.34 -30.28 -12.76
N GLY C 244 21.28 -30.85 -13.36
CA GLY C 244 20.29 -30.10 -14.13
C GLY C 244 19.47 -29.12 -13.29
N PHE C 245 19.12 -29.50 -12.07
CA PHE C 245 18.39 -28.58 -11.21
C PHE C 245 19.29 -27.44 -10.73
N LYS C 246 20.50 -27.77 -10.28
CA LYS C 246 21.52 -26.77 -9.97
C LYS C 246 21.73 -25.77 -11.11
N THR C 247 21.80 -26.26 -12.35
CA THR C 247 21.95 -25.39 -13.53
C THR C 247 20.68 -24.55 -13.77
N ALA C 248 19.51 -25.13 -13.49
CA ALA C 248 18.24 -24.40 -13.52
C ALA C 248 18.25 -23.23 -12.53
N LEU C 249 18.71 -23.48 -11.31
CA LEU C 249 18.77 -22.44 -10.28
C LEU C 249 19.76 -21.34 -10.64
N ALA C 250 20.93 -21.73 -11.15
CA ALA C 250 21.94 -20.76 -11.59
C ALA C 250 21.46 -19.94 -12.80
N THR C 251 20.70 -20.56 -13.71
CA THR C 251 20.12 -19.88 -14.86
C THR C 251 19.25 -18.71 -14.40
N LEU C 252 18.33 -18.99 -13.47
CA LEU C 252 17.42 -17.96 -12.91
C LEU C 252 18.15 -16.78 -12.27
N ASP C 253 19.26 -17.07 -11.58
CA ASP C 253 20.13 -16.01 -11.04
C ASP C 253 20.54 -15.02 -12.12
N HIS C 254 20.86 -15.57 -13.29
CA HIS C 254 21.30 -14.75 -14.42
C HIS C 254 20.17 -14.30 -15.34
N THR C 255 18.92 -14.64 -15.04
CA THR C 255 17.82 -14.24 -15.95
C THR C 255 16.69 -13.47 -15.26
N ARG C 256 16.52 -13.69 -13.96
CA ARG C 256 15.51 -12.96 -13.20
C ARG C 256 15.51 -11.44 -13.44
N PRO C 257 16.70 -10.81 -13.49
CA PRO C 257 16.72 -9.36 -13.73
C PRO C 257 16.14 -8.96 -15.09
N THR C 258 16.21 -9.86 -16.09
CA THR C 258 15.68 -9.55 -17.42
C THR C 258 14.15 -9.47 -17.40
N ILE C 259 13.51 -10.27 -16.56
CA ILE C 259 12.07 -10.13 -16.34
C ILE C 259 11.77 -8.86 -15.54
N GLY C 260 12.64 -8.51 -14.60
CA GLY C 260 12.59 -7.17 -14.01
C GLY C 260 12.63 -6.09 -15.08
N ALA C 261 13.59 -6.22 -16.00
CA ALA C 261 13.76 -5.23 -17.07
C ALA C 261 12.53 -5.14 -17.97
N GLN C 262 11.97 -6.30 -18.28
CA GLN C 262 10.71 -6.36 -19.02
C GLN C 262 9.60 -5.55 -18.32
N ALA C 263 9.48 -5.78 -17.02
CA ALA C 263 8.46 -5.13 -16.21
C ALA C 263 8.73 -3.63 -16.18
N VAL C 264 10.00 -3.25 -16.02
CA VAL C 264 10.37 -1.82 -16.05
C VAL C 264 9.89 -1.21 -17.39
N GLY C 265 10.19 -1.90 -18.50
CA GLY C 265 9.78 -1.44 -19.84
C GLY C 265 8.28 -1.27 -19.99
N ILE C 266 7.51 -2.28 -19.62
CA ILE C 266 6.05 -2.17 -19.67
C ILE C 266 5.58 -0.94 -18.91
N ALA C 267 6.06 -0.81 -17.66
CA ALA C 267 5.65 0.28 -16.80
C ALA C 267 5.98 1.66 -17.44
N GLN C 268 7.17 1.74 -18.02
CA GLN C 268 7.67 2.96 -18.67
C GLN C 268 6.74 3.37 -19.82
N GLY C 269 6.34 2.39 -20.62
CA GLY C 269 5.47 2.62 -21.75
C GLY C 269 4.09 3.07 -21.29
N ALA C 270 3.59 2.45 -20.20
CA ALA C 270 2.29 2.86 -19.63
C ALA C 270 2.37 4.29 -19.11
N LEU C 271 3.42 4.59 -18.34
CA LEU C 271 3.67 5.97 -17.88
C LEU C 271 3.82 6.97 -19.05
N ASP C 272 4.62 6.63 -20.07
CA ASP C 272 4.75 7.53 -21.24
C ASP C 272 3.38 7.82 -21.87
N ALA C 273 2.58 6.78 -22.06
CA ALA C 273 1.23 6.95 -22.63
C ALA C 273 0.36 7.85 -21.74
N ALA C 274 0.40 7.64 -20.42
CA ALA C 274 -0.40 8.45 -19.46
C ALA C 274 0.03 9.93 -19.39
N ILE C 275 1.34 10.20 -19.45
CA ILE C 275 1.81 11.59 -19.49
C ILE C 275 1.29 12.25 -20.78
N ALA C 276 1.52 11.61 -21.93
CA ALA C 276 1.02 12.17 -23.19
C ALA C 276 -0.49 12.39 -23.16
N TYR C 277 -1.24 11.38 -22.71
CA TYR C 277 -2.70 11.48 -22.77
C TYR C 277 -3.28 12.50 -21.78
N THR C 278 -2.79 12.52 -20.53
CA THR C 278 -3.33 13.43 -19.50
C THR C 278 -3.06 14.92 -19.81
N LYS C 279 -1.99 15.18 -20.55
CA LYS C 279 -1.66 16.52 -20.99
C LYS C 279 -2.62 17.02 -22.07
N GLU C 280 -3.09 16.09 -22.90
CA GLU C 280 -3.91 16.39 -24.07
C GLU C 280 -5.42 16.40 -23.75
N ARG C 281 -5.87 15.46 -22.93
CA ARG C 281 -7.28 15.33 -22.52
C ARG C 281 -7.73 16.46 -21.56
N LYS C 282 -8.73 17.23 -21.95
CA LYS C 282 -9.24 18.29 -21.08
C LYS C 282 -10.65 18.04 -20.53
N GLN C 283 -10.83 18.29 -19.24
CA GLN C 283 -12.14 18.33 -18.59
C GLN C 283 -12.10 19.51 -17.61
N PHE C 284 -13.25 20.12 -17.36
CA PHE C 284 -13.36 21.32 -16.50
C PHE C 284 -12.48 22.49 -16.99
N GLY C 285 -12.23 22.58 -18.29
CA GLY C 285 -11.48 23.72 -18.84
C GLY C 285 -9.95 23.65 -18.78
N ARG C 286 -9.38 22.49 -18.41
CA ARG C 286 -7.91 22.38 -18.29
C ARG C 286 -7.51 20.91 -18.51
N PRO C 287 -6.23 20.64 -18.83
CA PRO C 287 -5.77 19.26 -18.99
C PRO C 287 -6.08 18.47 -17.72
N VAL C 288 -6.40 17.18 -17.82
CA VAL C 288 -6.56 16.38 -16.59
C VAL C 288 -5.27 16.29 -15.76
N SER C 289 -4.12 16.45 -16.43
CA SER C 289 -2.84 16.47 -15.74
C SER C 289 -2.65 17.73 -14.85
N ASP C 290 -3.51 18.74 -15.04
CA ASP C 290 -3.49 19.96 -14.21
C ASP C 290 -3.93 19.73 -12.75
N ASN C 291 -4.53 18.58 -12.46
CA ASN C 291 -5.04 18.25 -11.13
C ASN C 291 -3.95 17.62 -10.27
N GLN C 292 -3.76 18.14 -9.06
CA GLN C 292 -2.67 17.69 -8.23
C GLN C 292 -2.73 16.19 -7.87
N GLY C 293 -3.93 15.63 -7.68
CA GLY C 293 -4.08 14.16 -7.50
C GLY C 293 -3.47 13.37 -8.66
N VAL C 294 -3.66 13.85 -9.90
CA VAL C 294 -3.13 13.17 -11.08
C VAL C 294 -1.61 13.38 -11.15
N GLN C 295 -1.18 14.60 -10.84
CA GLN C 295 0.25 14.91 -10.80
C GLN C 295 0.98 14.00 -9.81
N PHE C 296 0.43 13.80 -8.62
CA PHE C 296 1.09 12.98 -7.59
C PHE C 296 1.14 11.51 -7.99
N MET C 297 0.08 11.02 -8.61
CA MET C 297 0.06 9.65 -9.09
C MET C 297 1.10 9.43 -10.18
N LEU C 298 1.22 10.38 -11.12
CA LEU C 298 2.28 10.33 -12.14
C LEU C 298 3.68 10.32 -11.53
N ALA C 299 3.89 11.18 -10.52
CA ALA C 299 5.17 11.22 -9.81
C ALA C 299 5.42 9.87 -9.13
N ASP C 300 4.41 9.30 -8.46
CA ASP C 300 4.58 8.00 -7.80
C ASP C 300 5.01 6.93 -8.85
N MET C 301 4.39 6.98 -10.02
CA MET C 301 4.66 5.97 -11.04
C MET C 301 6.12 6.07 -11.45
N ALA C 302 6.55 7.27 -11.84
CA ALA C 302 7.91 7.52 -12.31
C ALA C 302 8.98 7.21 -11.26
N MET C 303 8.74 7.65 -10.03
CA MET C 303 9.67 7.44 -8.94
C MET C 303 9.97 5.95 -8.75
N LYS C 304 8.90 5.16 -8.63
CA LYS C 304 8.97 3.72 -8.48
C LYS C 304 9.57 3.03 -9.69
N ILE C 305 9.19 3.46 -10.90
CA ILE C 305 9.84 2.91 -12.10
C ILE C 305 11.37 3.11 -12.11
N GLU C 306 11.82 4.28 -11.67
CA GLU C 306 13.27 4.56 -11.69
C GLU C 306 13.99 3.72 -10.63
N ALA C 307 13.40 3.56 -9.46
CA ALA C 307 13.97 2.66 -8.44
C ALA C 307 14.08 1.22 -8.95
N ALA C 308 12.99 0.73 -9.54
CA ALA C 308 12.99 -0.62 -10.12
C ALA C 308 14.08 -0.76 -11.20
N ARG C 309 14.19 0.25 -12.08
CA ARG C 309 15.17 0.22 -13.18
C ARG C 309 16.62 0.08 -12.64
N LEU C 310 16.99 0.96 -11.72
CA LEU C 310 18.32 0.91 -11.13
C LEU C 310 18.65 -0.41 -10.43
N MET C 311 17.67 -0.98 -9.74
CA MET C 311 17.88 -2.25 -9.06
C MET C 311 18.00 -3.42 -10.07
N VAL C 312 17.21 -3.38 -11.13
CA VAL C 312 17.45 -4.30 -12.27
C VAL C 312 18.90 -4.20 -12.85
N TYR C 313 19.35 -2.99 -13.16
CA TYR C 313 20.69 -2.87 -13.76
C TYR C 313 21.80 -3.33 -12.79
N SER C 314 21.62 -3.01 -11.51
CA SER C 314 22.53 -3.42 -10.46
C SER C 314 22.62 -4.96 -10.33
N ALA C 315 21.47 -5.61 -10.26
CA ALA C 315 21.40 -7.04 -10.20
C ALA C 315 22.07 -7.68 -11.43
N ALA C 316 21.82 -7.11 -12.61
CA ALA C 316 22.44 -7.58 -13.86
C ALA C 316 23.97 -7.41 -13.83
N ALA C 317 24.45 -6.24 -13.44
CA ALA C 317 25.89 -5.99 -13.30
C ALA C 317 26.55 -7.01 -12.38
N ARG C 318 25.94 -7.23 -11.20
CA ARG C 318 26.44 -8.19 -10.22
C ARG C 318 26.40 -9.65 -10.73
N ALA C 319 25.35 -10.02 -11.46
CA ALA C 319 25.25 -11.35 -12.07
C ALA C 319 26.43 -11.64 -13.01
N GLU C 320 26.80 -10.64 -13.81
CA GLU C 320 27.83 -10.79 -14.81
C GLU C 320 29.22 -10.97 -14.19
N ARG C 321 29.40 -10.41 -12.99
CA ARG C 321 30.72 -10.33 -12.36
C ARG C 321 31.00 -11.49 -11.41
N GLY C 322 29.95 -12.17 -10.93
CA GLY C 322 30.10 -13.25 -9.96
C GLY C 322 30.37 -12.77 -8.54
N ASP C 325 26.03 -12.71 -3.02
CA ASP C 325 24.81 -13.47 -3.18
C ASP C 325 23.90 -12.79 -4.19
N LEU C 326 24.14 -13.16 -5.45
CA LEU C 326 23.27 -12.75 -6.56
C LEU C 326 21.83 -13.20 -6.28
N GLY C 327 21.67 -14.25 -5.47
CA GLY C 327 20.35 -14.78 -5.12
C GLY C 327 19.41 -13.67 -4.63
N PHE C 328 19.80 -12.99 -3.54
CA PHE C 328 18.97 -11.93 -2.99
C PHE C 328 18.64 -10.85 -4.00
N ILE C 329 19.68 -10.26 -4.60
CA ILE C 329 19.47 -9.11 -5.47
C ILE C 329 18.71 -9.46 -6.75
N SER C 330 18.96 -10.63 -7.33
CA SER C 330 18.24 -10.98 -8.57
C SER C 330 16.73 -11.22 -8.31
N ALA C 331 16.41 -11.90 -7.20
CA ALA C 331 15.01 -12.10 -6.74
C ALA C 331 14.35 -10.76 -6.40
N ALA C 332 15.08 -9.91 -5.67
CA ALA C 332 14.61 -8.55 -5.33
C ALA C 332 14.25 -7.74 -6.57
N SER C 333 15.15 -7.71 -7.54
CA SER C 333 14.97 -6.86 -8.72
C SER C 333 13.80 -7.29 -9.59
N LYS C 334 13.62 -8.61 -9.71
CA LYS C 334 12.48 -9.17 -10.43
C LYS C 334 11.16 -8.93 -9.67
N CYS C 335 11.15 -9.24 -8.36
CA CYS C 335 9.94 -9.08 -7.54
C CYS C 335 9.51 -7.62 -7.49
N PHE C 336 10.44 -6.71 -7.18
CA PHE C 336 10.10 -5.26 -7.08
C PHE C 336 9.62 -4.67 -8.41
N ALA C 337 10.40 -4.88 -9.48
CA ALA C 337 9.98 -4.34 -10.78
C ALA C 337 8.60 -4.82 -11.21
N SER C 338 8.31 -6.09 -10.97
CA SER C 338 7.01 -6.63 -11.41
C SER C 338 5.88 -6.10 -10.55
N ASP C 339 6.13 -5.97 -9.24
CA ASP C 339 5.16 -5.30 -8.37
C ASP C 339 4.93 -3.87 -8.84
N VAL C 340 6.01 -3.17 -9.18
CA VAL C 340 5.90 -1.78 -9.66
C VAL C 340 5.03 -1.70 -10.96
N ALA C 341 5.32 -2.59 -11.90
CA ALA C 341 4.60 -2.63 -13.19
C ALA C 341 3.11 -2.86 -12.99
N MET C 342 2.74 -3.77 -12.09
CA MET C 342 1.32 -4.03 -11.83
C MET C 342 0.60 -2.79 -11.34
N GLU C 343 1.21 -2.11 -10.36
CA GLU C 343 0.67 -0.87 -9.82
C GLU C 343 0.63 0.24 -10.89
N VAL C 344 1.72 0.42 -11.61
CA VAL C 344 1.83 1.50 -12.62
C VAL C 344 0.82 1.34 -13.74
N THR C 345 0.69 0.13 -14.27
CA THR C 345 -0.24 -0.15 -15.39
C THR C 345 -1.70 -0.06 -14.97
N THR C 346 -2.01 -0.49 -13.74
CA THR C 346 -3.36 -0.31 -13.14
C THR C 346 -3.72 1.19 -13.07
N ASP C 347 -2.75 2.00 -12.63
CA ASP C 347 -2.85 3.46 -12.59
C ASP C 347 -3.02 4.10 -13.98
N ALA C 348 -2.25 3.64 -14.95
CA ALA C 348 -2.31 4.21 -16.30
C ALA C 348 -3.66 3.98 -16.97
N VAL C 349 -4.21 2.77 -16.84
CA VAL C 349 -5.59 2.56 -17.27
C VAL C 349 -6.51 3.60 -16.61
N GLN C 350 -6.31 3.78 -15.30
CA GLN C 350 -7.13 4.71 -14.53
C GLN C 350 -7.04 6.13 -15.08
N LEU C 351 -5.81 6.56 -15.43
CA LEU C 351 -5.60 7.94 -15.86
C LEU C 351 -6.22 8.30 -17.22
N PHE C 352 -6.46 7.30 -18.06
CA PHE C 352 -7.16 7.46 -19.36
C PHE C 352 -8.69 7.50 -19.18
N GLY C 353 -9.15 7.15 -17.99
CA GLY C 353 -10.58 7.09 -17.72
C GLY C 353 -11.20 6.00 -18.58
N GLY C 354 -12.38 6.27 -19.15
CA GLY C 354 -13.08 5.23 -19.94
C GLY C 354 -12.27 4.71 -21.13
N TYR C 355 -11.60 5.62 -21.85
CA TYR C 355 -10.75 5.19 -22.97
CA TYR C 355 -10.73 5.21 -22.96
C TYR C 355 -9.68 4.18 -22.53
N GLY C 356 -9.20 4.30 -21.30
CA GLY C 356 -8.16 3.37 -20.81
C GLY C 356 -8.68 1.94 -20.72
N TYR C 357 -10.01 1.81 -20.59
CA TYR C 357 -10.67 0.53 -20.48
C TYR C 357 -11.00 -0.04 -21.85
N THR C 358 -10.60 0.65 -22.92
CA THR C 358 -10.85 0.16 -24.28
C THR C 358 -9.58 -0.30 -25.00
N GLN C 359 -9.76 -1.16 -26.00
CA GLN C 359 -8.67 -1.61 -26.88
C GLN C 359 -8.18 -0.53 -27.84
N ASP C 360 -8.84 0.63 -27.84
CA ASP C 360 -8.43 1.77 -28.67
C ASP C 360 -7.10 2.36 -28.20
N PHE C 361 -6.77 2.17 -26.94
CA PHE C 361 -5.49 2.60 -26.43
C PHE C 361 -4.70 1.38 -25.89
N PRO C 362 -3.37 1.50 -25.76
CA PRO C 362 -2.53 0.34 -25.38
C PRO C 362 -2.47 0.01 -23.89
N VAL C 363 -2.93 0.90 -23.02
CA VAL C 363 -2.69 0.74 -21.57
C VAL C 363 -3.41 -0.49 -20.95
N GLU C 364 -4.59 -0.77 -21.46
CA GLU C 364 -5.36 -1.97 -21.16
C GLU C 364 -4.50 -3.27 -21.43
N ARG C 365 -3.88 -3.34 -22.61
CA ARG C 365 -2.98 -4.47 -22.90
C ARG C 365 -1.77 -4.50 -21.96
N MET C 366 -1.17 -3.34 -21.75
CA MET C 366 -0.06 -3.21 -20.82
C MET C 366 -0.36 -3.75 -19.40
N MET C 367 -1.58 -3.53 -18.93
CA MET C 367 -1.98 -3.95 -17.60
C MET C 367 -2.08 -5.47 -17.58
N ARG C 368 -2.74 -6.01 -18.61
CA ARG C 368 -2.87 -7.46 -18.77
C ARG C 368 -1.51 -8.16 -18.86
N ASP C 369 -0.60 -7.60 -19.66
CA ASP C 369 0.78 -8.10 -19.77
C ASP C 369 1.56 -7.98 -18.45
N ALA C 370 1.40 -6.88 -17.74
CA ALA C 370 2.22 -6.66 -16.54
C ALA C 370 2.02 -7.80 -15.54
N LYS C 371 0.80 -8.33 -15.46
CA LYS C 371 0.45 -9.38 -14.51
C LYS C 371 1.34 -10.63 -14.60
N ILE C 372 1.76 -11.01 -15.81
CA ILE C 372 2.61 -12.21 -15.96
C ILE C 372 3.97 -12.05 -15.28
N THR C 373 4.47 -10.81 -15.19
CA THR C 373 5.82 -10.60 -14.67
C THR C 373 5.95 -10.98 -13.19
N GLN C 374 4.83 -10.93 -12.46
CA GLN C 374 4.77 -11.35 -11.04
C GLN C 374 4.72 -12.87 -10.89
N ILE C 375 4.53 -13.57 -12.03
CA ILE C 375 4.24 -15.01 -11.99
C ILE C 375 5.37 -15.86 -12.55
N TYR C 376 5.80 -15.59 -13.79
CA TYR C 376 6.84 -16.48 -14.34
C TYR C 376 8.26 -16.17 -13.90
N GLU C 377 9.17 -17.07 -14.28
CA GLU C 377 10.54 -17.14 -13.73
C GLU C 377 10.58 -17.06 -12.19
N GLY C 378 9.61 -17.69 -11.54
CA GLY C 378 9.50 -17.71 -10.07
C GLY C 378 8.42 -16.72 -9.66
N THR C 379 7.30 -17.22 -9.11
CA THR C 379 6.26 -16.30 -8.65
C THR C 379 6.89 -15.34 -7.64
N ASN C 380 6.28 -14.18 -7.43
CA ASN C 380 6.80 -13.26 -6.43
C ASN C 380 6.81 -13.80 -5.01
N GLN C 381 5.95 -14.78 -4.68
CA GLN C 381 6.04 -15.46 -3.35
C GLN C 381 7.35 -16.25 -3.22
N ILE C 382 7.68 -17.01 -4.26
CA ILE C 382 8.96 -17.74 -4.33
C ILE C 382 10.14 -16.74 -4.29
N GLN C 383 10.01 -15.57 -4.94
CA GLN C 383 11.07 -14.56 -4.86
C GLN C 383 11.35 -14.15 -3.40
N ARG C 384 10.25 -13.99 -2.65
CA ARG C 384 10.31 -13.66 -1.20
C ARG C 384 10.88 -14.78 -0.34
N VAL C 385 10.63 -16.03 -0.75
CA VAL C 385 11.27 -17.17 -0.11
C VAL C 385 12.80 -17.08 -0.31
N VAL C 386 13.23 -16.87 -1.54
CA VAL C 386 14.69 -16.76 -1.88
C VAL C 386 15.34 -15.59 -1.13
N MET C 387 14.71 -14.43 -1.17
CA MET C 387 15.21 -13.24 -0.46
C MET C 387 15.29 -13.46 1.05
N SER C 388 14.26 -14.06 1.66
CA SER C 388 14.28 -14.14 3.14
C SER C 388 15.29 -15.17 3.62
N ARG C 389 15.44 -16.26 2.85
CA ARG C 389 16.46 -17.28 3.11
C ARG C 389 17.86 -16.66 3.08
N ALA C 390 18.10 -15.73 2.15
CA ALA C 390 19.39 -15.07 2.08
C ALA C 390 19.61 -14.18 3.32
N LEU C 391 18.58 -13.48 3.77
CA LEU C 391 18.70 -12.57 4.90
C LEU C 391 18.87 -13.30 6.23
N LEU C 392 18.20 -14.44 6.37
CA LEU C 392 18.17 -15.22 7.58
C LEU C 392 19.30 -16.27 7.66
N ARG C 393 20.15 -16.28 6.64
CA ARG C 393 21.27 -17.21 6.49
C ARG C 393 22.19 -17.11 7.70
N GLU D 22 -35.19 -12.07 6.62
CA GLU D 22 -35.53 -11.60 5.24
C GLU D 22 -34.31 -11.48 4.30
N HIS D 23 -33.18 -10.94 4.80
CA HIS D 23 -31.96 -10.74 3.96
C HIS D 23 -31.14 -11.99 3.79
N ILE D 24 -31.04 -12.77 4.87
CA ILE D 24 -30.46 -14.11 4.82
C ILE D 24 -31.12 -14.96 3.72
N ALA D 25 -32.45 -14.91 3.67
CA ALA D 25 -33.25 -15.66 2.70
C ALA D 25 -33.12 -15.12 1.27
N LEU D 26 -33.17 -13.80 1.11
CA LEU D 26 -32.92 -13.16 -0.19
C LEU D 26 -31.56 -13.61 -0.74
N ARG D 27 -30.51 -13.47 0.07
CA ARG D 27 -29.16 -13.84 -0.35
C ARG D 27 -29.09 -15.27 -0.85
N GLU D 28 -29.73 -16.19 -0.12
CA GLU D 28 -29.78 -17.62 -0.49
C GLU D 28 -30.50 -17.82 -1.81
N ALA D 29 -31.66 -17.19 -1.96
CA ALA D 29 -32.43 -17.27 -3.21
C ALA D 29 -31.62 -16.76 -4.41
N ILE D 30 -31.09 -15.52 -4.35
CA ILE D 30 -30.27 -15.02 -5.47
C ILE D 30 -29.02 -15.83 -5.72
N ARG D 31 -28.32 -16.27 -4.67
CA ARG D 31 -27.11 -17.08 -4.86
C ARG D 31 -27.42 -18.38 -5.62
N ALA D 32 -28.51 -19.06 -5.26
CA ALA D 32 -28.86 -20.33 -5.90
C ALA D 32 -29.18 -20.08 -7.37
N LEU D 33 -30.02 -19.07 -7.64
CA LEU D 33 -30.36 -18.69 -9.00
C LEU D 33 -29.11 -18.36 -9.81
N ALA D 34 -28.25 -17.52 -9.26
CA ALA D 34 -27.03 -17.14 -9.96
C ALA D 34 -26.13 -18.37 -10.24
N GLU D 35 -25.93 -19.23 -9.25
CA GLU D 35 -25.09 -20.42 -9.45
C GLU D 35 -25.66 -21.32 -10.56
N LYS D 36 -26.97 -21.52 -10.58
CA LYS D 36 -27.58 -22.43 -11.55
C LYS D 36 -27.75 -21.81 -12.94
N GLU D 37 -28.24 -20.56 -13.00
CA GLU D 37 -28.69 -19.99 -14.26
C GLU D 37 -27.73 -18.99 -14.90
N ILE D 38 -26.77 -18.48 -14.10
CA ILE D 38 -25.90 -17.40 -14.55
C ILE D 38 -24.42 -17.83 -14.62
N ALA D 39 -23.84 -18.29 -13.51
CA ALA D 39 -22.44 -18.82 -13.47
C ALA D 39 -22.00 -19.68 -14.68
N PRO D 40 -22.79 -20.69 -15.08
CA PRO D 40 -22.32 -21.54 -16.21
C PRO D 40 -22.02 -20.80 -17.53
N TYR D 41 -22.58 -19.59 -17.72
CA TYR D 41 -22.44 -18.88 -18.99
C TYR D 41 -21.44 -17.73 -18.97
N ALA D 42 -20.93 -17.41 -17.78
CA ALA D 42 -20.12 -16.22 -17.58
C ALA D 42 -18.85 -16.24 -18.42
N ALA D 43 -18.17 -17.37 -18.49
CA ALA D 43 -16.95 -17.47 -19.31
C ALA D 43 -17.22 -17.21 -20.81
N GLU D 44 -18.35 -17.69 -21.33
CA GLU D 44 -18.72 -17.51 -22.75
C GLU D 44 -19.10 -16.07 -23.05
N VAL D 45 -19.90 -15.51 -22.15
CA VAL D 45 -20.32 -14.13 -22.23
C VAL D 45 -19.10 -13.23 -22.45
N ASP D 46 -18.06 -13.44 -21.62
CA ASP D 46 -16.80 -12.70 -21.70
C ASP D 46 -15.97 -13.05 -22.92
N GLU D 47 -15.69 -14.34 -23.10
CA GLU D 47 -14.79 -14.79 -24.19
C GLU D 47 -15.36 -14.40 -25.59
N LYS D 48 -16.66 -14.55 -25.76
CA LYS D 48 -17.30 -14.23 -27.03
C LYS D 48 -17.90 -12.83 -27.08
N ALA D 49 -17.66 -12.03 -26.03
CA ALA D 49 -18.20 -10.66 -25.94
C ALA D 49 -19.66 -10.62 -26.39
N ARG D 50 -20.49 -11.47 -25.78
CA ARG D 50 -21.92 -11.46 -26.16
C ARG D 50 -22.81 -11.23 -24.95
N PHE D 51 -23.99 -10.64 -25.16
CA PHE D 51 -24.88 -10.26 -24.07
C PHE D 51 -25.28 -11.50 -23.22
N PRO D 52 -25.33 -11.35 -21.87
CA PRO D 52 -25.71 -12.45 -20.99
C PRO D 52 -27.23 -12.72 -21.01
N GLU D 53 -27.68 -13.30 -22.12
CA GLU D 53 -29.07 -13.59 -22.39
C GLU D 53 -29.67 -14.60 -21.39
N GLU D 54 -28.94 -15.64 -21.06
CA GLU D 54 -29.41 -16.63 -20.06
C GLU D 54 -29.67 -15.97 -18.72
N ALA D 55 -28.80 -15.04 -18.31
CA ALA D 55 -28.98 -14.36 -17.02
C ALA D 55 -30.18 -13.42 -17.07
N LEU D 56 -30.33 -12.70 -18.18
CA LEU D 56 -31.47 -11.80 -18.32
C LEU D 56 -32.77 -12.58 -18.18
N ALA D 57 -32.87 -13.70 -18.90
CA ALA D 57 -34.09 -14.52 -18.85
C ALA D 57 -34.40 -14.97 -17.42
N ALA D 58 -33.38 -15.42 -16.70
CA ALA D 58 -33.59 -15.92 -15.33
C ALA D 58 -33.93 -14.83 -14.32
N LEU D 59 -33.25 -13.69 -14.43
CA LEU D 59 -33.50 -12.57 -13.53
C LEU D 59 -34.92 -12.02 -13.79
N ASN D 60 -35.32 -11.92 -15.06
CA ASN D 60 -36.66 -11.47 -15.44
C ASN D 60 -37.77 -12.39 -14.92
N SER D 61 -37.60 -13.68 -15.11
CA SER D 61 -38.65 -14.64 -14.76
C SER D 61 -38.70 -14.92 -13.26
N SER D 62 -37.58 -14.79 -12.57
CA SER D 62 -37.54 -14.93 -11.11
C SER D 62 -37.95 -13.65 -10.40
N GLY D 63 -38.09 -12.55 -11.15
CA GLY D 63 -38.43 -11.26 -10.57
C GLY D 63 -37.31 -10.47 -9.91
N PHE D 64 -36.06 -10.83 -10.22
CA PHE D 64 -34.86 -10.19 -9.67
C PHE D 64 -34.22 -9.13 -10.57
N SER D 65 -34.85 -8.76 -11.67
CA SER D 65 -34.18 -7.85 -12.60
C SER D 65 -34.18 -6.37 -12.14
N ALA D 66 -35.16 -5.97 -11.33
CA ALA D 66 -35.29 -4.56 -10.93
C ALA D 66 -36.12 -4.48 -9.67
N ILE D 67 -35.66 -5.16 -8.63
CA ILE D 67 -36.41 -5.25 -7.39
C ILE D 67 -36.60 -3.91 -6.65
N HIS D 68 -35.80 -2.88 -6.99
CA HIS D 68 -35.89 -1.54 -6.37
C HIS D 68 -37.18 -0.79 -6.74
N VAL D 69 -37.80 -1.19 -7.84
CA VAL D 69 -38.97 -0.46 -8.34
C VAL D 69 -40.10 -0.51 -7.30
N PRO D 70 -40.65 0.66 -6.94
CA PRO D 70 -41.73 0.70 -5.95
C PRO D 70 -42.91 -0.22 -6.28
N GLU D 71 -43.51 -0.80 -5.23
CA GLU D 71 -44.68 -1.65 -5.32
C GLU D 71 -45.84 -0.98 -6.08
N GLU D 72 -45.98 0.32 -5.87
CA GLU D 72 -46.98 1.10 -6.53
C GLU D 72 -47.02 0.94 -8.07
N TYR D 73 -45.88 0.62 -8.69
CA TYR D 73 -45.83 0.42 -10.14
C TYR D 73 -45.71 -1.03 -10.51
N GLY D 74 -46.02 -1.89 -9.55
CA GLY D 74 -45.96 -3.33 -9.76
C GLY D 74 -44.59 -3.89 -9.43
N GLY D 75 -43.72 -3.08 -8.84
CA GLY D 75 -42.36 -3.55 -8.53
C GLY D 75 -42.34 -4.31 -7.23
N GLN D 76 -41.19 -4.86 -6.88
CA GLN D 76 -41.06 -5.61 -5.63
C GLN D 76 -40.97 -4.66 -4.43
N GLY D 77 -40.58 -3.42 -4.69
CA GLY D 77 -40.38 -2.41 -3.64
C GLY D 77 -39.38 -2.81 -2.55
N ALA D 78 -38.28 -3.44 -2.93
CA ALA D 78 -37.32 -3.91 -1.96
C ALA D 78 -36.48 -2.74 -1.44
N ASP D 79 -36.00 -2.87 -0.22
CA ASP D 79 -35.15 -1.85 0.36
C ASP D 79 -33.79 -1.83 -0.38
N SER D 80 -32.98 -0.81 -0.08
CA SER D 80 -31.77 -0.55 -0.85
C SER D 80 -30.65 -1.52 -0.53
N VAL D 81 -30.63 -2.02 0.70
CA VAL D 81 -29.65 -3.04 1.05
C VAL D 81 -29.91 -4.33 0.24
N ALA D 82 -31.18 -4.74 0.15
CA ALA D 82 -31.56 -5.93 -0.61
C ALA D 82 -31.20 -5.79 -2.08
N THR D 83 -31.41 -4.59 -2.63
CA THR D 83 -31.01 -4.32 -4.01
C THR D 83 -29.49 -4.45 -4.19
N CYS D 84 -28.69 -3.96 -3.22
CA CYS D 84 -27.23 -4.18 -3.25
C CYS D 84 -26.85 -5.67 -3.19
N ILE D 85 -27.59 -6.47 -2.42
CA ILE D 85 -27.24 -7.89 -2.19
C ILE D 85 -27.44 -8.67 -3.50
N VAL D 86 -28.52 -8.35 -4.21
CA VAL D 86 -28.80 -8.96 -5.52
C VAL D 86 -27.66 -8.63 -6.46
N ILE D 87 -27.33 -7.36 -6.59
CA ILE D 87 -26.27 -6.94 -7.49
C ILE D 87 -24.93 -7.60 -7.11
N GLU D 88 -24.60 -7.57 -5.83
CA GLU D 88 -23.43 -8.22 -5.29
C GLU D 88 -23.35 -9.72 -5.67
N GLU D 89 -24.42 -10.45 -5.44
CA GLU D 89 -24.39 -11.91 -5.62
C GLU D 89 -24.40 -12.31 -7.11
N VAL D 90 -25.06 -11.50 -7.94
CA VAL D 90 -24.90 -11.67 -9.40
C VAL D 90 -23.45 -11.37 -9.83
N ALA D 91 -22.88 -10.25 -9.36
CA ALA D 91 -21.51 -9.86 -9.73
C ALA D 91 -20.48 -10.89 -9.31
N ARG D 92 -20.85 -11.63 -8.27
CA ARG D 92 -19.98 -12.66 -7.73
C ARG D 92 -19.70 -13.74 -8.76
N VAL D 93 -20.62 -13.97 -9.69
CA VAL D 93 -20.39 -14.99 -10.74
C VAL D 93 -20.32 -14.39 -12.17
N ASP D 94 -20.92 -13.23 -12.37
CA ASP D 94 -20.87 -12.60 -13.69
C ASP D 94 -21.06 -11.09 -13.61
N CYS D 95 -19.99 -10.34 -13.82
CA CYS D 95 -20.10 -8.90 -13.67
C CYS D 95 -20.99 -8.28 -14.72
N SER D 96 -20.87 -8.77 -15.97
CA SER D 96 -21.71 -8.25 -17.07
C SER D 96 -23.19 -8.47 -16.78
N ALA D 97 -23.53 -9.63 -16.22
CA ALA D 97 -24.92 -9.90 -15.87
C ALA D 97 -25.43 -9.02 -14.73
N SER D 98 -24.54 -8.68 -13.80
CA SER D 98 -24.91 -7.83 -12.67
C SER D 98 -25.33 -6.41 -13.13
N LEU D 99 -24.91 -6.01 -14.30
CA LEU D 99 -25.25 -4.71 -14.89
C LEU D 99 -26.71 -4.65 -15.34
N ILE D 100 -27.37 -5.82 -15.44
CA ILE D 100 -28.81 -5.83 -15.70
C ILE D 100 -29.54 -5.11 -14.56
N PRO D 101 -29.41 -5.63 -13.30
CA PRO D 101 -30.14 -4.90 -12.26
C PRO D 101 -29.46 -3.56 -11.86
N ALA D 102 -28.14 -3.48 -11.94
CA ALA D 102 -27.46 -2.25 -11.53
C ALA D 102 -27.81 -1.10 -12.47
N VAL D 103 -27.92 -1.40 -13.76
CA VAL D 103 -28.25 -0.36 -14.72
C VAL D 103 -29.79 -0.17 -14.88
N ASN D 104 -30.57 -1.23 -14.67
CA ASN D 104 -32.03 -1.03 -14.52
C ASN D 104 -32.32 -0.02 -13.41
N LYS D 105 -31.51 -0.02 -12.34
CA LYS D 105 -31.60 1.02 -11.31
C LYS D 105 -31.04 2.41 -11.75
N LEU D 106 -29.81 2.42 -12.28
CA LEU D 106 -29.21 3.67 -12.76
C LEU D 106 -30.11 4.42 -13.76
N GLY D 107 -30.71 3.70 -14.70
CA GLY D 107 -31.56 4.31 -15.71
C GLY D 107 -33.02 4.56 -15.30
N THR D 108 -33.37 4.30 -14.04
CA THR D 108 -34.72 4.64 -13.54
C THR D 108 -34.73 5.53 -12.28
N MET D 109 -33.59 5.65 -11.60
CA MET D 109 -33.58 6.30 -10.27
C MET D 109 -33.97 7.80 -10.37
N GLY D 110 -33.41 8.49 -11.36
CA GLY D 110 -33.76 9.91 -11.62
C GLY D 110 -35.26 10.09 -11.76
N LEU D 111 -35.86 9.23 -12.59
CA LEU D 111 -37.30 9.23 -12.82
C LEU D 111 -38.08 8.98 -11.54
N ILE D 112 -37.65 7.98 -10.76
CA ILE D 112 -38.29 7.63 -9.51
C ILE D 112 -38.25 8.82 -8.54
N LEU D 113 -37.08 9.43 -8.41
CA LEU D 113 -36.88 10.53 -7.47
C LEU D 113 -37.58 11.81 -7.86
N ARG D 114 -37.61 12.15 -9.15
CA ARG D 114 -38.06 13.48 -9.52
C ARG D 114 -39.22 13.52 -10.53
N GLY D 115 -39.56 12.38 -11.14
CA GLY D 115 -40.51 12.35 -12.25
C GLY D 115 -41.98 12.43 -11.82
N SER D 116 -42.85 12.81 -12.75
CA SER D 116 -44.28 12.90 -12.49
C SER D 116 -44.87 11.50 -12.42
N GLU D 117 -45.99 11.35 -11.72
CA GLU D 117 -46.75 10.09 -11.70
C GLU D 117 -47.06 9.64 -13.13
N GLU D 118 -47.47 10.60 -13.94
CA GLU D 118 -47.86 10.33 -15.33
C GLU D 118 -46.76 9.62 -16.14
N LEU D 119 -45.53 10.09 -15.99
CA LEU D 119 -44.38 9.51 -16.68
C LEU D 119 -43.98 8.16 -16.07
N LYS D 120 -43.93 8.13 -14.74
CA LYS D 120 -43.55 6.91 -14.00
C LYS D 120 -44.42 5.72 -14.36
N LYS D 121 -45.73 5.95 -14.51
CA LYS D 121 -46.67 4.91 -14.90
C LYS D 121 -46.36 4.35 -16.28
N GLN D 122 -45.80 5.18 -17.16
CA GLN D 122 -45.47 4.73 -18.51
C GLN D 122 -44.22 3.86 -18.57
N VAL D 123 -43.32 4.04 -17.63
CA VAL D 123 -41.98 3.46 -17.72
C VAL D 123 -41.80 2.33 -16.73
N LEU D 124 -42.18 2.58 -15.50
CA LEU D 124 -41.80 1.71 -14.39
C LEU D 124 -42.42 0.30 -14.40
N PRO D 125 -43.73 0.17 -14.74
CA PRO D 125 -44.33 -1.19 -14.78
C PRO D 125 -43.59 -2.17 -15.69
N ALA D 126 -43.15 -1.73 -16.88
CA ALA D 126 -42.40 -2.60 -17.79
C ALA D 126 -41.04 -3.00 -17.22
N VAL D 127 -40.35 -2.07 -16.57
CA VAL D 127 -39.08 -2.38 -15.90
C VAL D 127 -39.30 -3.35 -14.73
N ALA D 128 -40.36 -3.09 -13.94
CA ALA D 128 -40.75 -3.95 -12.81
C ALA D 128 -40.99 -5.40 -13.21
N SER D 129 -41.71 -5.60 -14.30
CA SER D 129 -42.17 -6.93 -14.70
C SER D 129 -41.12 -7.66 -15.49
N GLY D 130 -40.04 -6.96 -15.82
CA GLY D 130 -38.99 -7.55 -16.66
C GLY D 130 -39.24 -7.42 -18.16
N GLU D 131 -40.30 -6.69 -18.55
CA GLU D 131 -40.60 -6.47 -19.97
C GLU D 131 -39.59 -5.52 -20.64
N ALA D 132 -38.98 -4.62 -19.85
CA ALA D 132 -38.07 -3.63 -20.36
C ALA D 132 -36.80 -3.47 -19.53
N MET D 133 -35.68 -3.25 -20.22
CA MET D 133 -34.47 -2.76 -19.57
C MET D 133 -34.36 -1.26 -19.76
N ALA D 134 -33.73 -0.62 -18.79
CA ALA D 134 -33.48 0.82 -18.82
C ALA D 134 -31.97 1.12 -18.88
N SER D 135 -31.61 2.22 -19.53
CA SER D 135 -30.22 2.70 -19.59
C SER D 135 -30.13 4.16 -19.19
N TYR D 136 -28.91 4.60 -18.94
CA TYR D 136 -28.67 5.94 -18.44
C TYR D 136 -27.71 6.59 -19.40
N ALA D 137 -28.11 7.70 -19.99
CA ALA D 137 -27.29 8.31 -21.06
C ALA D 137 -26.89 9.73 -20.74
N LEU D 138 -25.77 9.85 -20.03
CA LEU D 138 -25.26 11.13 -19.57
C LEU D 138 -24.02 11.53 -20.37
N SER D 139 -23.07 10.61 -20.46
CA SER D 139 -21.70 10.92 -20.93
C SER D 139 -21.60 11.16 -22.44
N GLU D 140 -20.58 11.92 -22.84
CA GLU D 140 -20.26 12.16 -24.24
C GLU D 140 -18.74 12.13 -24.36
N ARG D 141 -18.22 12.12 -25.58
CA ARG D 141 -16.76 12.07 -25.77
C ARG D 141 -16.04 13.22 -25.10
N GLU D 142 -16.62 14.41 -25.10
CA GLU D 142 -15.98 15.53 -24.41
C GLU D 142 -16.58 15.87 -23.06
N ALA D 143 -17.54 15.08 -22.60
CA ALA D 143 -18.19 15.27 -21.29
C ALA D 143 -18.25 13.97 -20.50
N GLY D 144 -17.14 13.67 -19.82
CA GLY D 144 -17.05 12.47 -19.01
C GLY D 144 -17.15 12.84 -17.55
N SER D 145 -16.01 13.03 -16.89
CA SER D 145 -16.01 13.56 -15.52
C SER D 145 -16.72 14.92 -15.47
N ASP D 146 -16.43 15.78 -16.44
CA ASP D 146 -17.03 17.10 -16.55
C ASP D 146 -18.33 16.96 -17.36
N ALA D 147 -19.30 16.26 -16.79
CA ALA D 147 -20.56 15.93 -17.49
C ALA D 147 -21.41 17.16 -17.79
N ALA D 148 -21.28 18.20 -16.97
CA ALA D 148 -22.04 19.45 -17.14
C ALA D 148 -21.68 20.18 -18.42
N SER D 149 -20.60 19.76 -19.06
CA SER D 149 -20.20 20.35 -20.36
C SER D 149 -20.74 19.58 -21.59
N MET D 150 -21.69 18.67 -21.36
CA MET D 150 -22.36 17.95 -22.45
C MET D 150 -22.87 18.92 -23.55
N ARG D 151 -22.98 18.41 -24.79
CA ARG D 151 -23.36 19.22 -25.94
C ARG D 151 -24.67 18.76 -26.62
N THR D 152 -25.22 17.60 -26.24
CA THR D 152 -26.52 17.17 -26.74
C THR D 152 -27.59 18.17 -26.32
N ARG D 153 -28.38 18.62 -27.28
CA ARG D 153 -29.38 19.67 -27.06
C ARG D 153 -30.80 19.11 -27.12
N ALA D 154 -31.71 19.70 -26.36
CA ALA D 154 -33.13 19.47 -26.55
C ALA D 154 -33.78 20.82 -26.76
N VAL D 155 -34.51 20.96 -27.86
CA VAL D 155 -35.17 22.21 -28.22
C VAL D 155 -36.69 22.01 -28.15
N ALA D 156 -37.40 22.96 -27.54
CA ALA D 156 -38.86 22.89 -27.46
C ALA D 156 -39.42 23.06 -28.86
N ASP D 157 -40.50 22.35 -29.15
CA ASP D 157 -41.27 22.55 -30.39
C ASP D 157 -42.75 22.36 -30.07
N GLY D 158 -43.46 23.46 -29.83
CA GLY D 158 -44.80 23.38 -29.29
C GLY D 158 -44.72 22.65 -27.96
N ASP D 159 -45.54 21.62 -27.79
CA ASP D 159 -45.52 20.82 -26.57
C ASP D 159 -44.45 19.73 -26.56
N ASP D 160 -43.69 19.62 -27.65
CA ASP D 160 -42.74 18.51 -27.76
C ASP D 160 -41.29 18.94 -27.62
N TRP D 161 -40.40 17.96 -27.61
CA TRP D 161 -38.99 18.24 -27.53
C TRP D 161 -38.29 17.60 -28.73
N ILE D 162 -37.32 18.31 -29.29
CA ILE D 162 -36.48 17.78 -30.35
C ILE D 162 -35.03 17.64 -29.88
N LEU D 163 -34.57 16.39 -29.83
CA LEU D 163 -33.24 16.05 -29.36
C LEU D 163 -32.28 15.85 -30.52
N ASN D 164 -31.13 16.51 -30.40
CA ASN D 164 -30.04 16.43 -31.35
C ASN D 164 -28.70 16.36 -30.62
N GLY D 165 -27.92 15.33 -30.95
CA GLY D 165 -26.60 15.14 -30.37
C GLY D 165 -26.26 13.68 -30.29
N SER D 166 -25.34 13.35 -29.38
CA SER D 166 -24.85 11.98 -29.27
C SER D 166 -24.36 11.70 -27.88
N LYS D 167 -24.44 10.43 -27.50
CA LYS D 167 -23.93 9.98 -26.19
C LYS D 167 -22.94 8.84 -26.44
N CYS D 168 -22.12 8.53 -25.44
CA CYS D 168 -21.24 7.37 -25.52
C CYS D 168 -21.05 6.76 -24.12
N TRP D 169 -20.40 5.58 -24.10
CA TRP D 169 -20.20 4.78 -22.93
C TRP D 169 -21.49 4.17 -22.38
N ILE D 170 -22.53 4.02 -23.21
CA ILE D 170 -23.86 3.63 -22.72
C ILE D 170 -24.03 2.12 -22.52
N THR D 171 -24.04 1.73 -21.25
CA THR D 171 -24.21 0.33 -20.86
C THR D 171 -25.63 -0.15 -21.23
N ASN D 172 -25.69 -1.35 -21.85
CA ASN D 172 -26.92 -2.02 -22.28
C ASN D 172 -27.61 -1.28 -23.43
N GLY D 173 -26.90 -0.31 -23.99
CA GLY D 173 -27.35 0.33 -25.24
C GLY D 173 -27.62 -0.73 -26.32
N GLY D 174 -28.73 -0.60 -27.03
CA GLY D 174 -29.07 -1.58 -28.05
C GLY D 174 -29.88 -2.72 -27.48
N LYS D 175 -29.89 -2.85 -26.15
CA LYS D 175 -30.72 -3.82 -25.44
C LYS D 175 -31.86 -3.18 -24.69
N SER D 176 -31.63 -2.00 -24.12
CA SER D 176 -32.67 -1.33 -23.33
C SER D 176 -33.83 -0.85 -24.19
N THR D 177 -34.98 -0.71 -23.53
CA THR D 177 -36.17 -0.15 -24.13
C THR D 177 -36.32 1.32 -23.75
N TRP D 178 -35.93 1.68 -22.52
CA TRP D 178 -36.01 3.06 -22.03
C TRP D 178 -34.65 3.63 -21.67
N TYR D 179 -34.45 4.89 -22.02
CA TYR D 179 -33.21 5.59 -21.71
C TYR D 179 -33.53 6.90 -20.99
N THR D 180 -32.83 7.16 -19.89
CA THR D 180 -32.87 8.46 -19.25
C THR D 180 -31.74 9.28 -19.88
N VAL D 181 -32.11 10.33 -20.61
CA VAL D 181 -31.16 11.10 -21.37
C VAL D 181 -31.06 12.54 -20.85
N MET D 182 -29.81 13.01 -20.64
CA MET D 182 -29.59 14.42 -20.29
C MET D 182 -29.17 15.19 -21.51
N ALA D 183 -29.69 16.40 -21.61
CA ALA D 183 -29.45 17.22 -22.77
C ALA D 183 -29.51 18.67 -22.33
N VAL D 184 -28.86 19.56 -23.07
CA VAL D 184 -28.94 20.98 -22.81
C VAL D 184 -30.25 21.55 -23.34
N THR D 185 -31.02 22.21 -22.46
CA THR D 185 -32.22 22.95 -22.85
C THR D 185 -32.00 24.46 -22.78
N ASP D 186 -30.91 24.88 -22.15
CA ASP D 186 -30.51 26.29 -22.18
C ASP D 186 -28.99 26.46 -22.02
N PRO D 187 -28.29 26.63 -23.17
CA PRO D 187 -26.82 26.70 -23.24
C PRO D 187 -26.23 27.87 -22.47
N ASP D 188 -27.06 28.80 -22.00
CA ASP D 188 -26.57 29.93 -21.23
C ASP D 188 -26.55 29.71 -19.71
N LYS D 189 -27.14 28.62 -19.23
CA LYS D 189 -27.32 28.45 -17.78
C LYS D 189 -26.37 27.46 -17.16
N GLY D 190 -25.36 27.04 -17.92
CA GLY D 190 -24.40 26.04 -17.46
C GLY D 190 -25.12 24.81 -16.93
N ALA D 191 -24.72 24.37 -15.73
CA ALA D 191 -25.32 23.18 -15.13
C ALA D 191 -26.84 23.31 -14.90
N ASN D 192 -27.30 24.53 -14.69
CA ASN D 192 -28.72 24.83 -14.49
C ASN D 192 -29.47 25.00 -15.80
N GLY D 193 -28.85 24.59 -16.89
CA GLY D 193 -29.49 24.62 -18.20
C GLY D 193 -29.66 23.22 -18.75
N ILE D 194 -29.57 22.23 -17.88
CA ILE D 194 -29.68 20.83 -18.30
C ILE D 194 -30.98 20.20 -17.85
N SER D 195 -31.56 19.39 -18.72
CA SER D 195 -32.78 18.67 -18.40
C SER D 195 -32.65 17.16 -18.61
N ALA D 196 -33.58 16.39 -18.05
CA ALA D 196 -33.58 14.93 -18.18
C ALA D 196 -34.85 14.44 -18.87
N PHE D 197 -34.71 13.49 -19.78
CA PHE D 197 -35.85 13.02 -20.61
C PHE D 197 -35.87 11.50 -20.70
N MET D 198 -37.06 10.91 -20.66
CA MET D 198 -37.20 9.48 -20.98
C MET D 198 -37.37 9.36 -22.48
N VAL D 199 -36.44 8.62 -23.09
CA VAL D 199 -36.46 8.30 -24.51
C VAL D 199 -36.72 6.79 -24.72
N HIS D 200 -37.64 6.46 -25.63
CA HIS D 200 -38.00 5.06 -25.90
C HIS D 200 -37.21 4.59 -27.11
N LYS D 201 -36.84 3.32 -27.12
CA LYS D 201 -36.09 2.72 -28.23
C LYS D 201 -36.75 2.92 -29.61
N ASP D 202 -38.07 2.99 -29.64
CA ASP D 202 -38.80 3.23 -30.91
C ASP D 202 -39.07 4.69 -31.30
N ASP D 203 -38.61 5.65 -30.51
CA ASP D 203 -38.76 7.05 -30.92
C ASP D 203 -37.97 7.30 -32.20
N GLU D 204 -38.59 7.97 -33.16
CA GLU D 204 -37.95 8.27 -34.44
C GLU D 204 -36.78 9.22 -34.31
N GLY D 205 -35.68 8.93 -35.01
CA GLY D 205 -34.48 9.75 -34.89
C GLY D 205 -33.51 9.30 -33.80
N PHE D 206 -33.87 8.24 -33.08
CA PHE D 206 -32.96 7.65 -32.07
C PHE D 206 -32.31 6.39 -32.63
N THR D 207 -30.99 6.36 -32.69
CA THR D 207 -30.28 5.14 -33.14
C THR D 207 -29.14 4.79 -32.18
N VAL D 208 -28.78 3.51 -32.20
CA VAL D 208 -27.73 2.92 -31.39
C VAL D 208 -26.51 2.72 -32.25
N GLY D 209 -25.36 3.17 -31.76
CA GLY D 209 -24.10 3.00 -32.49
C GLY D 209 -23.37 1.73 -32.08
N PRO D 210 -22.12 1.58 -32.55
CA PRO D 210 -21.33 0.36 -32.38
C PRO D 210 -20.85 0.23 -30.93
N LYS D 211 -20.63 -1.02 -30.53
CA LYS D 211 -20.16 -1.38 -29.18
C LYS D 211 -18.66 -1.15 -28.98
N GLU D 212 -18.24 -0.73 -27.78
CA GLU D 212 -16.79 -0.66 -27.50
C GLU D 212 -16.16 -2.06 -27.35
N ARG D 213 -14.89 -2.17 -27.74
CA ARG D 213 -14.06 -3.32 -27.37
C ARG D 213 -13.30 -3.00 -26.06
N LYS D 214 -13.43 -3.86 -25.08
CA LYS D 214 -13.09 -3.48 -23.71
C LYS D 214 -12.17 -4.45 -22.98
N LEU D 215 -11.54 -3.98 -21.90
CA LEU D 215 -10.73 -4.79 -21.04
C LEU D 215 -11.52 -5.95 -20.41
N GLY D 216 -12.71 -5.63 -19.92
CA GLY D 216 -13.56 -6.56 -19.18
C GLY D 216 -15.01 -6.09 -19.36
N ILE D 217 -15.89 -6.58 -18.50
CA ILE D 217 -17.33 -6.64 -18.78
C ILE D 217 -17.61 -6.70 -20.30
N LYS D 218 -16.89 -7.61 -20.97
CA LYS D 218 -16.93 -7.69 -22.45
C LYS D 218 -18.30 -7.97 -23.03
N GLY D 219 -19.11 -8.77 -22.31
CA GLY D 219 -20.45 -9.12 -22.78
C GLY D 219 -21.50 -8.03 -22.56
N SER D 220 -21.17 -7.06 -21.71
CA SER D 220 -22.02 -5.89 -21.51
C SER D 220 -21.90 -4.95 -22.72
N PRO D 221 -23.02 -4.70 -23.44
CA PRO D 221 -22.96 -3.77 -24.59
C PRO D 221 -22.70 -2.37 -24.10
N THR D 222 -21.77 -1.66 -24.73
CA THR D 222 -21.35 -0.33 -24.32
C THR D 222 -21.30 0.52 -25.59
N THR D 223 -22.33 1.34 -25.83
CA THR D 223 -22.54 1.91 -27.16
C THR D 223 -22.60 3.44 -27.23
N GLU D 224 -22.35 3.97 -28.42
CA GLU D 224 -22.74 5.35 -28.72
C GLU D 224 -24.26 5.37 -28.99
N LEU D 225 -24.87 6.52 -28.79
CA LEU D 225 -26.25 6.74 -29.19
C LEU D 225 -26.31 8.02 -30.01
N TYR D 226 -27.21 8.08 -31.00
CA TYR D 226 -27.36 9.27 -31.84
C TYR D 226 -28.78 9.77 -31.81
N PHE D 227 -28.94 11.09 -31.66
CA PHE D 227 -30.24 11.73 -31.74
C PHE D 227 -30.23 12.68 -32.94
N GLU D 228 -31.04 12.33 -33.94
CA GLU D 228 -31.18 13.15 -35.15
C GLU D 228 -32.64 13.60 -35.30
N ASN D 229 -32.90 14.85 -34.96
CA ASN D 229 -34.26 15.35 -34.84
C ASN D 229 -35.13 14.32 -34.17
N CYS D 230 -34.67 13.82 -33.03
CA CYS D 230 -35.45 12.89 -32.25
C CYS D 230 -36.56 13.66 -31.51
N ARG D 231 -37.77 13.60 -32.07
CA ARG D 231 -38.92 14.28 -31.48
C ARG D 231 -39.57 13.38 -30.44
N ILE D 232 -39.74 13.90 -29.22
CA ILE D 232 -40.46 13.18 -28.15
C ILE D 232 -41.54 14.06 -27.51
N PRO D 233 -42.61 13.44 -26.94
CA PRO D 233 -43.66 14.20 -26.26
C PRO D 233 -43.17 15.04 -25.05
N GLY D 234 -43.91 16.11 -24.77
CA GLY D 234 -43.67 16.99 -23.60
C GLY D 234 -43.70 16.28 -22.27
N ASP D 235 -44.45 15.18 -22.17
CA ASP D 235 -44.54 14.44 -20.90
C ASP D 235 -43.30 13.60 -20.55
N ARG D 236 -42.31 13.55 -21.44
CA ARG D 236 -41.07 12.76 -21.24
C ARG D 236 -40.00 13.45 -20.38
N ILE D 237 -40.22 14.72 -20.03
CA ILE D 237 -39.25 15.44 -19.20
C ILE D 237 -39.39 14.99 -17.77
N ILE D 238 -38.26 14.70 -17.13
CA ILE D 238 -38.24 14.35 -15.71
C ILE D 238 -38.03 15.63 -14.93
N GLY D 239 -38.99 15.96 -14.06
CA GLY D 239 -38.93 17.20 -13.28
C GLY D 239 -39.02 18.46 -14.13
N GLU D 240 -38.66 19.62 -13.54
CA GLU D 240 -38.70 20.91 -14.27
C GLU D 240 -37.48 21.09 -15.20
N PRO D 241 -37.66 21.84 -16.31
CA PRO D 241 -36.53 22.14 -17.20
C PRO D 241 -35.42 22.79 -16.40
N GLY D 242 -34.18 22.47 -16.74
CA GLY D 242 -33.03 23.03 -16.04
C GLY D 242 -32.58 22.31 -14.78
N THR D 243 -33.35 21.33 -14.32
CA THR D 243 -32.99 20.53 -13.11
C THR D 243 -32.41 19.14 -13.41
N GLY D 244 -32.09 18.86 -14.66
CA GLY D 244 -31.61 17.56 -15.06
C GLY D 244 -30.28 17.18 -14.45
N PHE D 245 -29.42 18.17 -14.28
CA PHE D 245 -28.13 17.90 -13.70
C PHE D 245 -28.23 17.66 -12.22
N LYS D 246 -29.03 18.48 -11.55
CA LYS D 246 -29.39 18.23 -10.15
C LYS D 246 -29.90 16.79 -9.96
N THR D 247 -30.75 16.35 -10.88
CA THR D 247 -31.25 14.98 -10.87
C THR D 247 -30.15 13.95 -11.07
N ALA D 248 -29.20 14.23 -11.96
CA ALA D 248 -28.02 13.40 -12.14
C ALA D 248 -27.24 13.21 -10.85
N LEU D 249 -26.99 14.28 -10.10
CA LEU D 249 -26.23 14.18 -8.85
C LEU D 249 -26.94 13.39 -7.77
N ALA D 250 -28.25 13.62 -7.65
CA ALA D 250 -29.07 12.94 -6.67
C ALA D 250 -29.10 11.45 -6.99
N THR D 251 -29.24 11.12 -8.27
CA THR D 251 -29.22 9.74 -8.74
C THR D 251 -27.97 8.98 -8.25
N LEU D 252 -26.79 9.54 -8.50
CA LEU D 252 -25.51 8.97 -8.05
C LEU D 252 -25.39 8.71 -6.55
N ASP D 253 -25.96 9.60 -5.72
CA ASP D 253 -26.13 9.34 -4.28
C ASP D 253 -26.78 8.00 -3.97
N HIS D 254 -27.81 7.68 -4.76
CA HIS D 254 -28.55 6.43 -4.63
C HIS D 254 -28.08 5.27 -5.50
N THR D 255 -27.05 5.46 -6.32
CA THR D 255 -26.63 4.34 -7.14
C THR D 255 -25.17 3.93 -6.90
N ARG D 256 -24.31 4.91 -6.52
CA ARG D 256 -22.90 4.64 -6.18
C ARG D 256 -22.68 3.41 -5.26
N PRO D 257 -23.51 3.25 -4.20
CA PRO D 257 -23.37 2.04 -3.35
C PRO D 257 -23.56 0.73 -4.10
N THR D 258 -24.42 0.74 -5.12
CA THR D 258 -24.67 -0.47 -5.93
C THR D 258 -23.45 -0.87 -6.78
N ILE D 259 -22.65 0.10 -7.19
CA ILE D 259 -21.35 -0.25 -7.81
C ILE D 259 -20.34 -0.71 -6.75
N GLY D 260 -20.40 -0.12 -5.56
CA GLY D 260 -19.62 -0.68 -4.43
C GLY D 260 -20.01 -2.15 -4.25
N ALA D 261 -21.33 -2.41 -4.30
CA ALA D 261 -21.83 -3.77 -4.07
C ALA D 261 -21.36 -4.74 -5.16
N GLN D 262 -21.37 -4.29 -6.41
CA GLN D 262 -20.85 -5.10 -7.52
C GLN D 262 -19.35 -5.46 -7.31
N ALA D 263 -18.57 -4.49 -6.85
CA ALA D 263 -17.13 -4.70 -6.61
C ALA D 263 -16.92 -5.70 -5.50
N VAL D 264 -17.76 -5.59 -4.48
CA VAL D 264 -17.74 -6.51 -3.33
C VAL D 264 -18.06 -7.94 -3.83
N GLY D 265 -19.06 -8.10 -4.71
CA GLY D 265 -19.38 -9.45 -5.30
C GLY D 265 -18.23 -10.06 -6.11
N ILE D 266 -17.66 -9.27 -7.00
CA ILE D 266 -16.51 -9.70 -7.79
C ILE D 266 -15.39 -10.18 -6.89
N ALA D 267 -14.97 -9.33 -5.95
CA ALA D 267 -13.94 -9.70 -4.98
C ALA D 267 -14.29 -10.96 -4.19
N GLN D 268 -15.52 -11.04 -3.69
CA GLN D 268 -15.97 -12.28 -3.00
C GLN D 268 -15.85 -13.55 -3.86
N GLY D 269 -16.29 -13.48 -5.12
CA GLY D 269 -16.11 -14.61 -6.05
C GLY D 269 -14.64 -14.96 -6.24
N ALA D 270 -13.79 -13.94 -6.37
CA ALA D 270 -12.33 -14.16 -6.49
C ALA D 270 -11.76 -14.85 -5.25
N LEU D 271 -12.16 -14.37 -4.07
CA LEU D 271 -11.68 -14.94 -2.83
C LEU D 271 -12.15 -16.38 -2.71
N ASP D 272 -13.44 -16.62 -2.91
CA ASP D 272 -13.97 -17.99 -2.88
C ASP D 272 -13.24 -18.93 -3.83
N ALA D 273 -13.01 -18.48 -5.06
CA ALA D 273 -12.27 -19.29 -6.03
C ALA D 273 -10.84 -19.62 -5.50
N ALA D 274 -10.15 -18.63 -4.91
CA ALA D 274 -8.78 -18.80 -4.44
C ALA D 274 -8.69 -19.76 -3.25
N ILE D 275 -9.63 -19.65 -2.32
CA ILE D 275 -9.74 -20.60 -1.21
C ILE D 275 -9.89 -22.05 -1.68
N ALA D 276 -10.89 -22.32 -2.51
CA ALA D 276 -11.10 -23.66 -3.04
C ALA D 276 -9.86 -24.16 -3.81
N TYR D 277 -9.26 -23.29 -4.62
CA TYR D 277 -8.10 -23.69 -5.46
C TYR D 277 -6.86 -23.95 -4.62
N THR D 278 -6.50 -23.03 -3.73
CA THR D 278 -5.22 -23.16 -2.99
C THR D 278 -5.23 -24.34 -2.02
N LYS D 279 -6.41 -24.69 -1.50
CA LYS D 279 -6.58 -25.88 -0.68
C LYS D 279 -6.34 -27.18 -1.43
N GLU D 280 -6.50 -27.14 -2.76
CA GLU D 280 -6.44 -28.37 -3.55
C GLU D 280 -5.18 -28.52 -4.40
N ARG D 281 -4.58 -27.40 -4.78
CA ARG D 281 -3.31 -27.37 -5.48
C ARG D 281 -2.17 -27.68 -4.49
N LYS D 282 -1.43 -28.74 -4.78
CA LYS D 282 -0.39 -29.25 -3.90
C LYS D 282 0.95 -28.99 -4.59
N GLN D 283 1.85 -28.33 -3.87
CA GLN D 283 3.25 -28.18 -4.31
C GLN D 283 4.11 -28.36 -3.07
N PHE D 284 5.31 -28.94 -3.24
CA PHE D 284 6.22 -29.27 -2.11
C PHE D 284 5.61 -30.25 -1.10
N GLY D 285 4.64 -31.06 -1.54
CA GLY D 285 4.02 -32.06 -0.65
C GLY D 285 2.87 -31.56 0.22
N ARG D 286 2.40 -30.33 -0.03
CA ARG D 286 1.33 -29.76 0.81
C ARG D 286 0.48 -28.82 -0.02
N PRO D 287 -0.80 -28.56 0.37
CA PRO D 287 -1.53 -27.53 -0.34
C PRO D 287 -0.76 -26.22 -0.31
N VAL D 288 -0.84 -25.46 -1.39
CA VAL D 288 -0.21 -24.14 -1.39
C VAL D 288 -0.82 -23.17 -0.35
N SER D 289 -2.06 -23.44 0.06
CA SER D 289 -2.67 -22.68 1.16
C SER D 289 -2.04 -23.00 2.50
N ASP D 290 -1.17 -24.01 2.56
CA ASP D 290 -0.44 -24.32 3.79
C ASP D 290 0.71 -23.35 4.07
N ASN D 291 0.97 -22.42 3.19
CA ASN D 291 2.12 -21.53 3.39
C ASN D 291 1.57 -20.26 3.99
N GLN D 292 2.25 -19.77 5.02
CA GLN D 292 1.75 -18.62 5.76
C GLN D 292 1.61 -17.34 4.92
N GLY D 293 2.47 -17.16 3.90
CA GLY D 293 2.39 -15.98 3.02
C GLY D 293 1.07 -15.97 2.26
N VAL D 294 0.64 -17.15 1.81
CA VAL D 294 -0.65 -17.36 1.17
C VAL D 294 -1.82 -17.17 2.16
N GLN D 295 -1.69 -17.76 3.36
CA GLN D 295 -2.73 -17.61 4.41
C GLN D 295 -2.99 -16.14 4.74
N PHE D 296 -1.91 -15.37 4.84
CA PHE D 296 -1.96 -13.96 5.21
C PHE D 296 -2.61 -13.12 4.10
N MET D 297 -2.25 -13.39 2.86
CA MET D 297 -2.90 -12.72 1.71
C MET D 297 -4.40 -13.04 1.68
N LEU D 298 -4.77 -14.31 1.84
CA LEU D 298 -6.18 -14.70 1.95
C LEU D 298 -6.88 -13.95 3.07
N ALA D 299 -6.25 -13.86 4.25
CA ALA D 299 -6.78 -13.08 5.36
C ALA D 299 -6.97 -11.60 4.98
N ASP D 300 -5.95 -10.99 4.38
CA ASP D 300 -6.09 -9.57 3.90
C ASP D 300 -7.24 -9.37 2.94
N MET D 301 -7.40 -10.29 2.00
CA MET D 301 -8.50 -10.24 1.02
C MET D 301 -9.84 -10.24 1.74
N ALA D 302 -10.07 -11.22 2.60
CA ALA D 302 -11.37 -11.36 3.29
C ALA D 302 -11.70 -10.18 4.22
N MET D 303 -10.71 -9.71 4.97
CA MET D 303 -10.87 -8.59 5.91
C MET D 303 -11.35 -7.30 5.19
N LYS D 304 -10.68 -6.97 4.10
CA LYS D 304 -11.03 -5.77 3.31
C LYS D 304 -12.37 -5.90 2.60
N ILE D 305 -12.65 -7.10 2.10
CA ILE D 305 -13.94 -7.41 1.50
C ILE D 305 -15.09 -7.14 2.50
N GLU D 306 -14.95 -7.63 3.74
CA GLU D 306 -16.00 -7.47 4.74
C GLU D 306 -16.16 -6.00 5.15
N ALA D 307 -15.05 -5.29 5.31
CA ALA D 307 -15.09 -3.83 5.57
C ALA D 307 -15.79 -3.10 4.42
N ALA D 308 -15.43 -3.47 3.20
CA ALA D 308 -16.06 -2.86 2.01
C ALA D 308 -17.56 -3.19 1.98
N ARG D 309 -17.91 -4.42 2.30
CA ARG D 309 -19.33 -4.81 2.26
C ARG D 309 -20.17 -4.00 3.25
N LEU D 310 -19.68 -3.89 4.49
CA LEU D 310 -20.43 -3.20 5.54
C LEU D 310 -20.64 -1.71 5.23
N MET D 311 -19.66 -1.07 4.61
CA MET D 311 -19.79 0.33 4.25
C MET D 311 -20.75 0.58 3.10
N VAL D 312 -20.81 -0.37 2.16
CA VAL D 312 -21.79 -0.34 1.08
C VAL D 312 -23.23 -0.42 1.63
N TYR D 313 -23.48 -1.38 2.53
CA TYR D 313 -24.80 -1.54 3.17
C TYR D 313 -25.21 -0.34 4.02
N SER D 314 -24.26 0.18 4.79
CA SER D 314 -24.46 1.43 5.51
C SER D 314 -24.81 2.56 4.53
N ALA D 315 -24.01 2.75 3.51
CA ALA D 315 -24.31 3.76 2.48
C ALA D 315 -25.72 3.59 1.90
N ALA D 316 -26.08 2.37 1.49
CA ALA D 316 -27.40 2.05 0.95
C ALA D 316 -28.53 2.38 1.92
N ALA D 317 -28.39 1.91 3.16
CA ALA D 317 -29.38 2.14 4.22
C ALA D 317 -29.60 3.62 4.51
N ARG D 318 -28.52 4.39 4.55
CA ARG D 318 -28.63 5.83 4.73
C ARG D 318 -29.27 6.54 3.51
N ALA D 319 -28.95 6.10 2.30
CA ALA D 319 -29.52 6.68 1.07
C ALA D 319 -31.04 6.56 1.10
N GLU D 320 -31.52 5.43 1.57
CA GLU D 320 -32.93 5.13 1.68
C GLU D 320 -33.66 5.99 2.68
N ARG D 321 -33.01 6.23 3.81
CA ARG D 321 -33.63 6.99 4.89
C ARG D 321 -33.77 8.47 4.58
N GLY D 322 -32.76 9.09 3.95
CA GLY D 322 -32.62 10.54 4.01
C GLY D 322 -31.62 10.87 5.09
N LEU D 326 -25.31 12.41 2.68
CA LEU D 326 -25.08 11.18 1.90
C LEU D 326 -23.92 11.29 0.87
N GLY D 327 -23.54 12.52 0.51
CA GLY D 327 -22.40 12.73 -0.39
C GLY D 327 -21.20 11.87 0.02
N PHE D 328 -20.72 12.07 1.24
CA PHE D 328 -19.48 11.45 1.68
C PHE D 328 -19.57 9.94 1.69
N ILE D 329 -20.63 9.38 2.27
CA ILE D 329 -20.68 7.93 2.47
C ILE D 329 -20.90 7.16 1.15
N SER D 330 -21.67 7.71 0.21
CA SER D 330 -21.89 6.97 -1.04
C SER D 330 -20.61 6.92 -1.84
N ALA D 331 -19.93 8.06 -1.99
CA ALA D 331 -18.60 8.11 -2.60
C ALA D 331 -17.58 7.21 -1.90
N ALA D 332 -17.48 7.29 -0.57
CA ALA D 332 -16.57 6.38 0.17
C ALA D 332 -16.87 4.90 -0.07
N SER D 333 -18.13 4.51 -0.01
CA SER D 333 -18.48 3.09 -0.20
C SER D 333 -18.04 2.57 -1.57
N LYS D 334 -18.19 3.41 -2.59
CA LYS D 334 -17.89 3.00 -3.98
C LYS D 334 -16.38 3.00 -4.24
N CYS D 335 -15.72 4.06 -3.80
CA CYS D 335 -14.26 4.18 -3.91
C CYS D 335 -13.58 3.05 -3.18
N PHE D 336 -13.95 2.87 -1.92
CA PHE D 336 -13.27 1.84 -1.07
C PHE D 336 -13.46 0.45 -1.65
N ALA D 337 -14.71 0.11 -1.96
CA ALA D 337 -15.01 -1.27 -2.42
C ALA D 337 -14.34 -1.59 -3.78
N SER D 338 -14.38 -0.64 -4.71
CA SER D 338 -13.71 -0.82 -6.00
C SER D 338 -12.20 -0.91 -5.86
N ASP D 339 -11.59 -0.09 -5.00
CA ASP D 339 -10.15 -0.26 -4.70
C ASP D 339 -9.89 -1.66 -4.12
N VAL D 340 -10.78 -2.13 -3.25
CA VAL D 340 -10.62 -3.45 -2.62
C VAL D 340 -10.71 -4.54 -3.71
N ALA D 341 -11.74 -4.49 -4.57
CA ALA D 341 -11.88 -5.47 -5.64
C ALA D 341 -10.63 -5.52 -6.54
N MET D 342 -10.05 -4.37 -6.84
CA MET D 342 -8.87 -4.36 -7.72
C MET D 342 -7.68 -5.12 -7.08
N GLU D 343 -7.42 -4.84 -5.81
CA GLU D 343 -6.36 -5.52 -5.07
C GLU D 343 -6.66 -7.00 -4.93
N VAL D 344 -7.89 -7.31 -4.53
CA VAL D 344 -8.25 -8.70 -4.29
C VAL D 344 -8.18 -9.57 -5.56
N THR D 345 -8.63 -9.04 -6.69
CA THR D 345 -8.63 -9.87 -7.90
C THR D 345 -7.20 -10.03 -8.47
N THR D 346 -6.38 -9.01 -8.32
CA THR D 346 -4.96 -9.10 -8.68
C THR D 346 -4.26 -10.21 -7.88
N ASP D 347 -4.59 -10.26 -6.58
CA ASP D 347 -4.13 -11.29 -5.65
C ASP D 347 -4.65 -12.68 -6.03
N ALA D 348 -5.93 -12.77 -6.38
CA ALA D 348 -6.53 -14.08 -6.67
C ALA D 348 -5.90 -14.73 -7.93
N VAL D 349 -5.65 -13.93 -8.97
CA VAL D 349 -4.90 -14.42 -10.15
C VAL D 349 -3.54 -14.95 -9.66
N GLN D 350 -2.82 -14.14 -8.87
CA GLN D 350 -1.52 -14.55 -8.32
C GLN D 350 -1.56 -15.90 -7.61
N LEU D 351 -2.58 -16.08 -6.77
CA LEU D 351 -2.71 -17.28 -5.97
C LEU D 351 -2.97 -18.55 -6.80
N PHE D 352 -3.47 -18.40 -8.02
CA PHE D 352 -3.65 -19.55 -8.93
C PHE D 352 -2.33 -19.88 -9.67
N GLY D 353 -1.31 -19.02 -9.55
CA GLY D 353 -0.08 -19.13 -10.34
C GLY D 353 -0.39 -19.04 -11.85
N GLY D 354 0.31 -19.88 -12.62
CA GLY D 354 0.09 -20.02 -14.07
C GLY D 354 -1.35 -20.16 -14.49
N TYR D 355 -2.06 -21.10 -13.87
CA TYR D 355 -3.48 -21.34 -14.15
C TYR D 355 -4.35 -20.07 -14.00
N GLY D 356 -3.98 -19.20 -13.07
CA GLY D 356 -4.70 -17.93 -12.88
C GLY D 356 -4.61 -17.00 -14.09
N TYR D 357 -3.46 -17.05 -14.78
CA TYR D 357 -3.22 -16.28 -16.02
C TYR D 357 -3.95 -16.84 -17.26
N THR D 358 -4.70 -17.94 -17.10
CA THR D 358 -5.38 -18.56 -18.24
C THR D 358 -6.89 -18.36 -18.18
N GLN D 359 -7.52 -18.48 -19.32
CA GLN D 359 -8.94 -18.44 -19.44
C GLN D 359 -9.64 -19.68 -18.90
N ASP D 360 -8.89 -20.71 -18.54
CA ASP D 360 -9.44 -21.94 -17.95
C ASP D 360 -10.09 -21.68 -16.60
N PHE D 361 -9.63 -20.67 -15.89
CA PHE D 361 -10.19 -20.34 -14.61
C PHE D 361 -10.78 -18.92 -14.70
N PRO D 362 -11.66 -18.56 -13.75
CA PRO D 362 -12.42 -17.32 -13.84
C PRO D 362 -11.74 -16.06 -13.24
N VAL D 363 -10.62 -16.21 -12.52
CA VAL D 363 -10.04 -15.09 -11.76
C VAL D 363 -9.44 -13.99 -12.64
N GLU D 364 -8.90 -14.40 -13.78
CA GLU D 364 -8.42 -13.51 -14.85
C GLU D 364 -9.54 -12.55 -15.36
N ARG D 365 -10.71 -13.09 -15.66
CA ARG D 365 -11.90 -12.28 -16.03
C ARG D 365 -12.37 -11.39 -14.88
N MET D 366 -12.42 -11.94 -13.66
CA MET D 366 -12.75 -11.14 -12.46
C MET D 366 -11.80 -9.95 -12.29
N MET D 367 -10.53 -10.18 -12.54
CA MET D 367 -9.52 -9.11 -12.48
C MET D 367 -9.79 -8.02 -13.50
N ARG D 368 -10.12 -8.43 -14.72
CA ARG D 368 -10.39 -7.49 -15.79
C ARG D 368 -11.69 -6.71 -15.48
N ASP D 369 -12.68 -7.40 -14.93
CA ASP D 369 -13.95 -6.77 -14.60
C ASP D 369 -13.79 -5.74 -13.44
N ALA D 370 -13.03 -6.10 -12.42
CA ALA D 370 -12.83 -5.25 -11.24
C ALA D 370 -12.41 -3.84 -11.64
N LYS D 371 -11.52 -3.75 -12.64
CA LYS D 371 -11.00 -2.47 -13.09
C LYS D 371 -12.07 -1.44 -13.46
N ILE D 372 -13.18 -1.87 -14.06
CA ILE D 372 -14.23 -0.89 -14.43
C ILE D 372 -14.85 -0.22 -13.17
N THR D 373 -14.86 -0.94 -12.05
CA THR D 373 -15.60 -0.45 -10.87
C THR D 373 -14.94 0.78 -10.28
N GLN D 374 -13.67 1.03 -10.65
CA GLN D 374 -12.89 2.22 -10.20
C GLN D 374 -13.13 3.41 -11.13
N ILE D 375 -13.79 3.16 -12.25
CA ILE D 375 -13.91 4.13 -13.33
C ILE D 375 -15.34 4.66 -13.52
N TYR D 376 -16.31 3.76 -13.74
CA TYR D 376 -17.68 4.23 -13.98
C TYR D 376 -18.44 4.63 -12.74
N GLU D 377 -19.57 5.30 -12.99
CA GLU D 377 -20.34 6.02 -11.99
C GLU D 377 -19.48 7.01 -11.15
N GLY D 378 -18.53 7.65 -11.83
CA GLY D 378 -17.62 8.64 -11.25
C GLY D 378 -16.31 7.91 -10.96
N THR D 379 -15.22 8.36 -11.56
CA THR D 379 -13.93 7.73 -11.27
C THR D 379 -13.61 7.91 -9.81
N ASN D 380 -12.69 7.09 -9.31
CA ASN D 380 -12.33 7.16 -7.94
C ASN D 380 -11.63 8.45 -7.57
N GLN D 381 -11.00 9.13 -8.55
CA GLN D 381 -10.42 10.47 -8.30
C GLN D 381 -11.56 11.45 -8.03
N ILE D 382 -12.62 11.37 -8.82
CA ILE D 382 -13.83 12.19 -8.59
C ILE D 382 -14.49 11.84 -7.23
N GLN D 383 -14.47 10.56 -6.87
CA GLN D 383 -15.06 10.17 -5.57
C GLN D 383 -14.30 10.88 -4.44
N ARG D 384 -12.97 10.95 -4.55
CA ARG D 384 -12.12 11.66 -3.55
C ARG D 384 -12.35 13.17 -3.56
N VAL D 385 -12.66 13.74 -4.72
CA VAL D 385 -13.08 15.15 -4.79
C VAL D 385 -14.33 15.36 -3.95
N VAL D 386 -15.31 14.49 -4.14
CA VAL D 386 -16.59 14.53 -3.45
C VAL D 386 -16.42 14.34 -1.94
N MET D 387 -15.70 13.28 -1.56
CA MET D 387 -15.37 13.05 -0.15
C MET D 387 -14.65 14.24 0.49
N SER D 388 -13.62 14.75 -0.17
CA SER D 388 -12.82 15.79 0.48
C SER D 388 -13.61 17.10 0.59
N ARG D 389 -14.43 17.41 -0.41
CA ARG D 389 -15.30 18.57 -0.32
C ARG D 389 -16.23 18.52 0.88
N ALA D 390 -16.81 17.34 1.14
CA ALA D 390 -17.65 17.16 2.32
C ALA D 390 -16.86 17.35 3.62
N LEU D 391 -15.62 16.88 3.65
CA LEU D 391 -14.80 16.96 4.86
C LEU D 391 -14.35 18.39 5.18
N LEU D 392 -14.12 19.17 4.13
CA LEU D 392 -13.56 20.49 4.28
C LEU D 392 -14.63 21.60 4.31
N ARG D 393 -15.90 21.19 4.33
CA ARG D 393 -17.04 22.09 4.15
C ARG D 393 -17.17 23.11 5.27
#